data_9H5B
#
_entry.id   9H5B
#
_cell.length_a   1.00
_cell.length_b   1.00
_cell.length_c   1.00
_cell.angle_alpha   90.00
_cell.angle_beta   90.00
_cell.angle_gamma   90.00
#
_symmetry.space_group_name_H-M   'P 1'
#
loop_
_entity.id
_entity.type
_entity.pdbx_description
1 polymer 'Tail fiber protein of Haloferax tailed virus 1 gp42'
2 polymer 'Baseplate hub'
3 non-polymer 'MAGNESIUM ION'
4 non-polymer 'ZINC ION'
#
loop_
_entity_poly.entity_id
_entity_poly.type
_entity_poly.pdbx_seq_one_letter_code
_entity_poly.pdbx_strand_id
1 'polypeptide(L)'
;MADTTIIDAVVFPQDDGTGVSNGDEDYDSAGYLASLARYAGDGSYVGGDSTGSPTLQFANIDTANEEVDIQPGHAFILES
GHIVQSGSQKTYDTNLPDSVPYVVILPSSVTNVPLDTDVDNDVWLAVDPTSNDSVYIRSGNGLSAPSDPSVKLGTVNSST
GSTTRPNDLADHSVDALNATTIDASDTVTGDTVDATTTLTDAAGVSHTGELEDINHGSKHEDGGSDEISVGGLSGDLADP
QDPKAHAASHSADSADEISVENLSTTGSADTVPISQGDGTLSMGSIVPTDLQWREDSNSPQTDTNVGTSTYTIADTFDEY
LIRVQVFEESSAPGTVELRAEGNSQSSYDYISEDGTTTSAATSIPCIELQADSSTISVFGASGRFSGQWEFRSQPNTSTN
LATAGFLAVISSPLGSLELFRAANNFSVTWEVFGRDIGPAGVP
;
BG,BH,BI
2 'polypeptide(L)'
;MPQLGDSKLGESQLGSPGTLKQGVEWTVVVDGEEQNNVWDVQVVDTANPFGDYAVFKMDDRGGQAFEAYPRGTRVEAYVS
EGTEPLDNRFTGYVVERRENEQQGADVLEVEAYSFDQFLRRNTVTNDQTGNTISQALADIIQTDTPVRFNAANITVGDDQ
ELTRSYQGDPVENALRDFAFKSTNEDFGVGDDLEFFFQPRETVHIDRGVDNTQWFRYDIPELGKEAINEVEVWFDDGEES
VIVDDGTDKLDLQDSLGLPSPGTQRKELQRPLVTDISDAEDIGRKYLAFRNSTLSGTVTTYGLYDAEPGDTIDITIDPRG
IDEEFVIAAIEYRWGVDETILTVVEKRGDVDDILSELSESVQRIEMQGANRDAPKNRITTTNAAAIVSVDVDAGGTSADA
DRFVNDGRNAVRDAWTGAGNPDIANIVVGDDNSGLSRTNTTLGNQTDSVSVTESLPSAKVVEYSATLTQSGVEEIGLETS
TGTLLTRATFETPVDLSSDTVTVTLTVSNDDSVSRGVMTNDGQTAVRDVLADNSPTLPTDYGYGDDSTAVAETDTTLGNE
LANTSLEEILIQSASSVSAWNTILGTLASTYPLVVSSSGIRPAQTAWTTESDNLAQSGTALVTVGDYSNGEAEGLDSPGD
TLELSFTPEHDIPGEEFALWCRIETDLGGTDPGPEITVTLDIDGDTYSWVPIGTNTALGLNWYDLANNTFGGSSTYPDTD
IPEGSTVTLSIEATSSSVSGQGHAVDVMAPLDALTRVTGGSDATSAYTFDNNNGGSGGYLDGPELYPDQLILSLETATTR
RNVSEARFTLTANDTSGNFYVELANDGSTFNRVNNATSGSVTFASPDTNVDTNISLNRYGSRSTATPQTGFNAQEIDNWE
LYADIDAVLPDDIGVTLSRAIIPPNTSGIVGQTVREAGLKSGSTLLTRHILAEFLLDTDQRLASSESTRFTSDN
;
BE
#
loop_
_chem_comp.id
_chem_comp.type
_chem_comp.name
_chem_comp.formula
MG non-polymer 'MAGNESIUM ION' 'Mg 2'
ZN non-polymer 'ZINC ION' 'Zn 2'
#
# COMPACT_ATOMS: atom_id res chain seq x y z
N ALA A 2 70.77 -22.38 -25.57
CA ALA A 2 69.37 -22.37 -26.08
C ALA A 2 69.38 -22.03 -27.58
N ASP A 3 69.38 -23.09 -28.39
CA ASP A 3 69.61 -23.02 -29.83
C ASP A 3 68.92 -24.19 -30.53
N THR A 4 68.31 -23.89 -31.68
CA THR A 4 67.90 -24.84 -32.68
C THR A 4 67.96 -24.13 -34.03
N THR A 5 69.15 -24.15 -34.65
CA THR A 5 69.39 -23.46 -35.90
C THR A 5 68.50 -24.08 -36.98
N ILE A 6 67.43 -23.35 -37.35
CA ILE A 6 66.42 -23.84 -38.27
C ILE A 6 67.00 -23.87 -39.68
N ILE A 7 66.85 -25.02 -40.34
CA ILE A 7 67.53 -25.34 -41.59
C ILE A 7 66.85 -24.66 -42.78
N ASP A 8 65.60 -24.19 -42.60
CA ASP A 8 64.79 -23.84 -43.76
C ASP A 8 63.91 -22.61 -43.56
N ALA A 9 64.02 -21.94 -42.39
CA ALA A 9 63.33 -20.68 -42.14
C ALA A 9 63.92 -19.58 -43.02
N VAL A 10 63.08 -18.61 -43.41
CA VAL A 10 63.53 -17.46 -44.18
C VAL A 10 63.03 -16.16 -43.54
N VAL A 11 63.87 -15.13 -43.60
CA VAL A 11 63.61 -13.81 -43.02
C VAL A 11 63.81 -12.75 -44.10
N PHE A 12 62.98 -11.70 -44.05
CA PHE A 12 62.98 -10.64 -45.06
C PHE A 12 62.44 -9.36 -44.41
N PRO A 13 62.87 -8.14 -44.83
CA PRO A 13 63.98 -7.91 -45.75
C PRO A 13 65.31 -7.59 -45.06
N GLN A 14 66.42 -7.70 -45.81
CA GLN A 14 67.76 -7.53 -45.27
C GLN A 14 68.69 -6.85 -46.29
N ASP A 15 69.52 -5.92 -45.79
CA ASP A 15 70.44 -5.11 -46.56
C ASP A 15 71.77 -4.96 -45.83
N ASP A 16 72.74 -4.31 -46.51
CA ASP A 16 73.95 -3.78 -45.89
C ASP A 16 73.58 -2.89 -44.70
N GLY A 17 72.41 -2.25 -44.79
CA GLY A 17 71.91 -1.33 -43.78
C GLY A 17 71.28 -2.05 -42.59
N THR A 18 71.04 -3.36 -42.75
CA THR A 18 70.74 -4.25 -41.66
C THR A 18 72.02 -5.03 -41.34
N GLY A 19 71.90 -6.04 -40.46
CA GLY A 19 73.03 -6.91 -40.15
C GLY A 19 73.18 -8.03 -41.17
N VAL A 20 73.77 -7.72 -42.33
CA VAL A 20 74.34 -8.70 -43.24
C VAL A 20 75.58 -8.10 -43.90
N SER A 21 76.53 -8.96 -44.27
CA SER A 21 77.69 -8.55 -45.04
C SER A 21 77.24 -8.20 -46.48
N ASN A 22 78.09 -7.44 -47.18
CA ASN A 22 77.69 -6.74 -48.40
C ASN A 22 77.14 -7.69 -49.46
N GLY A 23 77.74 -8.88 -49.57
CA GLY A 23 77.35 -9.87 -50.58
C GLY A 23 76.05 -10.60 -50.24
N ASP A 24 75.53 -10.39 -49.02
CA ASP A 24 74.51 -11.25 -48.45
C ASP A 24 73.17 -10.52 -48.31
N GLU A 25 72.87 -9.61 -49.22
CA GLU A 25 71.56 -8.97 -49.26
C GLU A 25 70.56 -9.95 -49.88
N ASP A 26 69.32 -9.96 -49.36
CA ASP A 26 68.27 -10.83 -49.85
C ASP A 26 67.97 -10.49 -51.32
N TYR A 27 67.64 -11.52 -52.10
CA TYR A 27 67.09 -11.32 -53.44
C TYR A 27 65.57 -11.12 -53.32
N ASP A 28 65.05 -10.25 -54.17
CA ASP A 28 63.65 -9.83 -54.15
C ASP A 28 62.77 -10.96 -54.69
N SER A 29 61.58 -11.11 -54.08
CA SER A 29 60.58 -12.07 -54.51
C SER A 29 59.19 -11.48 -54.35
N ALA A 30 58.25 -11.92 -55.19
CA ALA A 30 56.87 -11.48 -55.12
C ALA A 30 56.23 -11.94 -53.81
N GLY A 31 56.62 -13.14 -53.35
CA GLY A 31 56.11 -13.73 -52.14
C GLY A 31 56.54 -12.95 -50.89
N TYR A 32 57.76 -12.43 -50.90
CA TYR A 32 58.31 -11.67 -49.78
C TYR A 32 57.55 -10.36 -49.62
N LEU A 33 57.38 -9.63 -50.73
CA LEU A 33 56.70 -8.34 -50.73
C LEU A 33 55.25 -8.52 -50.27
N ALA A 34 54.60 -9.59 -50.76
CA ALA A 34 53.21 -9.90 -50.45
C ALA A 34 53.05 -10.23 -48.96
N SER A 35 53.99 -11.02 -48.41
CA SER A 35 53.91 -11.44 -47.02
C SER A 35 54.31 -10.31 -46.07
N LEU A 36 55.15 -9.38 -46.55
CA LEU A 36 55.54 -8.23 -45.76
C LEU A 36 54.41 -7.22 -45.70
N ALA A 37 53.71 -7.03 -46.82
CA ALA A 37 52.61 -6.10 -46.96
C ALA A 37 51.48 -6.45 -45.99
N ARG A 38 51.47 -7.71 -45.55
CA ARG A 38 50.41 -8.29 -44.73
C ARG A 38 50.41 -7.68 -43.33
N TYR A 39 51.52 -7.08 -42.92
CA TYR A 39 51.71 -6.51 -41.59
C TYR A 39 50.64 -5.45 -41.30
N ALA A 40 50.17 -5.41 -40.05
CA ALA A 40 48.99 -4.64 -39.68
C ALA A 40 49.07 -4.05 -38.28
N GLY A 41 49.72 -4.76 -37.34
CA GLY A 41 49.73 -4.41 -35.93
C GLY A 41 50.58 -3.17 -35.63
N ASP A 42 50.89 -2.96 -34.34
CA ASP A 42 51.84 -1.93 -33.95
C ASP A 42 53.10 -2.57 -33.37
N GLY A 43 52.96 -3.80 -32.85
CA GLY A 43 54.06 -4.50 -32.19
C GLY A 43 54.56 -5.69 -32.98
N SER A 44 55.14 -6.66 -32.26
CA SER A 44 55.57 -7.94 -32.80
C SER A 44 54.58 -9.02 -32.40
N TYR A 45 54.12 -9.80 -33.39
CA TYR A 45 53.02 -10.73 -33.18
C TYR A 45 53.07 -11.89 -34.17
N VAL A 46 52.44 -13.01 -33.79
CA VAL A 46 52.31 -14.17 -34.64
C VAL A 46 51.15 -13.92 -35.60
N GLY A 47 51.40 -14.15 -36.89
CA GLY A 47 50.48 -13.80 -37.95
C GLY A 47 49.31 -14.77 -38.08
N GLY A 48 48.16 -14.24 -38.51
CA GLY A 48 46.97 -15.02 -38.78
C GLY A 48 46.89 -15.47 -40.24
N ASP A 49 46.22 -16.59 -40.46
CA ASP A 49 46.00 -17.13 -41.80
C ASP A 49 44.83 -16.38 -42.46
N SER A 50 44.44 -16.86 -43.64
CA SER A 50 43.39 -16.26 -44.46
C SER A 50 42.02 -16.39 -43.80
N THR A 51 41.91 -17.25 -42.79
CA THR A 51 40.66 -17.48 -42.06
C THR A 51 40.58 -16.54 -40.87
N GLY A 52 41.74 -16.07 -40.40
CA GLY A 52 41.84 -15.27 -39.19
C GLY A 52 42.18 -16.13 -37.98
N SER A 53 42.82 -17.27 -38.24
CA SER A 53 43.32 -18.16 -37.20
C SER A 53 44.83 -17.96 -37.05
N PRO A 54 45.36 -17.80 -35.81
CA PRO A 54 46.81 -17.66 -35.60
C PRO A 54 47.59 -18.85 -36.14
N THR A 55 48.81 -18.58 -36.62
CA THR A 55 49.68 -19.61 -37.16
C THR A 55 50.79 -19.93 -36.16
N LEU A 56 51.82 -20.66 -36.61
CA LEU A 56 52.94 -21.16 -35.81
C LEU A 56 52.44 -21.80 -34.52
N GLN A 57 51.41 -22.64 -34.64
CA GLN A 57 50.71 -23.22 -33.51
C GLN A 57 51.47 -24.42 -32.96
N PHE A 58 51.26 -24.67 -31.66
CA PHE A 58 51.79 -25.84 -30.98
C PHE A 58 50.96 -27.07 -31.32
N ALA A 59 51.64 -28.21 -31.43
CA ALA A 59 51.01 -29.52 -31.60
C ALA A 59 51.92 -30.60 -31.01
N ASN A 60 51.33 -31.75 -30.68
CA ASN A 60 52.03 -32.96 -30.27
C ASN A 60 52.96 -32.67 -29.09
N ILE A 61 52.39 -32.07 -28.04
CA ILE A 61 53.08 -31.82 -26.78
C ILE A 61 53.24 -33.15 -26.06
N ASP A 62 54.49 -33.61 -25.92
CA ASP A 62 54.79 -34.95 -25.41
C ASP A 62 54.96 -34.94 -23.89
N THR A 63 54.68 -33.79 -23.26
CA THR A 63 54.76 -33.58 -21.82
C THR A 63 56.19 -33.82 -21.32
N ALA A 64 56.34 -34.66 -20.29
CA ALA A 64 57.56 -34.77 -19.48
C ALA A 64 58.72 -35.36 -20.27
N ASN A 65 58.44 -35.93 -21.44
CA ASN A 65 59.44 -36.40 -22.38
C ASN A 65 59.82 -35.29 -23.35
N GLU A 66 59.53 -34.04 -22.94
CA GLU A 66 60.09 -32.79 -23.46
C GLU A 66 59.36 -32.30 -24.71
N GLU A 67 59.36 -33.11 -25.77
CA GLU A 67 59.35 -32.65 -27.15
C GLU A 67 57.98 -32.12 -27.59
N VAL A 68 58.00 -31.19 -28.55
CA VAL A 68 56.82 -30.47 -29.04
C VAL A 68 56.98 -30.12 -30.53
N ASP A 69 55.85 -30.08 -31.26
CA ASP A 69 55.82 -29.74 -32.68
C ASP A 69 55.27 -28.33 -32.88
N ILE A 70 55.96 -27.57 -33.75
CA ILE A 70 55.55 -26.23 -34.16
C ILE A 70 55.13 -26.31 -35.62
N GLN A 71 53.89 -25.89 -35.89
CA GLN A 71 53.33 -25.93 -37.24
C GLN A 71 53.85 -24.74 -38.04
N PRO A 72 53.93 -24.82 -39.39
CA PRO A 72 54.42 -23.71 -40.20
C PRO A 72 53.42 -22.54 -40.22
N GLY A 73 53.90 -21.38 -40.68
CA GLY A 73 53.15 -20.14 -40.66
C GLY A 73 54.10 -18.95 -40.76
N HIS A 74 53.69 -17.81 -40.20
CA HIS A 74 54.51 -16.60 -40.25
C HIS A 74 54.25 -15.71 -39.04
N ALA A 75 55.28 -14.93 -38.69
CA ALA A 75 55.22 -13.98 -37.59
C ALA A 75 56.00 -12.73 -37.96
N PHE A 76 55.67 -11.61 -37.30
CA PHE A 76 56.30 -10.33 -37.56
C PHE A 76 57.15 -9.94 -36.34
N ILE A 77 58.40 -9.53 -36.63
CA ILE A 77 59.36 -9.18 -35.59
C ILE A 77 59.92 -7.81 -35.90
N LEU A 78 59.71 -6.86 -34.97
CA LEU A 78 60.19 -5.50 -35.11
C LEU A 78 61.66 -5.43 -34.69
N GLU A 79 62.46 -4.69 -35.47
CA GLU A 79 63.84 -4.38 -35.10
C GLU A 79 64.14 -2.91 -35.39
N SER A 80 64.88 -2.28 -34.47
CA SER A 80 65.35 -0.92 -34.60
C SER A 80 66.81 -0.90 -35.06
N GLY A 81 67.28 0.30 -35.45
CA GLY A 81 68.67 0.54 -35.76
C GLY A 81 69.04 0.13 -37.19
N HIS A 82 68.04 0.06 -38.08
CA HIS A 82 68.28 -0.12 -39.50
C HIS A 82 68.82 1.17 -40.09
N ILE A 83 69.75 1.02 -41.04
CA ILE A 83 70.28 2.12 -41.82
C ILE A 83 69.69 2.03 -43.23
N VAL A 84 69.41 3.18 -43.85
CA VAL A 84 68.87 3.24 -45.19
C VAL A 84 69.72 4.19 -46.05
N GLN A 85 69.52 4.11 -47.37
CA GLN A 85 70.12 5.04 -48.31
C GLN A 85 69.19 6.24 -48.51
N SER A 86 69.72 7.44 -48.25
CA SER A 86 69.00 8.68 -48.50
C SER A 86 68.99 8.98 -50.00
N GLY A 87 67.82 8.81 -50.62
CA GLY A 87 67.58 9.21 -51.99
C GLY A 87 68.42 8.44 -53.00
N SER A 88 69.13 9.19 -53.85
CA SER A 88 69.89 8.65 -54.96
C SER A 88 71.25 8.11 -54.49
N GLN A 89 71.65 8.46 -53.26
CA GLN A 89 72.96 8.11 -52.73
C GLN A 89 72.95 6.67 -52.25
N LYS A 90 73.82 5.84 -52.86
CA LYS A 90 73.92 4.42 -52.60
C LYS A 90 74.53 4.16 -51.22
N THR A 91 75.15 5.19 -50.64
CA THR A 91 75.74 5.13 -49.32
C THR A 91 74.64 4.95 -48.28
N TYR A 92 74.73 3.85 -47.52
CA TYR A 92 73.87 3.61 -46.37
C TYR A 92 74.26 4.62 -45.30
N ASP A 93 73.35 5.57 -45.02
CA ASP A 93 73.73 6.80 -44.34
C ASP A 93 72.74 7.21 -43.25
N THR A 94 71.47 6.81 -43.38
CA THR A 94 70.40 7.36 -42.57
C THR A 94 69.85 6.31 -41.61
N ASN A 95 69.82 6.65 -40.31
CA ASN A 95 69.24 5.82 -39.27
C ASN A 95 67.73 6.01 -39.25
N LEU A 96 66.99 4.90 -39.11
CA LEU A 96 65.55 4.96 -38.91
C LEU A 96 65.25 5.29 -37.44
N PRO A 97 64.23 6.13 -37.16
CA PRO A 97 63.93 6.56 -35.80
C PRO A 97 63.10 5.57 -34.98
N ASP A 98 62.30 4.76 -35.67
CA ASP A 98 61.37 3.82 -35.03
C ASP A 98 61.63 2.41 -35.57
N SER A 99 61.24 1.42 -34.75
CA SER A 99 61.40 0.00 -35.05
C SER A 99 60.50 -0.42 -36.21
N VAL A 100 60.97 -1.39 -37.00
CA VAL A 100 60.33 -1.77 -38.26
C VAL A 100 60.32 -3.30 -38.42
N PRO A 101 59.27 -3.89 -39.04
CA PRO A 101 59.11 -5.35 -39.06
C PRO A 101 59.91 -6.14 -40.09
N TYR A 102 60.43 -7.29 -39.64
CA TYR A 102 60.77 -8.41 -40.49
C TYR A 102 59.54 -9.33 -40.57
N VAL A 103 59.44 -10.09 -41.67
CA VAL A 103 58.58 -11.27 -41.69
C VAL A 103 59.47 -12.49 -41.43
N VAL A 104 58.98 -13.40 -40.58
CA VAL A 104 59.61 -14.69 -40.42
C VAL A 104 58.65 -15.76 -40.96
N ILE A 105 59.10 -16.43 -42.03
CA ILE A 105 58.32 -17.44 -42.72
C ILE A 105 58.91 -18.80 -42.36
N LEU A 106 58.08 -19.68 -41.80
CA LEU A 106 58.44 -21.07 -41.58
C LEU A 106 57.71 -21.95 -42.58
N PRO A 107 58.41 -22.58 -43.55
CA PRO A 107 57.75 -23.46 -44.53
C PRO A 107 57.49 -24.88 -44.04
N SER A 108 58.18 -25.29 -42.96
CA SER A 108 58.07 -26.64 -42.44
C SER A 108 57.57 -26.62 -41.00
N SER A 109 56.90 -27.72 -40.60
CA SER A 109 56.68 -28.02 -39.21
C SER A 109 58.02 -28.36 -38.55
N VAL A 110 58.33 -27.67 -37.46
CA VAL A 110 59.49 -28.02 -36.66
C VAL A 110 59.08 -29.18 -35.76
N THR A 111 59.92 -30.23 -35.73
CA THR A 111 59.55 -31.51 -35.15
C THR A 111 60.27 -31.72 -33.82
N ASN A 112 59.48 -31.99 -32.77
CA ASN A 112 59.92 -32.52 -31.49
C ASN A 112 60.99 -31.63 -30.87
N VAL A 113 60.69 -30.33 -30.79
CA VAL A 113 61.55 -29.28 -30.26
C VAL A 113 61.76 -29.55 -28.76
N PRO A 114 63.00 -29.44 -28.22
CA PRO A 114 63.25 -29.74 -26.80
C PRO A 114 62.76 -28.70 -25.80
N LEU A 115 62.30 -29.21 -24.65
CA LEU A 115 61.96 -28.43 -23.46
C LEU A 115 62.70 -29.05 -22.27
N ASP A 116 62.65 -28.38 -21.12
CA ASP A 116 63.14 -28.96 -19.87
C ASP A 116 62.08 -29.93 -19.35
N THR A 117 62.51 -30.94 -18.57
CA THR A 117 61.65 -32.02 -18.10
C THR A 117 60.72 -31.53 -16.99
N ASP A 118 59.41 -31.73 -17.20
CA ASP A 118 58.41 -31.82 -16.15
C ASP A 118 58.23 -30.48 -15.41
N VAL A 119 58.35 -29.35 -16.14
CA VAL A 119 58.23 -28.00 -15.59
C VAL A 119 57.73 -27.02 -16.66
N ASP A 120 57.49 -25.76 -16.24
CA ASP A 120 57.11 -24.65 -17.10
C ASP A 120 58.29 -24.23 -17.97
N ASN A 121 58.01 -23.83 -19.22
CA ASN A 121 59.04 -23.42 -20.18
C ASN A 121 58.53 -22.25 -21.03
N ASP A 122 59.42 -21.30 -21.33
CA ASP A 122 59.16 -20.15 -22.19
C ASP A 122 59.83 -20.36 -23.55
N VAL A 123 59.05 -20.17 -24.62
CA VAL A 123 59.49 -20.41 -25.99
C VAL A 123 59.58 -19.07 -26.73
N TRP A 124 60.74 -18.85 -27.38
CA TRP A 124 61.04 -17.64 -28.11
C TRP A 124 61.55 -17.99 -29.50
N LEU A 125 61.12 -17.23 -30.50
CA LEU A 125 61.63 -17.34 -31.87
C LEU A 125 62.59 -16.18 -32.11
N ALA A 126 63.83 -16.52 -32.50
CA ALA A 126 64.92 -15.55 -32.58
C ALA A 126 65.45 -15.45 -34.00
N VAL A 127 65.57 -14.20 -34.47
CA VAL A 127 66.25 -13.89 -35.72
C VAL A 127 67.66 -13.41 -35.37
N ASP A 128 68.65 -13.98 -36.07
CA ASP A 128 70.03 -13.54 -35.99
C ASP A 128 70.31 -12.65 -37.20
N PRO A 129 70.41 -11.31 -37.04
CA PRO A 129 70.78 -10.44 -38.16
C PRO A 129 72.28 -10.51 -38.44
N THR A 130 72.70 -11.63 -39.06
CA THR A 130 74.05 -11.80 -39.58
C THR A 130 74.01 -12.51 -40.93
N SER A 131 72.90 -13.20 -41.23
CA SER A 131 72.71 -13.93 -42.48
C SER A 131 71.30 -13.76 -43.02
N ASN A 132 71.10 -14.18 -44.28
CA ASN A 132 69.88 -14.02 -45.06
C ASN A 132 68.71 -14.74 -44.40
N ASP A 133 68.99 -15.60 -43.42
CA ASP A 133 68.16 -16.76 -43.15
C ASP A 133 68.34 -17.28 -41.73
N SER A 134 69.32 -16.72 -41.00
CA SER A 134 69.74 -17.27 -39.73
C SER A 134 68.66 -17.08 -38.66
N VAL A 135 68.10 -18.21 -38.20
CA VAL A 135 66.99 -18.26 -37.26
C VAL A 135 67.25 -19.40 -36.26
N TYR A 136 66.88 -19.15 -34.99
CA TYR A 136 66.97 -20.15 -33.94
C TYR A 136 65.84 -19.97 -32.91
N ILE A 137 65.68 -20.98 -32.05
CA ILE A 137 64.65 -20.99 -31.02
C ILE A 137 65.31 -21.17 -29.65
N ARG A 138 64.80 -20.44 -28.65
CA ARG A 138 65.16 -20.62 -27.25
C ARG A 138 64.00 -21.27 -26.50
N SER A 139 64.34 -22.19 -25.59
CA SER A 139 63.42 -22.82 -24.67
C SER A 139 64.16 -23.18 -23.38
N GLY A 140 63.41 -23.38 -22.29
CA GLY A 140 63.99 -23.73 -21.01
C GLY A 140 63.13 -23.28 -19.83
N ASN A 141 63.39 -23.86 -18.65
CA ASN A 141 62.69 -23.54 -17.43
C ASN A 141 63.05 -22.12 -17.00
N GLY A 142 62.23 -21.17 -17.46
CA GLY A 142 62.38 -19.75 -17.17
C GLY A 142 63.64 -19.15 -17.78
N LEU A 143 64.28 -19.90 -18.70
CA LEU A 143 65.54 -19.50 -19.30
C LEU A 143 65.33 -18.26 -20.16
N SER A 144 66.37 -17.42 -20.21
CA SER A 144 66.32 -16.06 -20.73
C SER A 144 65.95 -16.04 -22.20
N ALA A 145 65.10 -15.08 -22.55
CA ALA A 145 64.75 -14.69 -23.91
C ALA A 145 66.02 -14.37 -24.70
N PRO A 146 65.99 -14.47 -26.06
CA PRO A 146 67.09 -13.97 -26.89
C PRO A 146 67.34 -12.48 -26.70
N SER A 147 68.61 -12.10 -26.80
CA SER A 147 69.04 -10.71 -26.91
C SER A 147 68.60 -10.15 -28.26
N ASP A 148 68.53 -11.05 -29.26
CA ASP A 148 68.32 -10.73 -30.66
C ASP A 148 66.83 -10.52 -30.92
N PRO A 149 66.43 -9.87 -32.05
CA PRO A 149 65.01 -9.65 -32.37
C PRO A 149 64.19 -10.94 -32.29
N SER A 150 63.12 -10.90 -31.49
CA SER A 150 62.44 -12.10 -31.06
C SER A 150 60.97 -11.84 -30.70
N VAL A 151 60.19 -12.92 -30.69
CA VAL A 151 58.80 -12.92 -30.27
C VAL A 151 58.54 -14.12 -29.35
N LYS A 152 57.75 -13.89 -28.30
CA LYS A 152 57.43 -14.91 -27.31
C LYS A 152 56.34 -15.81 -27.86
N LEU A 153 56.77 -16.83 -28.62
CA LEU A 153 55.90 -17.73 -29.38
C LEU A 153 54.93 -18.45 -28.44
N GLY A 154 55.29 -18.55 -27.16
CA GLY A 154 54.36 -18.97 -26.13
C GLY A 154 55.05 -19.59 -24.91
N THR A 155 54.24 -20.24 -24.07
CA THR A 155 54.72 -21.02 -22.95
C THR A 155 54.05 -22.38 -22.94
N VAL A 156 54.87 -23.41 -22.69
CA VAL A 156 54.45 -24.79 -22.55
C VAL A 156 54.96 -25.30 -21.21
N ASN A 157 54.12 -26.06 -20.50
CA ASN A 157 54.52 -26.72 -19.26
C ASN A 157 54.66 -28.21 -19.52
N SER A 158 55.88 -28.73 -19.33
CA SER A 158 56.22 -30.10 -19.66
C SER A 158 55.72 -31.09 -18.60
N SER A 159 55.27 -30.58 -17.46
CA SER A 159 54.57 -31.41 -16.49
C SER A 159 53.10 -31.55 -16.89
N THR A 160 52.42 -30.41 -17.00
CA THR A 160 50.97 -30.35 -17.03
C THR A 160 50.44 -30.48 -18.45
N GLY A 161 51.25 -30.07 -19.43
CA GLY A 161 50.83 -30.00 -20.82
C GLY A 161 50.05 -28.72 -21.12
N SER A 162 49.97 -27.83 -20.12
CA SER A 162 49.29 -26.54 -20.25
C SER A 162 50.10 -25.63 -21.16
N THR A 163 49.37 -24.84 -21.97
CA THR A 163 49.96 -23.92 -22.93
C THR A 163 49.15 -22.62 -22.96
N THR A 164 49.87 -21.50 -23.06
CA THR A 164 49.32 -20.21 -23.44
C THR A 164 50.34 -19.49 -24.34
N ARG A 165 49.83 -18.55 -25.15
CA ARG A 165 50.66 -17.71 -26.00
C ARG A 165 50.02 -16.33 -26.14
N PRO A 166 50.59 -15.28 -25.52
CA PRO A 166 49.96 -13.95 -25.53
C PRO A 166 50.14 -13.17 -26.83
N ASN A 167 51.22 -13.46 -27.57
CA ASN A 167 51.63 -12.63 -28.69
C ASN A 167 51.10 -13.19 -30.02
N ASP A 168 49.89 -13.77 -30.02
CA ASP A 168 49.52 -14.63 -31.12
C ASP A 168 48.54 -14.00 -32.11
N LEU A 169 48.18 -12.72 -31.89
CA LEU A 169 47.58 -11.86 -32.91
C LEU A 169 47.87 -10.40 -32.60
N ALA A 170 47.61 -9.52 -33.58
CA ALA A 170 48.10 -8.15 -33.56
C ALA A 170 47.45 -7.33 -32.44
N ASP A 171 48.31 -6.69 -31.64
CA ASP A 171 47.91 -5.49 -30.91
C ASP A 171 47.81 -4.37 -31.93
N HIS A 172 46.68 -3.66 -31.93
CA HIS A 172 46.43 -2.61 -32.90
C HIS A 172 45.91 -1.37 -32.19
N SER A 173 46.60 -0.24 -32.39
CA SER A 173 46.16 1.03 -31.87
C SER A 173 45.76 1.95 -33.02
N VAL A 174 44.55 2.48 -32.93
CA VAL A 174 43.93 3.31 -33.95
C VAL A 174 43.30 4.53 -33.28
N ASP A 175 42.92 5.53 -34.09
CA ASP A 175 42.19 6.67 -33.59
C ASP A 175 40.68 6.37 -33.64
N ALA A 176 40.11 6.45 -34.84
CA ALA A 176 38.70 6.15 -35.04
C ALA A 176 38.56 4.85 -35.82
N LEU A 177 37.72 3.95 -35.31
CA LEU A 177 37.35 2.74 -36.02
C LEU A 177 35.89 2.86 -36.47
N ASN A 178 35.69 2.75 -37.79
CA ASN A 178 34.37 2.60 -38.36
C ASN A 178 34.24 1.17 -38.87
N ALA A 179 33.17 0.48 -38.42
CA ALA A 179 32.97 -0.91 -38.76
C ALA A 179 31.50 -1.18 -39.08
N THR A 180 31.23 -2.34 -39.68
CA THR A 180 29.87 -2.84 -39.77
C THR A 180 29.53 -3.55 -38.47
N THR A 181 30.31 -4.59 -38.14
CA THR A 181 30.09 -5.38 -36.94
C THR A 181 31.40 -5.53 -36.17
N ILE A 182 31.27 -5.61 -34.84
CA ILE A 182 32.38 -5.78 -33.92
C ILE A 182 32.02 -6.91 -32.95
N ASP A 183 32.96 -7.85 -32.77
CA ASP A 183 32.73 -9.03 -31.97
C ASP A 183 33.99 -9.33 -31.15
N ALA A 184 33.90 -9.05 -29.84
CA ALA A 184 35.00 -9.28 -28.91
C ALA A 184 34.77 -10.57 -28.13
N SER A 185 35.86 -11.32 -27.92
CA SER A 185 35.83 -12.58 -27.20
C SER A 185 35.66 -12.35 -25.71
N ASP A 186 36.36 -11.33 -25.18
CA ASP A 186 36.25 -10.93 -23.79
C ASP A 186 35.56 -9.57 -23.72
N THR A 187 36.26 -8.57 -23.17
CA THR A 187 35.67 -7.29 -22.83
C THR A 187 35.61 -6.36 -24.04
N VAL A 188 34.46 -5.67 -24.15
CA VAL A 188 34.37 -4.37 -24.81
C VAL A 188 34.33 -3.33 -23.70
N THR A 189 35.08 -2.24 -23.88
CA THR A 189 35.20 -1.21 -22.85
C THR A 189 35.21 0.17 -23.51
N GLY A 190 34.62 1.15 -22.81
CA GLY A 190 34.66 2.54 -23.22
C GLY A 190 34.09 3.46 -22.14
N ASP A 191 34.50 4.73 -22.17
CA ASP A 191 34.04 5.73 -21.22
C ASP A 191 32.62 6.19 -21.55
N THR A 192 32.07 5.73 -22.69
CA THR A 192 30.69 5.94 -23.07
C THR A 192 30.28 4.84 -24.05
N VAL A 193 29.50 3.87 -23.55
CA VAL A 193 28.85 2.92 -24.43
C VAL A 193 27.50 3.51 -24.82
N ASP A 194 27.29 3.66 -26.14
CA ASP A 194 26.15 4.38 -26.68
C ASP A 194 25.39 3.45 -27.62
N ALA A 195 24.37 2.79 -27.07
CA ALA A 195 23.57 1.82 -27.79
C ALA A 195 22.37 2.52 -28.44
N THR A 196 22.59 3.07 -29.64
CA THR A 196 21.47 3.52 -30.46
C THR A 196 20.68 2.30 -30.91
N THR A 197 19.34 2.43 -30.89
CA THR A 197 18.42 1.48 -31.50
C THR A 197 18.13 0.27 -30.60
N THR A 198 19.17 -0.35 -30.00
CA THR A 198 19.00 -1.55 -29.19
C THR A 198 20.17 -1.74 -28.22
N LEU A 199 19.83 -2.14 -26.98
CA LEU A 199 20.76 -2.78 -26.05
C LEU A 199 20.19 -4.15 -25.67
N THR A 200 21.03 -5.19 -25.80
CA THR A 200 20.68 -6.55 -25.43
C THR A 200 21.52 -6.97 -24.22
N ASP A 201 20.85 -7.39 -23.15
CA ASP A 201 21.52 -7.89 -21.95
C ASP A 201 21.82 -9.38 -22.11
N ALA A 202 22.41 -9.97 -21.07
CA ALA A 202 22.95 -11.33 -21.10
C ALA A 202 21.82 -12.37 -21.10
N ALA A 203 20.62 -11.95 -20.69
CA ALA A 203 19.43 -12.80 -20.70
C ALA A 203 18.83 -12.88 -22.10
N GLY A 204 19.28 -11.98 -22.98
CA GLY A 204 18.87 -11.96 -24.38
C GLY A 204 17.60 -11.12 -24.60
N VAL A 205 17.35 -10.18 -23.67
CA VAL A 205 16.23 -9.26 -23.77
C VAL A 205 16.73 -7.97 -24.44
N SER A 206 16.02 -7.53 -25.49
CA SER A 206 16.39 -6.36 -26.24
C SER A 206 15.56 -5.15 -25.80
N HIS A 207 16.26 -4.09 -25.39
CA HIS A 207 15.66 -2.89 -24.84
C HIS A 207 15.80 -1.73 -25.82
N THR A 208 14.77 -0.87 -25.86
CA THR A 208 14.82 0.38 -26.61
C THR A 208 14.52 1.56 -25.69
N GLY A 209 13.44 1.44 -24.91
CA GLY A 209 13.08 2.43 -23.90
C GLY A 209 14.19 2.57 -22.86
N GLU A 210 14.21 3.72 -22.17
CA GLU A 210 15.23 4.02 -21.18
C GLU A 210 15.17 3.03 -20.02
N LEU A 211 16.34 2.73 -19.45
CA LEU A 211 16.48 1.76 -18.37
C LEU A 211 16.23 2.44 -17.03
N GLU A 212 16.17 1.65 -15.95
CA GLU A 212 15.88 2.15 -14.62
C GLU A 212 17.14 2.20 -13.77
N ASP A 213 17.30 3.31 -13.04
CA ASP A 213 18.36 3.51 -12.08
C ASP A 213 17.90 3.04 -10.70
N ILE A 214 18.86 2.77 -9.82
CA ILE A 214 18.60 2.54 -8.41
C ILE A 214 18.02 3.82 -7.80
N ASN A 215 17.19 3.64 -6.76
CA ASN A 215 16.47 4.72 -6.09
C ASN A 215 15.47 5.35 -7.04
N HIS A 216 14.62 4.49 -7.64
CA HIS A 216 13.57 4.92 -8.54
C HIS A 216 12.23 4.97 -7.81
N GLY A 217 12.25 4.72 -6.49
CA GLY A 217 11.07 4.67 -5.65
C GLY A 217 10.31 5.99 -5.61
N SER A 218 10.95 7.07 -6.09
CA SER A 218 10.37 8.39 -6.20
C SER A 218 9.15 8.39 -7.12
N LYS A 219 9.11 7.43 -8.05
CA LYS A 219 8.16 7.46 -9.16
C LYS A 219 6.87 6.72 -8.82
N HIS A 220 6.97 5.61 -8.07
CA HIS A 220 5.87 4.66 -7.87
C HIS A 220 4.75 5.24 -7.01
N GLU A 221 5.00 6.36 -6.33
CA GLU A 221 4.05 6.98 -5.41
C GLU A 221 2.95 7.70 -6.19
N ASP A 222 1.91 8.17 -5.47
CA ASP A 222 0.79 8.90 -6.05
C ASP A 222 1.30 10.16 -6.75
N GLY A 223 0.87 10.35 -8.01
CA GLY A 223 1.09 11.59 -8.72
C GLY A 223 2.48 11.68 -9.34
N GLY A 224 3.36 10.73 -9.01
CA GLY A 224 4.56 10.49 -9.77
C GLY A 224 4.23 9.68 -11.03
N SER A 225 5.13 9.71 -12.01
CA SER A 225 5.02 8.87 -13.19
C SER A 225 5.26 7.42 -12.80
N ASP A 226 4.41 6.51 -13.28
CA ASP A 226 4.48 5.07 -13.04
C ASP A 226 4.04 4.74 -11.61
N GLU A 227 2.83 5.21 -11.27
CA GLU A 227 2.11 4.92 -10.05
C GLU A 227 1.66 3.46 -10.06
N ILE A 228 1.49 2.87 -8.87
CA ILE A 228 1.04 1.49 -8.74
C ILE A 228 -0.28 1.43 -7.99
N SER A 229 -1.15 0.48 -8.40
CA SER A 229 -2.43 0.23 -7.76
C SER A 229 -2.26 -0.83 -6.68
N VAL A 230 -2.79 -0.54 -5.48
CA VAL A 230 -2.49 -1.31 -4.28
C VAL A 230 -3.49 -2.47 -4.13
N GLY A 231 -4.55 -2.46 -4.95
CA GLY A 231 -5.58 -3.48 -4.91
C GLY A 231 -5.02 -4.91 -4.98
N GLY A 232 -5.14 -5.62 -3.85
CA GLY A 232 -4.83 -7.04 -3.78
C GLY A 232 -3.59 -7.38 -2.98
N LEU A 233 -2.83 -6.35 -2.57
CA LEU A 233 -1.56 -6.55 -1.89
C LEU A 233 -1.79 -6.93 -0.43
N SER A 234 -0.81 -7.62 0.17
CA SER A 234 -0.87 -8.08 1.55
C SER A 234 -0.15 -7.10 2.47
N GLY A 235 -0.45 -7.19 3.77
CA GLY A 235 0.28 -6.49 4.81
C GLY A 235 -0.61 -5.60 5.68
N ASP A 236 0.03 -4.93 6.65
CA ASP A 236 -0.60 -3.89 7.45
C ASP A 236 0.27 -2.64 7.42
N LEU A 237 -0.37 -1.49 7.17
CA LEU A 237 0.32 -0.21 7.10
C LEU A 237 0.62 0.28 8.52
N ALA A 238 1.83 0.84 8.69
CA ALA A 238 2.36 1.26 9.98
C ALA A 238 1.58 2.46 10.53
N ASP A 239 0.85 3.14 9.63
CA ASP A 239 -0.16 4.11 10.01
C ASP A 239 -1.53 3.43 9.91
N PRO A 240 -2.46 3.66 10.87
CA PRO A 240 -3.84 3.17 10.73
C PRO A 240 -4.59 3.93 9.62
N GLN A 241 -5.56 3.25 9.01
CA GLN A 241 -6.16 3.68 7.76
C GLN A 241 -7.60 4.13 7.98
N ASP A 242 -8.08 5.00 7.08
CA ASP A 242 -9.47 5.45 7.05
C ASP A 242 -10.40 4.24 6.96
N PRO A 243 -11.27 4.01 7.97
CA PRO A 243 -12.14 2.83 7.98
C PRO A 243 -13.38 2.98 7.11
N LYS A 244 -13.54 2.01 6.20
CA LYS A 244 -14.67 1.84 5.30
C LYS A 244 -15.94 1.56 6.10
N ALA A 245 -17.11 1.79 5.49
CA ALA A 245 -18.40 1.64 6.15
C ALA A 245 -18.54 0.23 6.72
N HIS A 246 -18.87 0.15 8.02
CA HIS A 246 -18.79 -1.11 8.75
C HIS A 246 -19.69 -1.17 9.98
N ALA A 247 -20.67 -0.26 10.08
CA ALA A 247 -21.53 -0.18 11.25
C ALA A 247 -22.15 -1.54 11.57
N ALA A 248 -22.63 -2.23 10.54
CA ALA A 248 -23.41 -3.47 10.65
C ALA A 248 -22.59 -4.61 11.25
N SER A 249 -21.26 -4.48 11.22
CA SER A 249 -20.36 -5.53 11.69
C SER A 249 -20.32 -5.60 13.22
N HIS A 250 -20.78 -4.53 13.89
CA HIS A 250 -20.69 -4.37 15.33
C HIS A 250 -21.86 -5.04 16.06
N SER A 251 -22.77 -5.70 15.31
CA SER A 251 -24.06 -6.15 15.80
C SER A 251 -23.94 -7.29 16.83
N ALA A 252 -25.10 -7.75 17.33
CA ALA A 252 -25.26 -8.51 18.55
C ALA A 252 -24.38 -9.77 18.61
N ASP A 253 -24.21 -10.46 17.48
CA ASP A 253 -23.53 -11.75 17.47
C ASP A 253 -22.57 -11.90 16.28
N SER A 254 -22.28 -10.78 15.60
CA SER A 254 -21.33 -10.78 14.49
C SER A 254 -19.90 -10.68 15.01
N ALA A 255 -18.94 -10.57 14.08
CA ALA A 255 -17.50 -10.66 14.34
C ALA A 255 -17.05 -9.56 15.30
N ASP A 256 -17.61 -8.35 15.13
CA ASP A 256 -17.45 -7.27 16.08
C ASP A 256 -18.71 -7.21 16.96
N GLU A 257 -18.50 -7.01 18.26
CA GLU A 257 -19.60 -7.05 19.22
C GLU A 257 -19.33 -6.00 20.29
N ILE A 258 -19.87 -4.80 20.08
CA ILE A 258 -19.77 -3.75 21.08
C ILE A 258 -21.02 -3.79 21.98
N SER A 259 -20.85 -4.40 23.16
CA SER A 259 -21.94 -4.55 24.12
C SER A 259 -22.18 -3.22 24.83
N VAL A 260 -23.46 -2.94 25.14
CA VAL A 260 -23.90 -1.62 25.56
C VAL A 260 -23.32 -1.25 26.92
N GLU A 261 -23.10 -2.25 27.78
CA GLU A 261 -22.55 -2.02 29.12
C GLU A 261 -21.09 -1.56 29.05
N ASN A 262 -20.52 -1.52 27.84
CA ASN A 262 -19.16 -1.06 27.62
C ASN A 262 -19.13 0.41 27.20
N LEU A 263 -20.28 0.92 26.73
CA LEU A 263 -20.31 2.20 26.04
C LEU A 263 -20.32 3.36 27.04
N SER A 264 -19.92 4.53 26.53
CA SER A 264 -19.96 5.78 27.27
C SER A 264 -21.39 6.31 27.33
N THR A 265 -21.67 7.06 28.39
CA THR A 265 -22.75 8.03 28.42
C THR A 265 -22.32 9.23 29.26
N THR A 266 -22.82 10.41 28.89
CA THR A 266 -22.55 11.63 29.63
C THR A 266 -23.55 11.79 30.77
N GLY A 267 -24.72 11.15 30.61
CA GLY A 267 -25.89 11.34 31.45
C GLY A 267 -25.60 11.15 32.94
N SER A 268 -26.34 11.91 33.76
CA SER A 268 -26.28 11.85 35.22
C SER A 268 -26.69 10.46 35.70
N ALA A 269 -26.41 10.17 36.97
CA ALA A 269 -26.72 8.86 37.56
C ALA A 269 -28.21 8.57 37.45
N ASP A 270 -28.52 7.30 37.16
CA ASP A 270 -29.87 6.74 37.08
C ASP A 270 -30.60 7.17 35.81
N THR A 271 -29.90 7.85 34.89
CA THR A 271 -30.49 8.18 33.59
C THR A 271 -30.49 6.94 32.70
N VAL A 272 -31.43 6.95 31.74
CA VAL A 272 -31.67 5.85 30.82
C VAL A 272 -31.77 6.43 29.41
N PRO A 273 -31.20 5.77 28.36
CA PRO A 273 -31.47 6.17 26.98
C PRO A 273 -32.94 5.91 26.62
N ILE A 274 -33.69 7.00 26.44
CA ILE A 274 -35.05 6.95 25.93
C ILE A 274 -35.03 7.44 24.48
N SER A 275 -35.78 6.74 23.62
CA SER A 275 -36.03 7.20 22.26
C SER A 275 -36.95 8.41 22.31
N GLN A 276 -36.64 9.42 21.48
CA GLN A 276 -37.44 10.63 21.42
C GLN A 276 -38.46 10.52 20.30
N GLY A 277 -38.58 9.32 19.72
CA GLY A 277 -38.90 9.19 18.31
C GLY A 277 -37.74 9.76 17.52
N ASP A 278 -38.02 10.33 16.34
CA ASP A 278 -37.09 11.16 15.60
C ASP A 278 -35.72 10.49 15.46
N GLY A 279 -35.72 9.15 15.48
CA GLY A 279 -34.53 8.32 15.23
C GLY A 279 -33.46 8.38 16.31
N THR A 280 -33.69 9.21 17.35
CA THR A 280 -32.61 9.67 18.22
C THR A 280 -32.87 9.29 19.67
N LEU A 281 -31.80 8.94 20.38
CA LEU A 281 -31.83 8.66 21.80
C LEU A 281 -31.50 9.93 22.60
N SER A 282 -31.98 9.96 23.86
CA SER A 282 -31.73 11.03 24.80
C SER A 282 -31.71 10.46 26.22
N MET A 283 -30.97 11.12 27.12
CA MET A 283 -30.81 10.64 28.48
C MET A 283 -31.91 11.22 29.37
N GLY A 284 -33.00 10.46 29.49
CA GLY A 284 -34.09 10.77 30.41
C GLY A 284 -33.93 9.99 31.72
N SER A 285 -34.90 10.17 32.62
CA SER A 285 -34.98 9.42 33.86
C SER A 285 -36.37 8.80 33.97
N ILE A 286 -36.42 7.49 34.26
CA ILE A 286 -37.67 6.80 34.53
C ILE A 286 -37.70 6.42 36.00
N VAL A 287 -38.71 6.93 36.71
CA VAL A 287 -38.79 6.85 38.16
C VAL A 287 -40.01 6.03 38.54
N PRO A 288 -39.85 4.75 38.95
CA PRO A 288 -40.95 3.96 39.51
C PRO A 288 -41.26 4.46 40.91
N THR A 289 -42.50 4.25 41.35
CA THR A 289 -42.92 4.70 42.67
C THR A 289 -42.36 3.73 43.72
N ASP A 290 -42.29 4.21 44.97
CA ASP A 290 -42.26 3.32 46.12
C ASP A 290 -43.67 2.78 46.31
N LEU A 291 -43.95 2.18 47.49
CA LEU A 291 -45.26 1.63 47.80
C LEU A 291 -45.68 0.66 46.69
N GLN A 292 -44.77 -0.28 46.39
CA GLN A 292 -44.94 -1.19 45.26
C GLN A 292 -45.93 -2.30 45.63
N TRP A 293 -46.93 -2.47 44.76
CA TRP A 293 -47.88 -3.57 44.81
C TRP A 293 -47.69 -4.41 43.54
N ARG A 294 -47.75 -5.75 43.67
CA ARG A 294 -47.53 -6.65 42.55
C ARG A 294 -48.57 -7.77 42.54
N GLU A 295 -49.02 -8.13 41.33
CA GLU A 295 -50.10 -9.08 41.08
C GLU A 295 -49.61 -10.51 41.30
N ASP A 296 -50.56 -11.43 41.47
CA ASP A 296 -50.31 -12.86 41.34
C ASP A 296 -51.21 -13.45 40.26
N SER A 297 -52.51 -13.57 40.57
CA SER A 297 -53.48 -14.17 39.67
C SER A 297 -54.61 -13.18 39.41
N ASN A 298 -54.56 -12.55 38.23
CA ASN A 298 -55.65 -11.75 37.69
C ASN A 298 -56.89 -12.64 37.66
N SER A 299 -57.83 -12.35 38.58
CA SER A 299 -58.77 -13.33 39.09
C SER A 299 -59.82 -13.72 38.04
N PRO A 300 -60.28 -14.99 38.05
CA PRO A 300 -61.27 -15.47 37.08
C PRO A 300 -62.62 -14.76 37.12
N GLN A 301 -63.21 -14.68 35.91
CA GLN A 301 -64.60 -14.35 35.65
C GLN A 301 -65.51 -15.39 36.32
N THR A 302 -66.68 -14.92 36.78
CA THR A 302 -67.85 -15.76 36.98
C THR A 302 -69.07 -14.95 36.56
N ASP A 303 -70.08 -15.64 36.00
CA ASP A 303 -71.30 -15.01 35.54
C ASP A 303 -72.45 -16.02 35.63
N THR A 304 -73.67 -15.49 35.80
CA THR A 304 -74.92 -16.23 35.92
C THR A 304 -74.82 -17.32 36.99
N ASN A 305 -73.96 -17.09 37.99
CA ASN A 305 -73.53 -18.12 38.92
C ASN A 305 -72.93 -17.48 40.16
N VAL A 306 -73.02 -18.19 41.29
CA VAL A 306 -72.26 -17.92 42.49
C VAL A 306 -70.77 -17.89 42.11
N GLY A 307 -70.08 -16.84 42.57
CA GLY A 307 -68.68 -16.62 42.27
C GLY A 307 -67.81 -17.84 42.63
N THR A 308 -67.09 -18.35 41.63
CA THR A 308 -66.17 -19.48 41.78
C THR A 308 -64.94 -18.99 42.56
N SER A 309 -65.13 -18.82 43.88
CA SER A 309 -64.26 -17.98 44.67
C SER A 309 -63.10 -18.77 45.28
N THR A 310 -61.98 -18.77 44.54
CA THR A 310 -60.64 -18.94 45.08
C THR A 310 -59.73 -17.93 44.37
N TYR A 311 -60.22 -16.68 44.32
CA TYR A 311 -59.77 -15.66 43.38
C TYR A 311 -58.29 -15.33 43.57
N THR A 312 -57.79 -15.55 44.78
CA THR A 312 -56.36 -15.66 45.04
C THR A 312 -56.04 -17.07 45.51
N ILE A 313 -55.03 -17.68 44.88
CA ILE A 313 -54.25 -18.76 45.49
C ILE A 313 -52.79 -18.38 45.30
N ALA A 314 -52.46 -17.17 45.77
CA ALA A 314 -51.24 -16.46 45.46
C ALA A 314 -50.04 -17.02 46.22
N ASP A 315 -48.84 -16.63 45.78
CA ASP A 315 -47.61 -16.76 46.56
C ASP A 315 -47.68 -15.81 47.75
N THR A 316 -46.91 -16.12 48.81
CA THR A 316 -46.89 -15.36 50.05
C THR A 316 -46.52 -13.91 49.78
N PHE A 317 -47.40 -13.01 50.21
CA PHE A 317 -47.08 -11.62 50.45
C PHE A 317 -47.61 -11.23 51.81
N ASP A 318 -46.81 -10.45 52.56
CA ASP A 318 -47.09 -10.14 53.95
C ASP A 318 -48.34 -9.27 54.08
N GLU A 319 -48.81 -8.72 52.95
CA GLU A 319 -50.06 -7.99 52.85
C GLU A 319 -50.63 -8.16 51.45
N TYR A 320 -51.93 -8.48 51.36
CA TYR A 320 -52.63 -8.59 50.09
C TYR A 320 -53.72 -7.51 50.02
N LEU A 321 -53.87 -6.92 48.82
CA LEU A 321 -54.91 -5.95 48.51
C LEU A 321 -55.86 -6.55 47.47
N ILE A 322 -57.12 -6.76 47.87
CA ILE A 322 -58.17 -7.29 47.03
C ILE A 322 -58.98 -6.13 46.47
N ARG A 323 -59.36 -6.24 45.19
CA ARG A 323 -60.22 -5.27 44.53
C ARG A 323 -61.23 -6.04 43.68
N VAL A 324 -62.50 -5.60 43.71
CA VAL A 324 -63.59 -6.35 43.10
C VAL A 324 -64.31 -5.50 42.05
N GLN A 325 -64.89 -6.19 41.07
CA GLN A 325 -65.86 -5.68 40.11
C GLN A 325 -67.02 -6.67 40.04
N VAL A 326 -68.26 -6.19 40.25
CA VAL A 326 -69.41 -7.07 40.37
C VAL A 326 -70.59 -6.54 39.53
N PHE A 327 -71.10 -7.42 38.66
CA PHE A 327 -72.36 -7.31 37.94
C PHE A 327 -73.41 -8.17 38.68
N GLU A 328 -74.69 -7.90 38.43
CA GLU A 328 -75.72 -7.99 39.47
C GLU A 328 -76.92 -8.86 39.08
N GLU A 329 -77.55 -9.43 40.11
CA GLU A 329 -78.94 -9.86 40.09
C GLU A 329 -79.80 -8.74 40.70
N SER A 330 -80.34 -7.89 39.82
CA SER A 330 -81.06 -6.69 40.18
C SER A 330 -82.40 -7.01 40.86
N SER A 331 -82.94 -8.20 40.56
CA SER A 331 -84.17 -8.69 41.15
C SER A 331 -83.94 -9.11 42.61
N ALA A 332 -82.73 -9.60 42.91
CA ALA A 332 -82.41 -10.08 44.25
C ALA A 332 -80.95 -9.78 44.61
N PRO A 333 -80.61 -8.52 44.95
CA PRO A 333 -79.29 -8.20 45.51
C PRO A 333 -79.19 -8.62 46.97
N GLY A 334 -77.98 -8.49 47.54
CA GLY A 334 -77.73 -8.82 48.92
C GLY A 334 -76.24 -8.72 49.27
N THR A 335 -75.74 -9.74 49.98
CA THR A 335 -74.35 -9.80 50.38
C THR A 335 -73.50 -10.45 49.28
N VAL A 336 -72.34 -9.84 49.02
CA VAL A 336 -71.17 -10.55 48.53
C VAL A 336 -70.53 -11.17 49.77
N GLU A 337 -70.87 -12.44 50.04
CA GLU A 337 -70.53 -13.14 51.27
C GLU A 337 -69.02 -13.18 51.46
N LEU A 338 -68.55 -12.76 52.64
CA LEU A 338 -67.18 -13.05 53.06
C LEU A 338 -67.17 -13.68 54.44
N ARG A 339 -68.09 -14.62 54.65
CA ARG A 339 -68.09 -15.53 55.79
C ARG A 339 -66.86 -16.44 55.71
N ALA A 340 -66.36 -16.66 54.49
CA ALA A 340 -65.24 -17.55 54.19
C ALA A 340 -65.53 -18.95 54.73
N GLU A 341 -64.49 -19.66 55.16
CA GLU A 341 -64.63 -20.87 55.97
C GLU A 341 -63.41 -21.02 56.88
N GLY A 342 -63.22 -22.23 57.44
CA GLY A 342 -62.15 -22.55 58.36
C GLY A 342 -60.78 -22.56 57.69
N ASN A 343 -60.22 -21.35 57.50
CA ASN A 343 -58.93 -21.09 56.89
C ASN A 343 -57.81 -21.60 57.82
N SER A 344 -56.58 -21.62 57.29
CA SER A 344 -55.43 -22.29 57.88
C SER A 344 -55.06 -21.76 59.27
N GLN A 345 -55.34 -20.47 59.52
CA GLN A 345 -55.29 -19.89 60.86
C GLN A 345 -56.58 -19.10 61.10
N SER A 346 -56.93 -18.90 62.38
CA SER A 346 -58.32 -18.66 62.77
C SER A 346 -58.64 -17.18 63.06
N SER A 347 -57.79 -16.25 62.60
CA SER A 347 -58.02 -14.83 62.85
C SER A 347 -59.08 -14.26 61.90
N TYR A 348 -60.13 -13.67 62.48
CA TYR A 348 -61.08 -12.81 61.78
C TYR A 348 -61.67 -11.81 62.77
N ASP A 349 -61.99 -10.59 62.31
CA ASP A 349 -62.85 -9.72 63.11
C ASP A 349 -63.97 -9.10 62.28
N TYR A 350 -65.10 -8.85 62.94
CA TYR A 350 -66.43 -8.93 62.36
C TYR A 350 -67.13 -7.58 62.31
N ILE A 351 -66.46 -6.53 62.84
CA ILE A 351 -67.02 -5.21 63.12
C ILE A 351 -67.53 -4.57 61.83
N SER A 352 -68.67 -3.87 61.92
CA SER A 352 -69.33 -3.24 60.79
C SER A 352 -69.17 -1.72 60.81
N GLU A 353 -70.04 -1.03 60.05
CA GLU A 353 -69.99 0.40 59.79
C GLU A 353 -70.09 1.20 61.09
N ASP A 354 -71.06 0.83 61.95
CA ASP A 354 -71.26 1.48 63.24
C ASP A 354 -71.50 0.43 64.33
N GLY A 355 -71.96 -0.76 63.89
CA GLY A 355 -72.55 -1.79 64.73
C GLY A 355 -71.63 -2.34 65.82
N THR A 356 -70.31 -2.15 65.66
CA THR A 356 -69.31 -2.24 66.72
C THR A 356 -69.03 -3.70 67.12
N THR A 357 -69.93 -4.62 66.75
CA THR A 357 -69.92 -6.02 67.17
C THR A 357 -70.67 -6.87 66.13
N THR A 358 -70.26 -8.15 65.99
CA THR A 358 -70.94 -9.17 65.19
C THR A 358 -70.56 -10.57 65.72
N SER A 359 -71.41 -11.56 65.43
CA SER A 359 -71.33 -12.91 65.97
C SER A 359 -70.42 -13.83 65.14
N ALA A 360 -69.93 -14.91 65.77
CA ALA A 360 -68.85 -15.76 65.26
C ALA A 360 -69.16 -17.24 65.47
N ALA A 361 -68.62 -18.09 64.58
CA ALA A 361 -68.76 -19.55 64.59
C ALA A 361 -67.67 -20.21 63.73
N THR A 362 -67.62 -21.55 63.75
CA THR A 362 -66.58 -22.38 63.13
C THR A 362 -66.47 -22.08 61.63
N SER A 363 -67.62 -21.86 60.98
CA SER A 363 -67.70 -21.07 59.77
C SER A 363 -68.62 -19.89 60.07
N ILE A 364 -68.26 -18.70 59.53
CA ILE A 364 -68.71 -17.40 60.02
C ILE A 364 -70.21 -17.24 59.88
N PRO A 365 -70.91 -16.70 60.91
CA PRO A 365 -72.28 -16.20 60.76
C PRO A 365 -72.49 -15.06 59.77
N CYS A 366 -71.88 -13.88 60.02
CA CYS A 366 -72.39 -12.64 59.44
C CYS A 366 -71.31 -11.65 59.00
N ILE A 367 -70.31 -12.10 58.24
CA ILE A 367 -69.38 -11.17 57.59
C ILE A 367 -69.80 -11.00 56.13
N GLU A 368 -70.20 -9.76 55.78
CA GLU A 368 -70.85 -9.48 54.51
C GLU A 368 -70.18 -8.27 53.83
N LEU A 369 -70.20 -8.25 52.49
CA LEU A 369 -69.78 -7.10 51.69
C LEU A 369 -70.91 -6.75 50.72
N GLN A 370 -71.69 -5.71 51.04
CA GLN A 370 -73.04 -5.61 50.54
C GLN A 370 -73.09 -5.03 49.11
N ALA A 371 -73.94 -5.66 48.29
CA ALA A 371 -74.36 -5.16 46.99
C ALA A 371 -75.54 -4.20 47.13
N ASP A 372 -75.41 -3.29 48.10
CA ASP A 372 -76.37 -2.28 48.51
C ASP A 372 -75.64 -1.37 49.49
N SER A 373 -75.75 -0.04 49.32
CA SER A 373 -75.04 0.88 50.22
C SER A 373 -75.68 0.82 51.60
N SER A 374 -74.95 0.18 52.53
CA SER A 374 -75.55 -0.36 53.74
C SER A 374 -74.51 -0.45 54.85
N THR A 375 -75.03 -0.63 56.08
CA THR A 375 -74.27 -0.63 57.32
C THR A 375 -73.57 -1.98 57.48
N ILE A 376 -72.64 -2.26 56.55
CA ILE A 376 -72.09 -3.60 56.38
C ILE A 376 -70.61 -3.47 56.01
N SER A 377 -69.75 -3.88 56.96
CA SER A 377 -68.30 -3.78 56.80
C SER A 377 -67.59 -4.90 57.55
N VAL A 378 -66.28 -5.04 57.29
CA VAL A 378 -65.39 -5.99 57.94
C VAL A 378 -64.16 -5.22 58.43
N PHE A 379 -63.72 -5.53 59.66
CA PHE A 379 -62.50 -4.99 60.21
C PHE A 379 -61.86 -6.03 61.13
N GLY A 380 -60.69 -6.55 60.73
CA GLY A 380 -59.92 -7.54 61.47
C GLY A 380 -58.49 -7.69 60.93
N ALA A 381 -57.73 -8.63 61.50
CA ALA A 381 -56.36 -8.94 61.09
C ALA A 381 -56.36 -9.39 59.64
N SER A 382 -57.23 -10.36 59.34
CA SER A 382 -57.74 -10.56 58.00
C SER A 382 -58.99 -9.71 57.83
N GLY A 383 -59.04 -8.92 56.76
CA GLY A 383 -60.25 -8.23 56.34
C GLY A 383 -60.39 -6.85 56.97
N ARG A 384 -59.72 -5.86 56.36
CA ARG A 384 -59.98 -4.45 56.55
C ARG A 384 -60.73 -3.93 55.32
N PHE A 385 -61.98 -3.48 55.53
CA PHE A 385 -62.89 -3.16 54.45
C PHE A 385 -63.20 -1.67 54.43
N SER A 386 -63.93 -1.23 53.38
CA SER A 386 -64.42 0.14 53.23
C SER A 386 -65.52 0.18 52.18
N GLY A 387 -66.64 0.83 52.52
CA GLY A 387 -67.55 1.42 51.54
C GLY A 387 -68.43 0.39 50.82
N GLN A 388 -69.58 0.87 50.34
CA GLN A 388 -70.66 0.01 49.86
C GLN A 388 -71.31 0.65 48.63
N TRP A 389 -71.59 -0.18 47.62
CA TRP A 389 -72.01 0.25 46.29
C TRP A 389 -73.52 0.15 46.12
N GLU A 390 -74.01 -0.02 44.88
CA GLU A 390 -75.43 -0.05 44.54
C GLU A 390 -75.68 -1.01 43.39
N PHE A 391 -76.90 -1.59 43.34
CA PHE A 391 -77.22 -2.69 42.45
C PHE A 391 -77.84 -2.23 41.13
N ARG A 392 -77.54 -0.99 40.71
CA ARG A 392 -78.12 -0.39 39.52
C ARG A 392 -77.26 0.77 39.00
N SER A 393 -77.43 1.07 37.70
CA SER A 393 -76.95 2.30 37.08
C SER A 393 -78.15 3.03 36.46
N GLN A 394 -78.65 2.49 35.34
CA GLN A 394 -80.02 2.75 34.87
C GLN A 394 -80.96 2.07 35.86
N PRO A 395 -82.07 2.74 36.30
CA PRO A 395 -82.88 2.25 37.42
C PRO A 395 -83.28 0.77 37.50
N ASN A 396 -83.26 0.06 36.35
CA ASN A 396 -83.59 -1.35 36.31
C ASN A 396 -82.33 -2.23 36.29
N THR A 397 -81.64 -2.28 35.14
CA THR A 397 -80.55 -3.23 34.91
C THR A 397 -79.41 -2.57 34.13
N SER A 398 -78.16 -2.90 34.52
CA SER A 398 -76.93 -2.46 33.87
C SER A 398 -75.72 -3.26 34.36
N THR A 399 -74.63 -3.23 33.58
CA THR A 399 -73.37 -3.88 33.90
C THR A 399 -72.52 -2.99 34.83
N ASN A 400 -72.68 -1.67 34.68
CA ASN A 400 -71.76 -0.68 35.19
C ASN A 400 -72.04 -0.40 36.66
N LEU A 401 -71.49 -1.26 37.55
CA LEU A 401 -71.94 -1.33 38.94
C LEU A 401 -70.78 -1.23 39.94
N ALA A 402 -70.45 -2.35 40.58
CA ALA A 402 -69.80 -2.40 41.89
C ALA A 402 -68.28 -2.25 41.80
N THR A 403 -67.68 -1.67 42.86
CA THR A 403 -66.29 -1.91 43.25
C THR A 403 -66.14 -1.77 44.76
N ALA A 404 -65.09 -2.42 45.28
CA ALA A 404 -64.60 -2.27 46.65
C ALA A 404 -63.11 -2.60 46.71
N GLY A 405 -62.41 -1.96 47.64
CA GLY A 405 -61.01 -2.27 47.94
C GLY A 405 -60.84 -2.65 49.40
N PHE A 406 -60.35 -3.88 49.64
CA PHE A 406 -60.16 -4.40 50.98
C PHE A 406 -58.90 -5.27 51.04
N LEU A 407 -58.34 -5.42 52.25
CA LEU A 407 -57.02 -6.02 52.38
C LEU A 407 -56.92 -6.91 53.62
N ALA A 408 -55.90 -7.77 53.61
CA ALA A 408 -55.60 -8.70 54.69
C ALA A 408 -54.09 -8.89 54.80
N VAL A 409 -53.64 -9.20 56.02
CA VAL A 409 -52.25 -9.49 56.35
C VAL A 409 -52.06 -11.00 56.24
N ILE A 410 -50.80 -11.45 56.25
CA ILE A 410 -50.50 -12.81 56.67
C ILE A 410 -50.74 -12.88 58.17
N SER A 411 -51.77 -13.63 58.57
CA SER A 411 -51.85 -14.16 59.92
C SER A 411 -51.43 -15.62 59.86
N SER A 412 -52.16 -16.39 59.03
CA SER A 412 -51.66 -17.57 58.36
C SER A 412 -50.67 -17.13 57.28
N PRO A 413 -49.57 -17.90 57.02
CA PRO A 413 -48.64 -17.57 55.93
C PRO A 413 -49.31 -17.39 54.56
N LEU A 414 -50.52 -17.95 54.41
CA LEU A 414 -51.27 -17.95 53.17
C LEU A 414 -52.77 -17.89 53.44
N GLY A 415 -53.53 -17.70 52.35
CA GLY A 415 -54.96 -17.95 52.32
C GLY A 415 -55.54 -17.74 50.93
N SER A 416 -56.49 -18.62 50.56
CA SER A 416 -57.43 -18.34 49.48
C SER A 416 -58.65 -17.63 50.08
N LEU A 417 -59.56 -17.16 49.22
CA LEU A 417 -60.75 -16.44 49.69
C LEU A 417 -62.00 -16.97 48.99
N GLU A 418 -63.11 -17.03 49.75
CA GLU A 418 -64.35 -17.71 49.36
C GLU A 418 -65.47 -16.69 49.13
N LEU A 419 -66.65 -17.16 48.68
CA LEU A 419 -67.80 -16.32 48.36
C LEU A 419 -69.08 -17.16 48.25
N PHE A 420 -70.23 -16.49 48.44
CA PHE A 420 -71.58 -16.99 48.21
C PHE A 420 -72.51 -15.84 47.81
N ARG A 421 -73.59 -16.18 47.08
CA ARG A 421 -74.76 -15.33 46.88
C ARG A 421 -75.97 -16.23 46.61
N ALA A 422 -77.04 -15.99 47.38
CA ALA A 422 -78.24 -16.82 47.39
C ALA A 422 -78.98 -16.74 46.05
N ALA A 423 -78.98 -15.56 45.44
CA ALA A 423 -79.76 -15.26 44.25
C ALA A 423 -79.10 -15.82 43.00
N ASN A 424 -77.83 -16.25 43.15
CA ASN A 424 -77.03 -16.91 42.12
C ASN A 424 -76.46 -15.90 41.12
N ASN A 425 -77.31 -14.98 40.63
CA ASN A 425 -77.06 -14.30 39.37
C ASN A 425 -76.16 -13.07 39.56
N PHE A 426 -75.00 -13.28 40.19
CA PHE A 426 -73.88 -12.35 40.15
C PHE A 426 -73.11 -12.54 38.84
N SER A 427 -72.28 -11.54 38.52
CA SER A 427 -71.13 -11.68 37.64
C SER A 427 -69.98 -10.86 38.23
N VAL A 428 -68.74 -11.35 38.11
CA VAL A 428 -67.68 -10.87 38.98
C VAL A 428 -66.28 -11.06 38.39
N THR A 429 -65.43 -10.04 38.61
CA THR A 429 -63.99 -10.05 38.36
C THR A 429 -63.28 -9.47 39.57
N TRP A 430 -62.16 -10.11 39.97
CA TRP A 430 -61.32 -9.60 41.05
C TRP A 430 -59.94 -9.22 40.51
N GLU A 431 -59.26 -8.32 41.24
CA GLU A 431 -57.81 -8.14 41.20
C GLU A 431 -57.26 -8.45 42.58
N VAL A 432 -55.99 -8.85 42.65
CA VAL A 432 -55.29 -9.08 43.90
C VAL A 432 -53.81 -8.73 43.74
N PHE A 433 -53.28 -7.97 44.71
CA PHE A 433 -51.89 -7.52 44.67
C PHE A 433 -51.25 -7.69 46.05
N GLY A 434 -49.96 -8.07 46.03
CA GLY A 434 -49.19 -8.28 47.24
C GLY A 434 -48.25 -7.13 47.56
N ARG A 435 -48.01 -6.94 48.86
CA ARG A 435 -47.02 -6.02 49.41
C ARG A 435 -46.36 -6.72 50.61
N ASP A 436 -45.24 -6.16 51.09
CA ASP A 436 -44.26 -6.94 51.83
C ASP A 436 -43.61 -6.14 52.95
N ILE A 437 -44.24 -6.16 54.14
CA ILE A 437 -43.60 -5.84 55.40
C ILE A 437 -43.85 -7.00 56.36
N GLY A 438 -42.76 -7.60 56.85
CA GLY A 438 -42.80 -8.75 57.73
C GLY A 438 -43.51 -8.49 59.05
N PRO A 439 -43.86 -9.54 59.83
CA PRO A 439 -44.68 -9.39 61.04
C PRO A 439 -43.95 -8.93 62.29
N ALA A 440 -42.69 -8.49 62.13
CA ALA A 440 -41.86 -8.05 63.23
C ALA A 440 -40.97 -6.87 62.81
N GLY A 441 -39.71 -6.88 63.25
CA GLY A 441 -38.80 -5.76 63.13
C GLY A 441 -38.11 -5.66 61.77
N VAL A 442 -38.26 -6.69 60.93
CA VAL A 442 -37.63 -6.76 59.62
C VAL A 442 -38.72 -6.85 58.55
N PRO A 443 -38.77 -5.90 57.57
CA PRO A 443 -39.69 -6.01 56.43
C PRO A 443 -39.46 -7.29 55.61
N ALA B 2 56.23 30.31 -45.62
CA ALA B 2 55.88 29.11 -44.79
C ALA B 2 56.73 27.92 -45.23
N ASP B 3 57.95 27.86 -44.68
CA ASP B 3 58.98 26.93 -45.10
C ASP B 3 59.91 26.62 -43.93
N THR B 4 60.31 25.34 -43.85
CA THR B 4 61.49 24.86 -43.16
C THR B 4 61.94 23.60 -43.91
N THR B 5 62.81 23.80 -44.90
CA THR B 5 63.29 22.72 -45.74
C THR B 5 64.17 21.80 -44.90
N ILE B 6 63.62 20.64 -44.52
CA ILE B 6 64.26 19.73 -43.59
C ILE B 6 65.45 19.08 -44.29
N ILE B 7 66.62 19.14 -43.63
CA ILE B 7 67.89 18.84 -44.25
C ILE B 7 68.16 17.33 -44.25
N ASP B 8 67.34 16.54 -43.53
CA ASP B 8 67.68 15.15 -43.29
C ASP B 8 66.49 14.20 -43.33
N ALA B 9 65.27 14.73 -43.56
CA ALA B 9 64.08 13.90 -43.74
C ALA B 9 64.19 13.09 -45.03
N VAL B 10 63.54 11.91 -45.05
CA VAL B 10 63.52 11.07 -46.23
C VAL B 10 62.08 10.64 -46.55
N VAL B 11 61.78 10.51 -47.85
CA VAL B 11 60.48 10.12 -48.36
C VAL B 11 60.66 8.92 -49.30
N PHE B 12 59.73 7.96 -49.20
CA PHE B 12 59.74 6.75 -50.02
C PHE B 12 58.29 6.34 -50.27
N PRO B 13 57.93 5.70 -51.42
CA PRO B 13 58.79 5.54 -52.60
C PRO B 13 58.59 6.57 -53.70
N GLN B 14 59.61 6.74 -54.56
CA GLN B 14 59.60 7.72 -55.64
C GLN B 14 60.31 7.17 -56.88
N ASP B 15 59.63 7.30 -58.03
CA ASP B 15 60.09 6.85 -59.34
C ASP B 15 59.73 7.90 -60.39
N ASP B 16 60.05 7.63 -61.66
CA ASP B 16 59.60 8.45 -62.78
C ASP B 16 58.07 8.54 -62.77
N GLY B 17 57.42 7.51 -62.21
CA GLY B 17 55.98 7.44 -62.10
C GLY B 17 55.44 8.32 -60.97
N THR B 18 56.35 9.02 -60.29
CA THR B 18 56.04 10.05 -59.31
C THR B 18 56.71 11.34 -59.77
N GLY B 19 56.64 12.37 -58.93
CA GLY B 19 57.32 13.63 -59.21
C GLY B 19 58.80 13.57 -58.85
N VAL B 20 59.59 12.85 -59.66
CA VAL B 20 61.05 12.94 -59.66
C VAL B 20 61.54 12.74 -61.09
N SER B 21 62.71 13.32 -61.41
CA SER B 21 63.35 13.10 -62.70
C SER B 21 63.98 11.71 -62.71
N ASN B 22 64.37 11.25 -63.92
CA ASN B 22 64.91 9.92 -64.14
C ASN B 22 66.27 9.76 -63.46
N GLY B 23 66.92 10.88 -63.14
CA GLY B 23 68.17 10.86 -62.39
C GLY B 23 67.96 10.67 -60.89
N ASP B 24 66.71 10.73 -60.45
CA ASP B 24 66.38 11.00 -59.05
C ASP B 24 65.38 9.98 -58.48
N GLU B 25 65.50 8.71 -58.87
CA GLU B 25 64.66 7.66 -58.32
C GLU B 25 65.34 7.10 -57.07
N ASP B 26 64.54 6.88 -56.00
CA ASP B 26 65.04 6.41 -54.71
C ASP B 26 65.71 5.06 -54.87
N TYR B 27 66.77 4.83 -54.08
CA TYR B 27 67.36 3.51 -53.97
C TYR B 27 66.57 2.68 -52.98
N ASP B 28 66.46 1.37 -53.26
CA ASP B 28 65.66 0.43 -52.50
C ASP B 28 66.40 0.06 -51.22
N SER B 29 65.65 0.00 -50.11
CA SER B 29 66.20 -0.37 -48.81
C SER B 29 65.20 -1.20 -48.03
N ALA B 30 65.74 -2.14 -47.23
CA ALA B 30 64.97 -2.98 -46.32
C ALA B 30 64.17 -2.11 -45.35
N GLY B 31 64.83 -1.06 -44.85
CA GLY B 31 64.25 -0.13 -43.89
C GLY B 31 63.04 0.61 -44.45
N TYR B 32 63.11 0.98 -45.74
CA TYR B 32 62.01 1.64 -46.42
C TYR B 32 60.83 0.67 -46.57
N LEU B 33 61.12 -0.54 -47.06
CA LEU B 33 60.10 -1.55 -47.30
C LEU B 33 59.39 -1.89 -46.00
N ALA B 34 60.17 -2.07 -44.92
CA ALA B 34 59.65 -2.46 -43.62
C ALA B 34 58.79 -1.34 -43.03
N SER B 35 59.27 -0.09 -43.13
CA SER B 35 58.56 1.07 -42.59
C SER B 35 57.32 1.37 -43.42
N LEU B 36 57.36 1.06 -44.72
CA LEU B 36 56.22 1.29 -45.59
C LEU B 36 55.12 0.27 -45.30
N ALA B 37 55.52 -0.99 -45.06
CA ALA B 37 54.60 -2.07 -44.82
C ALA B 37 53.81 -1.85 -43.52
N ARG B 38 54.31 -0.94 -42.68
CA ARG B 38 53.74 -0.63 -41.38
C ARG B 38 52.41 0.12 -41.55
N TYR B 39 52.16 0.64 -42.75
CA TYR B 39 50.92 1.37 -43.06
C TYR B 39 49.72 0.47 -42.85
N ALA B 40 48.62 1.04 -42.33
CA ALA B 40 47.49 0.25 -41.86
C ALA B 40 46.14 0.95 -42.07
N GLY B 41 46.10 2.26 -41.82
CA GLY B 41 44.86 3.04 -41.83
C GLY B 41 44.27 3.20 -43.23
N ASP B 42 43.26 4.07 -43.36
CA ASP B 42 42.67 4.34 -44.65
C ASP B 42 43.14 5.70 -45.18
N GLY B 43 43.49 6.62 -44.27
CA GLY B 43 43.81 7.99 -44.62
C GLY B 43 45.29 8.32 -44.47
N SER B 44 45.57 9.59 -44.13
CA SER B 44 46.89 10.09 -43.80
C SER B 44 46.96 10.36 -42.30
N TYR B 45 48.01 9.85 -41.64
CA TYR B 45 48.07 9.86 -40.18
C TYR B 45 49.51 9.76 -39.70
N VAL B 46 49.70 10.11 -38.42
CA VAL B 46 51.00 10.02 -37.75
C VAL B 46 51.14 8.60 -37.19
N GLY B 47 52.23 7.93 -37.58
CA GLY B 47 52.48 6.53 -37.25
C GLY B 47 52.80 6.33 -35.78
N GLY B 48 52.34 5.20 -35.25
CA GLY B 48 52.59 4.82 -33.86
C GLY B 48 53.91 4.08 -33.70
N ASP B 49 54.51 4.21 -32.51
CA ASP B 49 55.68 3.42 -32.13
C ASP B 49 55.23 2.01 -31.79
N SER B 50 56.18 1.18 -31.33
CA SER B 50 55.94 -0.23 -31.05
C SER B 50 55.09 -0.42 -29.79
N THR B 51 54.95 0.63 -28.98
CA THR B 51 54.12 0.60 -27.79
C THR B 51 52.67 0.86 -28.18
N GLY B 52 52.48 1.62 -29.27
CA GLY B 52 51.18 2.11 -29.69
C GLY B 52 50.97 3.56 -29.26
N SER B 53 52.08 4.31 -29.15
CA SER B 53 52.04 5.73 -28.86
C SER B 53 52.36 6.50 -30.15
N PRO B 54 51.65 7.63 -30.44
CA PRO B 54 51.96 8.44 -31.62
C PRO B 54 53.38 8.97 -31.60
N THR B 55 54.04 8.95 -32.77
CA THR B 55 55.35 9.57 -32.94
C THR B 55 55.15 11.03 -33.35
N LEU B 56 56.26 11.69 -33.73
CA LEU B 56 56.30 13.08 -34.16
C LEU B 56 55.54 13.99 -33.19
N GLN B 57 55.88 13.89 -31.90
CA GLN B 57 55.22 14.64 -30.85
C GLN B 57 55.85 16.03 -30.73
N PHE B 58 55.03 16.99 -30.27
CA PHE B 58 55.47 18.32 -29.89
C PHE B 58 56.22 18.25 -28.56
N ALA B 59 57.21 19.12 -28.42
CA ALA B 59 57.95 19.32 -27.18
C ALA B 59 58.48 20.76 -27.12
N ASN B 60 58.75 21.22 -25.89
CA ASN B 60 59.46 22.46 -25.63
C ASN B 60 58.78 23.64 -26.32
N ILE B 61 57.45 23.75 -26.11
CA ILE B 61 56.64 24.85 -26.63
C ILE B 61 57.03 26.12 -25.85
N ASP B 62 57.53 27.12 -26.58
CA ASP B 62 58.17 28.27 -25.96
C ASP B 62 57.24 29.50 -25.96
N THR B 63 55.94 29.25 -26.10
CA THR B 63 54.87 30.25 -25.99
C THR B 63 55.10 31.41 -26.97
N ALA B 64 54.93 32.65 -26.49
CA ALA B 64 54.84 33.85 -27.33
C ALA B 64 56.18 34.18 -28.00
N ASN B 65 57.25 33.49 -27.56
CA ASN B 65 58.55 33.56 -28.19
C ASN B 65 58.66 32.50 -29.30
N GLU B 66 57.49 32.02 -29.75
CA GLU B 66 57.26 31.35 -31.02
C GLU B 66 57.58 29.85 -30.95
N GLU B 67 58.84 29.52 -30.63
CA GLU B 67 59.51 28.33 -31.14
C GLU B 67 59.00 27.04 -30.47
N VAL B 68 59.08 25.93 -31.22
CA VAL B 68 58.58 24.62 -30.83
C VAL B 68 59.48 23.51 -31.37
N ASP B 69 59.55 22.38 -30.64
CA ASP B 69 60.38 21.24 -31.00
C ASP B 69 59.51 20.05 -31.43
N ILE B 70 59.92 19.39 -32.52
CA ILE B 70 59.32 18.15 -33.01
C ILE B 70 60.32 17.03 -32.76
N GLN B 71 59.84 15.92 -32.17
CA GLN B 71 60.66 14.75 -31.92
C GLN B 71 60.57 13.82 -33.13
N PRO B 72 61.65 13.05 -33.47
CA PRO B 72 61.66 12.21 -34.67
C PRO B 72 60.67 11.04 -34.58
N GLY B 73 60.32 10.50 -35.75
CA GLY B 73 59.30 9.47 -35.89
C GLY B 73 58.91 9.32 -37.36
N HIS B 74 57.65 8.90 -37.60
CA HIS B 74 57.18 8.71 -38.96
C HIS B 74 55.68 8.98 -39.08
N ALA B 75 55.29 9.49 -40.25
CA ALA B 75 53.90 9.74 -40.61
C ALA B 75 53.67 9.30 -42.05
N PHE B 76 52.42 8.97 -42.36
CA PHE B 76 52.03 8.52 -43.68
C PHE B 76 51.22 9.62 -44.38
N ILE B 77 51.57 9.90 -45.63
CA ILE B 77 50.95 10.94 -46.43
C ILE B 77 50.52 10.34 -47.77
N LEU B 78 49.20 10.39 -48.03
CA LEU B 78 48.63 9.86 -49.26
C LEU B 78 48.83 10.86 -50.40
N GLU B 79 49.11 10.34 -51.60
CA GLU B 79 49.13 11.14 -52.81
C GLU B 79 48.44 10.39 -53.95
N SER B 80 47.64 11.16 -54.71
CA SER B 80 46.97 10.69 -55.92
C SER B 80 47.85 10.93 -57.15
N GLY B 81 47.47 10.32 -58.26
CA GLY B 81 48.00 10.66 -59.58
C GLY B 81 49.43 10.18 -59.80
N HIS B 82 49.79 9.06 -59.17
CA HIS B 82 51.01 8.34 -59.53
C HIS B 82 50.76 7.58 -60.84
N ILE B 83 51.85 7.30 -61.55
CA ILE B 83 51.86 6.53 -62.79
C ILE B 83 52.71 5.27 -62.54
N VAL B 84 52.34 4.16 -63.18
CA VAL B 84 53.04 2.89 -63.00
C VAL B 84 53.36 2.26 -64.35
N GLN B 85 54.23 1.25 -64.34
CA GLN B 85 54.53 0.44 -65.51
C GLN B 85 53.52 -0.70 -65.61
N SER B 86 52.79 -0.74 -66.73
CA SER B 86 51.88 -1.85 -67.03
C SER B 86 52.70 -3.08 -67.39
N GLY B 87 52.73 -4.04 -66.46
CA GLY B 87 53.35 -5.34 -66.65
C GLY B 87 54.85 -5.27 -66.87
N SER B 88 55.28 -5.73 -68.05
CA SER B 88 56.69 -5.88 -68.38
C SER B 88 57.25 -4.63 -69.06
N GLN B 89 56.36 -3.70 -69.43
CA GLN B 89 56.73 -2.53 -70.22
C GLN B 89 57.36 -1.48 -69.31
N LYS B 90 58.61 -1.12 -69.61
CA LYS B 90 59.42 -0.20 -68.82
C LYS B 90 58.85 1.21 -68.85
N THR B 91 58.04 1.50 -69.87
CA THR B 91 57.36 2.79 -70.02
C THR B 91 56.34 2.96 -68.89
N TYR B 92 56.59 3.94 -68.04
CA TYR B 92 55.62 4.40 -67.05
C TYR B 92 54.42 4.96 -67.80
N ASP B 93 53.26 4.30 -67.67
CA ASP B 93 52.20 4.48 -68.66
C ASP B 93 50.79 4.47 -68.06
N THR B 94 50.62 3.92 -66.85
CA THR B 94 49.30 3.61 -66.33
C THR B 94 49.00 4.46 -65.08
N ASN B 95 47.84 5.13 -65.10
CA ASN B 95 47.37 5.94 -63.99
C ASN B 95 46.77 5.04 -62.91
N LEU B 96 47.10 5.33 -61.65
CA LEU B 96 46.46 4.69 -60.52
C LEU B 96 45.12 5.37 -60.23
N PRO B 97 44.05 4.60 -59.89
CA PRO B 97 42.72 5.17 -59.74
C PRO B 97 42.45 5.84 -58.40
N ASP B 98 43.26 5.49 -57.39
CA ASP B 98 43.07 5.92 -56.02
C ASP B 98 44.40 6.37 -55.42
N SER B 99 44.31 7.18 -54.36
CA SER B 99 45.45 7.74 -53.64
C SER B 99 46.19 6.64 -52.86
N VAL B 100 47.51 6.80 -52.74
CA VAL B 100 48.39 5.78 -52.17
C VAL B 100 49.49 6.44 -51.32
N PRO B 101 49.94 5.79 -50.22
CA PRO B 101 50.81 6.46 -49.24
C PRO B 101 52.30 6.56 -49.54
N TYR B 102 52.89 7.69 -49.14
CA TYR B 102 54.30 7.86 -48.88
C TYR B 102 54.56 7.56 -47.41
N VAL B 103 55.80 7.18 -47.08
CA VAL B 103 56.30 7.25 -45.72
C VAL B 103 57.13 8.53 -45.60
N VAL B 104 56.92 9.26 -44.51
CA VAL B 104 57.82 10.34 -44.15
C VAL B 104 58.55 9.93 -42.87
N ILE B 105 59.88 9.87 -42.98
CA ILE B 105 60.76 9.47 -41.89
C ILE B 105 61.56 10.70 -41.47
N LEU B 106 61.44 11.08 -40.19
CA LEU B 106 62.28 12.09 -39.60
C LEU B 106 63.30 11.40 -38.69
N PRO B 107 64.60 11.37 -39.05
CA PRO B 107 65.61 10.75 -38.19
C PRO B 107 66.07 11.63 -37.03
N SER B 108 65.83 12.94 -37.13
CA SER B 108 66.27 13.90 -36.13
C SER B 108 65.08 14.66 -35.55
N SER B 109 65.27 15.17 -34.32
CA SER B 109 64.43 16.21 -33.76
C SER B 109 64.61 17.48 -34.58
N VAL B 110 63.50 18.19 -34.82
CA VAL B 110 63.56 19.50 -35.44
C VAL B 110 63.41 20.54 -34.33
N THR B 111 64.30 21.54 -34.34
CA THR B 111 64.57 22.37 -33.18
C THR B 111 64.04 23.79 -33.40
N ASN B 112 63.23 24.24 -32.44
CA ASN B 112 62.81 25.63 -32.28
C ASN B 112 62.19 26.17 -33.57
N VAL B 113 61.21 25.42 -34.09
CA VAL B 113 60.49 25.71 -35.32
C VAL B 113 59.64 26.96 -35.11
N PRO B 114 59.65 27.95 -36.05
CA PRO B 114 58.90 29.19 -35.86
C PRO B 114 57.38 29.11 -35.97
N LEU B 115 56.71 29.93 -35.15
CA LEU B 115 55.27 30.17 -35.17
C LEU B 115 55.05 31.68 -35.18
N ASP B 116 53.78 32.11 -35.36
CA ASP B 116 53.40 33.51 -35.19
C ASP B 116 53.24 33.80 -33.70
N THR B 117 53.48 35.05 -33.31
CA THR B 117 53.50 35.48 -31.92
C THR B 117 52.09 35.59 -31.34
N ASP B 118 51.89 34.97 -30.18
CA ASP B 118 50.81 35.28 -29.24
C ASP B 118 49.43 34.96 -29.84
N VAL B 119 49.34 33.91 -30.67
CA VAL B 119 48.11 33.51 -31.35
C VAL B 119 48.11 32.00 -31.65
N ASP B 120 46.97 31.51 -32.15
CA ASP B 120 46.78 30.14 -32.61
C ASP B 120 47.56 29.94 -33.93
N ASN B 121 48.13 28.73 -34.12
CA ASN B 121 48.90 28.40 -35.31
C ASN B 121 48.65 26.95 -35.72
N ASP B 122 48.56 26.71 -37.04
CA ASP B 122 48.40 25.40 -37.63
C ASP B 122 49.72 24.92 -38.23
N VAL B 123 50.08 23.67 -37.93
CA VAL B 123 51.34 23.07 -38.35
C VAL B 123 51.05 21.96 -39.37
N TRP B 124 51.74 22.01 -40.51
CA TRP B 124 51.55 21.07 -41.60
C TRP B 124 52.91 20.57 -42.09
N LEU B 125 53.00 19.25 -42.32
CA LEU B 125 54.19 18.63 -42.88
C LEU B 125 53.91 18.28 -44.34
N ALA B 126 54.75 18.82 -45.25
CA ALA B 126 54.53 18.75 -46.68
C ALA B 126 55.67 18.04 -47.38
N VAL B 127 55.33 17.02 -48.17
CA VAL B 127 56.25 16.42 -49.12
C VAL B 127 56.20 17.27 -50.39
N ASP B 128 57.38 17.62 -50.90
CA ASP B 128 57.52 18.22 -52.21
C ASP B 128 57.87 17.10 -53.19
N PRO B 129 56.92 16.63 -54.04
CA PRO B 129 57.22 15.60 -55.03
C PRO B 129 57.97 16.21 -56.22
N THR B 130 59.24 16.56 -55.99
CA THR B 130 60.16 17.00 -57.03
C THR B 130 61.57 16.46 -56.78
N SER B 131 61.81 15.91 -55.58
CA SER B 131 63.09 15.31 -55.23
C SER B 131 62.92 14.15 -54.26
N ASN B 132 64.01 13.40 -54.04
CA ASN B 132 64.07 12.13 -53.33
C ASN B 132 63.73 12.29 -51.84
N ASP B 133 63.82 13.53 -51.35
CA ASP B 133 63.95 13.78 -49.92
C ASP B 133 63.39 15.15 -49.57
N SER B 134 62.83 15.84 -50.58
CA SER B 134 62.39 17.22 -50.44
C SER B 134 61.15 17.30 -49.56
N VAL B 135 61.33 17.84 -48.34
CA VAL B 135 60.30 17.96 -47.33
C VAL B 135 60.39 19.36 -46.71
N TYR B 136 59.22 19.96 -46.44
CA TYR B 136 59.16 21.26 -45.79
C TYR B 136 57.92 21.35 -44.87
N ILE B 137 58.01 22.26 -43.89
CA ILE B 137 56.95 22.47 -42.91
C ILE B 137 56.37 23.87 -43.09
N ARG B 138 55.03 23.94 -43.09
CA ARG B 138 54.30 25.19 -42.99
C ARG B 138 53.82 25.38 -41.55
N SER B 139 53.83 26.64 -41.11
CA SER B 139 53.25 27.08 -39.85
C SER B 139 52.77 28.53 -40.00
N GLY B 140 51.77 28.92 -39.19
CA GLY B 140 51.29 30.30 -39.20
C GLY B 140 49.90 30.47 -38.60
N ASN B 141 49.59 31.73 -38.27
CA ASN B 141 48.30 32.13 -37.72
C ASN B 141 47.22 31.99 -38.78
N GLY B 142 46.65 30.77 -38.85
CA GLY B 142 45.64 30.41 -39.82
C GLY B 142 46.16 30.48 -41.26
N LEU B 143 47.49 30.51 -41.42
CA LEU B 143 48.12 30.60 -42.72
C LEU B 143 47.85 29.32 -43.50
N SER B 144 47.70 29.49 -44.82
CA SER B 144 47.22 28.45 -45.73
C SER B 144 48.06 27.19 -45.62
N ALA B 145 47.36 26.06 -45.50
CA ALA B 145 47.90 24.71 -45.58
C ALA B 145 48.67 24.54 -46.88
N PRO B 146 49.64 23.58 -46.96
CA PRO B 146 50.32 23.27 -48.22
C PRO B 146 49.36 22.83 -49.33
N SER B 147 49.71 23.21 -50.56
CA SER B 147 49.11 22.70 -51.76
C SER B 147 49.55 21.26 -51.98
N ASP B 148 50.77 20.95 -51.53
CA ASP B 148 51.46 19.70 -51.80
C ASP B 148 51.01 18.64 -50.80
N PRO B 149 51.23 17.32 -51.09
CA PRO B 149 50.81 16.24 -50.19
C PRO B 149 51.28 16.47 -48.75
N SER B 150 50.32 16.48 -47.81
CA SER B 150 50.57 16.98 -46.47
C SER B 150 49.67 16.32 -45.43
N VAL B 151 50.05 16.50 -44.16
CA VAL B 151 49.25 16.10 -43.01
C VAL B 151 49.25 17.24 -41.99
N LYS B 152 48.08 17.47 -41.38
CA LYS B 152 47.88 18.49 -40.36
C LYS B 152 48.47 17.99 -39.05
N LEU B 153 49.79 18.21 -38.89
CA LEU B 153 50.60 17.62 -37.83
C LEU B 153 50.07 18.05 -36.46
N GLY B 154 49.36 19.18 -36.42
CA GLY B 154 48.66 19.61 -35.22
C GLY B 154 48.49 21.13 -35.16
N THR B 155 48.05 21.61 -33.99
CA THR B 155 47.92 23.03 -33.72
C THR B 155 48.58 23.38 -32.39
N VAL B 156 49.28 24.52 -32.39
CA VAL B 156 49.89 25.11 -31.21
C VAL B 156 49.42 26.57 -31.14
N ASN B 157 49.12 27.03 -29.92
CA ASN B 157 48.77 28.42 -29.68
C ASN B 157 49.91 29.07 -28.91
N SER B 158 50.50 30.12 -29.50
CA SER B 158 51.68 30.77 -28.99
C SER B 158 51.35 31.69 -27.81
N SER B 159 50.09 32.10 -27.68
CA SER B 159 49.67 32.86 -26.52
C SER B 159 49.55 31.95 -25.31
N THR B 160 48.85 30.81 -25.48
CA THR B 160 48.37 30.01 -24.38
C THR B 160 49.28 28.83 -24.09
N GLY B 161 49.95 28.33 -25.15
CA GLY B 161 50.74 27.11 -25.05
C GLY B 161 49.89 25.87 -25.23
N SER B 162 48.60 26.06 -25.54
CA SER B 162 47.66 24.97 -25.76
C SER B 162 47.96 24.27 -27.09
N THR B 163 47.77 22.95 -27.10
CA THR B 163 48.04 22.12 -28.25
C THR B 163 47.00 21.01 -28.38
N THR B 164 46.58 20.75 -29.61
CA THR B 164 45.84 19.54 -30.00
C THR B 164 46.32 19.08 -31.38
N ARG B 165 46.02 17.82 -31.72
CA ARG B 165 46.40 17.24 -33.00
C ARG B 165 45.43 16.14 -33.39
N PRO B 166 44.67 16.28 -34.50
CA PRO B 166 43.65 15.30 -34.87
C PRO B 166 44.16 14.04 -35.58
N ASN B 167 45.28 14.16 -36.30
CA ASN B 167 45.69 13.12 -37.23
C ASN B 167 46.75 12.19 -36.61
N ASP B 168 46.70 12.00 -35.29
CA ASP B 168 47.87 11.46 -34.58
C ASP B 168 47.89 9.93 -34.50
N LEU B 169 46.80 9.27 -34.92
CA LEU B 169 46.80 7.83 -35.14
C LEU B 169 45.80 7.46 -36.24
N ALA B 170 45.86 6.20 -36.69
CA ALA B 170 45.17 5.75 -37.89
C ALA B 170 43.66 5.83 -37.73
N ASP B 171 43.02 6.57 -38.64
CA ASP B 171 41.63 6.33 -38.96
C ASP B 171 41.57 5.02 -39.75
N HIS B 172 40.64 4.15 -39.36
CA HIS B 172 40.55 2.82 -39.97
C HIS B 172 39.10 2.45 -40.19
N SER B 173 38.78 2.02 -41.41
CA SER B 173 37.44 1.56 -41.75
C SER B 173 37.51 0.12 -42.26
N VAL B 174 36.72 -0.75 -41.61
CA VAL B 174 36.72 -2.18 -41.85
C VAL B 174 35.27 -2.66 -41.90
N ASP B 175 35.07 -3.90 -42.37
CA ASP B 175 33.75 -4.50 -42.37
C ASP B 175 33.49 -5.15 -41.02
N ALA B 176 34.19 -6.27 -40.76
CA ALA B 176 33.96 -7.04 -39.56
C ALA B 176 35.24 -7.13 -38.74
N LEU B 177 35.13 -6.79 -37.45
CA LEU B 177 36.24 -6.89 -36.51
C LEU B 177 35.99 -8.05 -35.55
N ASN B 178 36.96 -8.97 -35.50
CA ASN B 178 37.00 -10.03 -34.52
C ASN B 178 38.21 -9.80 -33.63
N ALA B 179 37.97 -9.64 -32.32
CA ALA B 179 39.03 -9.28 -31.40
C ALA B 179 38.91 -10.09 -30.11
N THR B 180 39.99 -10.11 -29.32
CA THR B 180 39.95 -10.62 -27.96
C THR B 180 39.36 -9.56 -27.04
N THR B 181 40.02 -8.40 -26.96
CA THR B 181 39.59 -7.30 -26.12
C THR B 181 39.56 -6.00 -26.92
N ILE B 182 38.61 -5.13 -26.56
CA ILE B 182 38.39 -3.85 -27.23
C ILE B 182 38.26 -2.77 -26.16
N ASP B 183 38.95 -1.64 -26.36
CA ASP B 183 39.02 -0.59 -25.37
C ASP B 183 39.09 0.77 -26.07
N ALA B 184 38.00 1.53 -25.97
CA ALA B 184 37.94 2.89 -26.49
C ALA B 184 38.21 3.88 -25.38
N SER B 185 39.07 4.87 -25.69
CA SER B 185 39.41 5.95 -24.77
C SER B 185 38.22 6.90 -24.60
N ASP B 186 37.26 6.82 -25.52
CA ASP B 186 36.08 7.68 -25.54
C ASP B 186 34.84 6.81 -25.76
N THR B 187 34.10 7.07 -26.85
CA THR B 187 32.81 6.45 -27.09
C THR B 187 32.97 5.10 -27.78
N VAL B 188 32.14 4.14 -27.37
CA VAL B 188 31.76 2.99 -28.16
C VAL B 188 30.32 3.19 -28.60
N THR B 189 30.06 3.06 -29.91
CA THR B 189 28.74 3.25 -30.47
C THR B 189 28.40 2.05 -31.36
N GLY B 190 27.16 1.57 -31.23
CA GLY B 190 26.64 0.52 -32.09
C GLY B 190 25.11 0.60 -32.19
N ASP B 191 24.58 0.25 -33.37
CA ASP B 191 23.15 0.27 -33.61
C ASP B 191 22.48 -0.91 -32.93
N THR B 192 23.31 -1.77 -32.31
CA THR B 192 22.89 -2.81 -31.38
C THR B 192 24.12 -3.16 -30.53
N VAL B 193 24.02 -2.90 -29.22
CA VAL B 193 25.06 -3.33 -28.30
C VAL B 193 24.57 -4.58 -27.58
N ASP B 194 25.37 -5.65 -27.67
CA ASP B 194 24.93 -6.98 -27.31
C ASP B 194 25.93 -7.60 -26.33
N ALA B 195 25.59 -7.49 -25.03
CA ALA B 195 26.44 -8.00 -23.97
C ALA B 195 26.02 -9.43 -23.62
N THR B 196 26.67 -10.42 -24.23
CA THR B 196 26.58 -11.78 -23.75
C THR B 196 27.37 -11.88 -22.45
N THR B 197 26.86 -12.69 -21.51
CA THR B 197 27.51 -13.01 -20.24
C THR B 197 27.38 -11.88 -19.22
N THR B 198 27.83 -10.65 -19.53
CA THR B 198 27.93 -9.59 -18.53
C THR B 198 27.80 -8.20 -19.15
N LEU B 199 27.10 -7.30 -18.44
CA LEU B 199 27.15 -5.86 -18.63
C LEU B 199 27.53 -5.19 -17.31
N THR B 200 28.50 -4.26 -17.38
CA THR B 200 28.94 -3.46 -16.25
C THR B 200 28.56 -2.01 -16.51
N ASP B 201 27.90 -1.39 -15.52
CA ASP B 201 27.58 0.03 -15.55
C ASP B 201 28.74 0.83 -14.96
N ALA B 202 28.58 2.16 -14.93
CA ALA B 202 29.64 3.07 -14.51
C ALA B 202 29.91 2.95 -13.00
N ALA B 203 28.91 2.47 -12.25
CA ALA B 203 29.02 2.25 -10.82
C ALA B 203 29.83 0.99 -10.52
N GLY B 204 30.08 0.18 -11.55
CA GLY B 204 30.93 -1.00 -11.46
C GLY B 204 30.19 -2.21 -10.90
N VAL B 205 28.90 -2.32 -11.24
CA VAL B 205 28.05 -3.43 -10.85
C VAL B 205 27.80 -4.29 -12.09
N SER B 206 27.98 -5.61 -11.94
CA SER B 206 27.91 -6.54 -13.05
C SER B 206 26.55 -7.23 -13.11
N HIS B 207 25.90 -7.13 -14.27
CA HIS B 207 24.56 -7.64 -14.50
C HIS B 207 24.61 -8.82 -15.46
N THR B 208 23.93 -9.92 -15.08
CA THR B 208 23.72 -11.07 -15.96
C THR B 208 22.23 -11.17 -16.30
N GLY B 209 21.38 -11.07 -15.26
CA GLY B 209 19.94 -11.06 -15.44
C GLY B 209 19.48 -9.84 -16.24
N GLU B 210 18.25 -9.90 -16.76
CA GLU B 210 17.71 -8.84 -17.61
C GLU B 210 17.48 -7.57 -16.80
N LEU B 211 17.58 -6.42 -17.49
CA LEU B 211 17.47 -5.10 -16.89
C LEU B 211 16.00 -4.66 -16.89
N GLU B 212 15.72 -3.56 -16.17
CA GLU B 212 14.36 -3.04 -16.04
C GLU B 212 14.15 -1.81 -16.91
N ASP B 213 13.01 -1.79 -17.60
CA ASP B 213 12.53 -0.65 -18.38
C ASP B 213 11.78 0.30 -17.45
N ILE B 214 11.59 1.54 -17.92
CA ILE B 214 10.66 2.47 -17.30
C ILE B 214 9.24 1.96 -17.53
N ASN B 215 8.33 2.39 -16.64
CA ASN B 215 6.93 1.97 -16.64
C ASN B 215 6.85 0.48 -16.31
N HIS B 216 7.67 0.03 -15.35
CA HIS B 216 7.68 -1.34 -14.89
C HIS B 216 6.68 -1.53 -13.76
N GLY B 217 6.10 -0.42 -13.28
CA GLY B 217 5.17 -0.40 -12.16
C GLY B 217 3.99 -1.35 -12.34
N SER B 218 3.69 -1.69 -13.60
CA SER B 218 2.62 -2.60 -13.98
C SER B 218 2.81 -3.98 -13.34
N LYS B 219 4.06 -4.32 -12.97
CA LYS B 219 4.40 -5.66 -12.52
C LYS B 219 4.25 -5.79 -11.00
N HIS B 220 4.41 -4.67 -10.28
CA HIS B 220 4.51 -4.67 -8.82
C HIS B 220 3.17 -4.98 -8.13
N GLU B 221 2.06 -4.82 -8.86
CA GLU B 221 0.72 -5.05 -8.35
C GLU B 221 0.49 -6.56 -8.13
N ASP B 222 -0.56 -6.92 -7.38
CA ASP B 222 -0.84 -8.31 -7.07
C ASP B 222 -1.18 -9.08 -8.35
N GLY B 223 -0.72 -10.33 -8.40
CA GLY B 223 -0.93 -11.21 -9.55
C GLY B 223 0.15 -11.03 -10.61
N GLY B 224 0.83 -9.87 -10.55
CA GLY B 224 2.00 -9.61 -11.37
C GLY B 224 3.23 -10.33 -10.82
N SER B 225 4.24 -10.48 -11.69
CA SER B 225 5.57 -10.91 -11.29
C SER B 225 6.26 -9.78 -10.53
N ASP B 226 6.87 -10.13 -9.39
CA ASP B 226 7.60 -9.21 -8.53
C ASP B 226 6.64 -8.30 -7.77
N GLU B 227 5.71 -8.95 -7.05
CA GLU B 227 4.73 -8.35 -6.16
C GLU B 227 5.45 -7.83 -4.90
N ILE B 228 4.98 -6.71 -4.35
CA ILE B 228 5.56 -6.12 -3.16
C ILE B 228 4.59 -6.27 -1.98
N SER B 229 5.16 -6.61 -0.81
CA SER B 229 4.41 -6.75 0.44
C SER B 229 4.45 -5.46 1.23
N VAL B 230 3.26 -5.02 1.67
CA VAL B 230 3.03 -3.65 2.12
C VAL B 230 3.32 -3.51 3.62
N GLY B 231 3.54 -4.64 4.30
CA GLY B 231 3.79 -4.65 5.75
C GLY B 231 4.89 -3.68 6.17
N GLY B 232 4.49 -2.64 6.91
CA GLY B 232 5.42 -1.70 7.51
C GLY B 232 5.45 -0.34 6.81
N LEU B 233 4.81 -0.25 5.64
CA LEU B 233 4.83 0.98 4.84
C LEU B 233 3.91 2.03 5.46
N SER B 234 3.99 3.27 4.95
CA SER B 234 3.44 4.43 5.64
C SER B 234 2.57 5.29 4.72
N GLY B 235 1.60 5.99 5.34
CA GLY B 235 0.69 6.90 4.66
C GLY B 235 -0.76 6.41 4.72
N ASP B 236 -1.67 7.25 4.23
CA ASP B 236 -3.08 6.90 4.13
C ASP B 236 -3.44 6.68 2.66
N LEU B 237 -4.07 5.54 2.39
CA LEU B 237 -4.56 5.19 1.06
C LEU B 237 -5.73 6.09 0.71
N ALA B 238 -5.78 6.53 -0.55
CA ALA B 238 -6.76 7.49 -1.05
C ALA B 238 -8.17 6.90 -1.01
N ASP B 239 -8.24 5.57 -0.99
CA ASP B 239 -9.48 4.84 -0.73
C ASP B 239 -9.50 4.40 0.72
N PRO B 240 -10.67 4.44 1.42
CA PRO B 240 -10.80 3.88 2.76
C PRO B 240 -10.74 2.36 2.74
N GLN B 241 -10.19 1.77 3.80
CA GLN B 241 -9.80 0.38 3.83
C GLN B 241 -10.76 -0.44 4.69
N ASP B 242 -10.83 -1.75 4.40
CA ASP B 242 -11.57 -2.72 5.19
C ASP B 242 -11.08 -2.66 6.65
N PRO B 243 -11.93 -2.26 7.62
CA PRO B 243 -11.51 -2.12 9.00
C PRO B 243 -11.40 -3.46 9.74
N LYS B 244 -10.22 -3.67 10.31
CA LYS B 244 -9.84 -4.81 11.14
C LYS B 244 -10.60 -4.74 12.47
N ALA B 245 -10.74 -5.88 13.14
CA ALA B 245 -11.57 -6.03 14.34
C ALA B 245 -11.19 -5.00 15.41
N HIS B 246 -12.19 -4.27 15.91
CA HIS B 246 -11.94 -3.11 16.77
C HIS B 246 -13.13 -2.74 17.64
N ALA B 247 -14.08 -3.66 17.82
CA ALA B 247 -15.28 -3.39 18.63
C ALA B 247 -14.90 -2.77 19.97
N ALA B 248 -13.93 -3.39 20.66
CA ALA B 248 -13.55 -3.07 22.03
C ALA B 248 -12.91 -1.68 22.15
N SER B 249 -12.48 -1.11 21.01
CA SER B 249 -11.79 0.17 21.00
C SER B 249 -12.74 1.33 21.26
N HIS B 250 -14.05 1.10 21.06
CA HIS B 250 -15.08 2.12 21.15
C HIS B 250 -15.53 2.37 22.59
N SER B 251 -14.97 1.61 23.55
CA SER B 251 -15.46 1.50 24.92
C SER B 251 -15.32 2.82 25.70
N ALA B 252 -15.91 2.83 26.91
CA ALA B 252 -16.25 4.02 27.68
C ALA B 252 -15.08 5.00 27.83
N ASP B 253 -13.86 4.49 28.05
CA ASP B 253 -12.73 5.35 28.34
C ASP B 253 -11.49 4.95 27.54
N SER B 254 -11.68 4.13 26.50
CA SER B 254 -10.63 3.86 25.52
C SER B 254 -10.56 4.99 24.50
N ALA B 255 -9.74 4.82 23.46
CA ALA B 255 -9.42 5.87 22.50
C ALA B 255 -10.67 6.32 21.74
N ASP B 256 -11.32 5.38 21.06
CA ASP B 256 -12.63 5.61 20.47
C ASP B 256 -13.68 5.59 21.59
N GLU B 257 -14.65 6.49 21.48
CA GLU B 257 -15.69 6.64 22.49
C GLU B 257 -16.99 7.03 21.80
N ILE B 258 -17.92 6.06 21.71
CA ILE B 258 -19.24 6.33 21.18
C ILE B 258 -20.25 6.29 22.33
N SER B 259 -20.77 7.48 22.68
CA SER B 259 -21.74 7.63 23.75
C SER B 259 -23.13 7.26 23.23
N VAL B 260 -23.91 6.59 24.08
CA VAL B 260 -25.15 5.94 23.66
C VAL B 260 -26.17 6.97 23.15
N GLU B 261 -26.11 8.19 23.69
CA GLU B 261 -27.02 9.26 23.32
C GLU B 261 -26.79 9.73 21.89
N ASN B 262 -25.66 9.33 21.29
CA ASN B 262 -25.33 9.70 19.91
C ASN B 262 -25.99 8.74 18.92
N LEU B 263 -26.33 7.53 19.40
CA LEU B 263 -26.64 6.42 18.53
C LEU B 263 -28.08 6.50 18.00
N SER B 264 -28.31 5.80 16.88
CA SER B 264 -29.62 5.68 16.28
C SER B 264 -30.47 4.71 17.10
N THR B 265 -31.80 4.95 17.05
CA THR B 265 -32.78 3.92 17.34
C THR B 265 -33.98 4.10 16.40
N THR B 266 -34.61 2.99 16.05
CA THR B 266 -35.82 2.98 15.25
C THR B 266 -37.04 3.18 16.15
N GLY B 267 -36.85 2.91 17.45
CA GLY B 267 -37.91 2.79 18.43
C GLY B 267 -38.81 4.03 18.49
N SER B 268 -40.09 3.79 18.79
CA SER B 268 -41.09 4.83 19.03
C SER B 268 -40.66 5.67 20.24
N ALA B 269 -41.33 6.81 20.44
CA ALA B 269 -41.06 7.67 21.57
C ALA B 269 -41.27 6.90 22.88
N ASP B 270 -40.40 7.19 23.87
CA ASP B 270 -40.45 6.66 25.22
C ASP B 270 -39.95 5.23 25.30
N THR B 271 -39.56 4.62 24.17
CA THR B 271 -39.03 3.27 24.17
C THR B 271 -37.64 3.24 24.79
N VAL B 272 -37.31 2.10 25.40
CA VAL B 272 -36.08 1.89 26.14
C VAL B 272 -35.50 0.55 25.70
N PRO B 273 -34.17 0.44 25.47
CA PRO B 273 -33.53 -0.84 25.18
C PRO B 273 -33.58 -1.78 26.39
N ILE B 274 -34.49 -2.75 26.33
CA ILE B 274 -34.56 -3.80 27.34
C ILE B 274 -33.85 -5.04 26.79
N SER B 275 -33.00 -5.63 27.63
CA SER B 275 -32.38 -6.91 27.33
C SER B 275 -33.47 -7.98 27.37
N GLN B 276 -33.50 -8.81 26.32
CA GLN B 276 -34.46 -9.89 26.24
C GLN B 276 -33.99 -11.06 27.11
N GLY B 277 -32.74 -10.99 27.57
CA GLY B 277 -31.95 -12.19 27.82
C GLY B 277 -31.61 -12.83 26.47
N ASP B 278 -30.59 -13.70 26.46
CA ASP B 278 -30.08 -14.25 25.22
C ASP B 278 -29.60 -13.13 24.31
N GLY B 279 -28.82 -12.20 24.88
CA GLY B 279 -27.98 -11.29 24.13
C GLY B 279 -28.66 -10.01 23.67
N THR B 280 -29.73 -10.17 22.87
CA THR B 280 -30.28 -9.12 22.03
C THR B 280 -31.03 -8.09 22.88
N LEU B 281 -30.79 -6.80 22.57
CA LEU B 281 -31.58 -5.69 23.09
C LEU B 281 -32.82 -5.52 22.21
N SER B 282 -33.89 -4.95 22.82
CA SER B 282 -35.15 -4.71 22.13
C SER B 282 -35.82 -3.47 22.68
N MET B 283 -36.59 -2.78 21.83
CA MET B 283 -37.15 -1.48 22.17
C MET B 283 -38.56 -1.62 22.72
N GLY B 284 -38.65 -2.06 23.98
CA GLY B 284 -39.89 -2.03 24.75
C GLY B 284 -40.11 -0.67 25.39
N SER B 285 -41.13 -0.59 26.26
CA SER B 285 -41.43 0.63 26.99
C SER B 285 -41.69 0.30 28.46
N ILE B 286 -40.99 1.02 29.36
CA ILE B 286 -41.19 0.89 30.79
C ILE B 286 -41.97 2.10 31.28
N VAL B 287 -43.13 1.82 31.89
CA VAL B 287 -44.10 2.84 32.25
C VAL B 287 -44.19 2.92 33.78
N PRO B 288 -43.71 4.03 34.41
CA PRO B 288 -43.97 4.27 35.82
C PRO B 288 -45.41 4.74 35.97
N THR B 289 -46.02 4.43 37.11
CA THR B 289 -47.40 4.84 37.37
C THR B 289 -47.39 6.31 37.76
N ASP B 290 -48.55 6.96 37.60
CA ASP B 290 -48.83 8.19 38.31
C ASP B 290 -49.17 7.81 39.76
N LEU B 291 -49.71 8.77 40.53
CA LEU B 291 -50.01 8.59 41.94
C LEU B 291 -48.75 8.15 42.67
N GLN B 292 -47.67 8.91 42.46
CA GLN B 292 -46.35 8.55 42.95
C GLN B 292 -46.25 8.80 44.45
N TRP B 293 -45.72 7.80 45.18
CA TRP B 293 -45.41 7.87 46.59
C TRP B 293 -43.94 7.48 46.78
N ARG B 294 -43.22 8.19 47.66
CA ARG B 294 -41.79 8.00 47.87
C ARG B 294 -41.45 8.09 49.35
N GLU B 295 -40.50 7.23 49.79
CA GLU B 295 -40.14 7.04 51.19
C GLU B 295 -39.22 8.15 51.69
N ASP B 296 -39.17 8.34 53.02
CA ASP B 296 -38.14 9.14 53.67
C ASP B 296 -37.25 8.22 54.51
N SER B 297 -37.76 7.80 55.67
CA SER B 297 -37.00 7.00 56.63
C SER B 297 -37.80 5.77 57.05
N ASN B 298 -37.40 4.63 56.46
CA ASN B 298 -37.94 3.31 56.75
C ASN B 298 -37.80 3.03 58.24
N SER B 299 -38.93 2.79 58.89
CA SER B 299 -39.09 2.99 60.33
C SER B 299 -38.36 1.94 61.16
N PRO B 300 -37.81 2.33 62.34
CA PRO B 300 -37.15 1.38 63.24
C PRO B 300 -38.07 0.34 63.84
N GLN B 301 -37.48 -0.84 64.06
CA GLN B 301 -38.01 -1.93 64.86
C GLN B 301 -38.17 -1.46 66.31
N THR B 302 -39.18 -2.02 66.99
CA THR B 302 -39.20 -2.09 68.44
C THR B 302 -39.83 -3.41 68.83
N ASP B 303 -39.39 -3.96 69.97
CA ASP B 303 -39.95 -5.16 70.57
C ASP B 303 -39.68 -5.12 72.06
N THR B 304 -40.48 -5.89 72.83
CA THR B 304 -40.37 -6.08 74.27
C THR B 304 -40.36 -4.74 75.01
N ASN B 305 -40.87 -3.69 74.35
CA ASN B 305 -40.73 -2.33 74.83
C ASN B 305 -41.82 -1.43 74.24
N VAL B 306 -42.16 -0.38 75.00
CA VAL B 306 -42.96 0.75 74.54
C VAL B 306 -42.31 1.29 73.26
N GLY B 307 -43.16 1.65 72.29
CA GLY B 307 -42.73 2.14 70.99
C GLY B 307 -41.76 3.31 71.08
N THR B 308 -40.60 3.16 70.44
CA THR B 308 -39.58 4.19 70.33
C THR B 308 -40.06 5.23 69.31
N SER B 309 -41.11 5.97 69.67
CA SER B 309 -41.99 6.54 68.68
C SER B 309 -41.59 7.96 68.27
N THR B 310 -40.62 8.02 67.35
CA THR B 310 -40.49 9.08 66.37
C THR B 310 -40.31 8.39 65.02
N TYR B 311 -41.18 7.41 64.76
CA TYR B 311 -40.89 6.28 63.88
C TYR B 311 -40.46 6.70 62.48
N THR B 312 -40.88 7.89 62.06
CA THR B 312 -40.25 8.54 60.92
C THR B 312 -40.16 10.04 61.17
N ILE B 313 -39.21 10.68 60.47
CA ILE B 313 -39.09 12.12 60.44
C ILE B 313 -38.94 12.54 58.98
N ALA B 314 -40.09 12.59 58.28
CA ALA B 314 -40.15 12.76 56.84
C ALA B 314 -39.91 14.23 56.46
N ASP B 315 -39.42 14.43 55.23
CA ASP B 315 -39.26 15.74 54.62
C ASP B 315 -40.62 16.32 54.26
N THR B 316 -40.63 17.60 53.85
CA THR B 316 -41.85 18.36 53.57
C THR B 316 -42.45 17.92 52.23
N PHE B 317 -43.01 16.71 52.23
CA PHE B 317 -44.04 16.33 51.28
C PHE B 317 -45.36 16.83 51.86
N ASP B 318 -46.29 17.21 50.99
CA ASP B 318 -47.51 17.88 51.42
C ASP B 318 -48.49 16.90 52.05
N GLU B 319 -48.30 15.60 51.80
CA GLU B 319 -49.14 14.53 52.32
C GLU B 319 -48.30 13.29 52.58
N TYR B 320 -48.40 12.73 53.80
CA TYR B 320 -47.71 11.51 54.16
C TYR B 320 -48.70 10.35 54.28
N LEU B 321 -48.25 9.15 53.92
CA LEU B 321 -49.02 7.91 54.09
C LEU B 321 -48.25 6.97 55.01
N ILE B 322 -48.69 6.90 56.27
CA ILE B 322 -48.14 6.00 57.28
C ILE B 322 -48.78 4.63 57.10
N ARG B 323 -47.97 3.57 57.24
CA ARG B 323 -48.43 2.19 57.27
C ARG B 323 -47.71 1.48 58.41
N VAL B 324 -48.43 0.58 59.12
CA VAL B 324 -47.90 -0.05 60.32
C VAL B 324 -47.94 -1.57 60.21
N GLN B 325 -47.07 -2.22 61.01
CA GLN B 325 -47.04 -3.66 61.28
C GLN B 325 -46.71 -3.83 62.77
N VAL B 326 -47.47 -4.68 63.48
CA VAL B 326 -47.44 -4.70 64.94
C VAL B 326 -47.54 -6.14 65.49
N PHE B 327 -46.90 -6.35 66.66
CA PHE B 327 -46.93 -7.56 67.48
C PHE B 327 -46.95 -7.17 68.96
N GLU B 328 -47.66 -7.94 69.81
CA GLU B 328 -47.88 -7.57 71.22
C GLU B 328 -48.31 -8.77 72.08
N GLU B 329 -48.30 -8.54 73.40
CA GLU B 329 -48.72 -9.45 74.48
C GLU B 329 -50.24 -9.50 74.57
N SER B 330 -50.78 -10.72 74.50
CA SER B 330 -52.21 -11.00 74.48
C SER B 330 -52.84 -10.85 75.87
N SER B 331 -52.00 -10.71 76.89
CA SER B 331 -52.45 -10.48 78.25
C SER B 331 -52.94 -9.05 78.43
N ALA B 332 -52.39 -8.11 77.63
CA ALA B 332 -52.80 -6.71 77.73
C ALA B 332 -52.72 -5.99 76.37
N PRO B 333 -53.54 -6.38 75.35
CA PRO B 333 -53.72 -5.53 74.17
C PRO B 333 -54.63 -4.35 74.50
N GLY B 334 -54.57 -3.31 73.65
CA GLY B 334 -55.40 -2.13 73.84
C GLY B 334 -55.20 -1.08 72.76
N THR B 335 -54.86 0.14 73.18
CA THR B 335 -54.62 1.23 72.25
C THR B 335 -53.15 1.25 71.82
N VAL B 336 -52.96 1.38 70.50
CA VAL B 336 -51.80 2.03 69.93
C VAL B 336 -52.07 3.53 70.05
N GLU B 337 -51.60 4.11 71.17
CA GLU B 337 -51.85 5.50 71.55
C GLU B 337 -51.39 6.43 70.44
N LEU B 338 -52.30 7.25 69.92
CA LEU B 338 -51.93 8.35 69.04
C LEU B 338 -52.53 9.67 69.55
N ARG B 339 -52.40 9.85 70.87
CA ARG B 339 -52.68 11.12 71.54
C ARG B 339 -51.58 12.11 71.17
N ALA B 340 -50.37 11.58 70.89
CA ALA B 340 -49.19 12.32 70.49
C ALA B 340 -48.78 13.31 71.58
N GLU B 341 -48.05 14.35 71.19
CA GLU B 341 -47.72 15.47 72.06
C GLU B 341 -48.19 16.77 71.39
N GLY B 342 -47.98 17.90 72.07
CA GLY B 342 -48.24 19.22 71.51
C GLY B 342 -47.30 19.52 70.35
N ASN B 343 -47.80 19.30 69.13
CA ASN B 343 -47.05 19.38 67.88
C ASN B 343 -46.76 20.86 67.55
N SER B 344 -45.96 21.07 66.49
CA SER B 344 -45.47 22.38 66.08
C SER B 344 -46.62 23.34 65.76
N GLN B 345 -47.69 22.81 65.16
CA GLN B 345 -48.94 23.53 64.97
C GLN B 345 -50.09 22.65 65.45
N SER B 346 -51.09 23.27 66.09
CA SER B 346 -52.08 22.56 66.90
C SER B 346 -53.30 22.13 66.07
N SER B 347 -53.04 21.55 64.89
CA SER B 347 -54.08 20.98 64.07
C SER B 347 -54.39 19.56 64.54
N TYR B 348 -55.67 19.32 64.89
CA TYR B 348 -56.17 18.01 65.23
C TYR B 348 -57.67 17.96 64.91
N ASP B 349 -58.17 16.74 64.68
CA ASP B 349 -59.57 16.42 64.96
C ASP B 349 -59.68 14.97 65.41
N TYR B 350 -60.74 14.68 66.19
CA TYR B 350 -60.69 13.65 67.22
C TYR B 350 -61.66 12.49 66.94
N ILE B 351 -62.46 12.62 65.87
CA ILE B 351 -63.64 11.80 65.62
C ILE B 351 -63.27 10.31 65.54
N SER B 352 -64.00 9.49 66.31
CA SER B 352 -63.90 8.04 66.28
C SER B 352 -64.83 7.47 65.19
N GLU B 353 -65.20 6.18 65.29
CA GLU B 353 -65.91 5.52 64.21
C GLU B 353 -67.34 6.07 64.07
N ASP B 354 -68.17 5.86 65.09
CA ASP B 354 -69.53 6.37 65.10
C ASP B 354 -69.65 7.49 66.14
N GLY B 355 -68.63 7.57 67.00
CA GLY B 355 -68.64 8.32 68.25
C GLY B 355 -68.84 9.83 68.09
N THR B 356 -68.53 10.35 66.89
CA THR B 356 -68.92 11.67 66.41
C THR B 356 -68.13 12.79 67.11
N THR B 357 -67.57 12.49 68.29
CA THR B 357 -66.96 13.45 69.20
C THR B 357 -65.95 12.73 70.09
N THR B 358 -64.93 13.47 70.56
CA THR B 358 -63.99 13.06 71.60
C THR B 358 -63.43 14.31 72.29
N SER B 359 -63.05 14.15 73.57
CA SER B 359 -62.50 15.21 74.40
C SER B 359 -61.12 15.65 73.89
N ALA B 360 -60.82 16.95 74.09
CA ALA B 360 -59.58 17.60 73.68
C ALA B 360 -58.96 18.33 74.88
N ALA B 361 -57.62 18.33 74.94
CA ALA B 361 -56.86 18.97 76.00
C ALA B 361 -55.48 19.40 75.51
N THR B 362 -54.65 19.93 76.42
CA THR B 362 -53.34 20.49 76.15
C THR B 362 -52.44 19.44 75.46
N SER B 363 -52.49 18.22 75.98
CA SER B 363 -52.15 17.02 75.22
C SER B 363 -53.38 16.13 75.16
N ILE B 364 -53.53 15.37 74.06
CA ILE B 364 -54.79 14.76 73.64
C ILE B 364 -55.29 13.79 74.71
N PRO B 365 -56.59 13.87 75.09
CA PRO B 365 -57.26 12.81 75.85
C PRO B 365 -57.32 11.42 75.20
N CYS B 366 -57.99 11.28 74.04
CA CYS B 366 -58.38 9.96 73.55
C CYS B 366 -58.39 9.86 72.01
N ILE B 367 -57.20 9.94 71.39
CA ILE B 367 -57.04 9.54 69.99
C ILE B 367 -56.21 8.26 69.96
N GLU B 368 -56.77 7.21 69.33
CA GLU B 368 -56.28 5.85 69.49
C GLU B 368 -56.27 5.11 68.14
N LEU B 369 -55.35 4.13 68.03
CA LEU B 369 -55.34 3.15 66.95
C LEU B 369 -55.45 1.76 67.58
N GLN B 370 -56.13 0.83 66.90
CA GLN B 370 -56.83 -0.23 67.61
C GLN B 370 -56.17 -1.60 67.42
N ALA B 371 -55.73 -2.19 68.55
CA ALA B 371 -55.14 -3.51 68.60
C ALA B 371 -56.16 -4.60 68.32
N ASP B 372 -57.42 -4.37 68.72
CA ASP B 372 -58.48 -5.37 68.64
C ASP B 372 -59.76 -4.71 68.16
N SER B 373 -60.23 -5.13 66.96
CA SER B 373 -61.18 -4.39 66.14
C SER B 373 -62.35 -3.84 66.94
N SER B 374 -62.51 -2.51 66.88
CA SER B 374 -63.53 -1.80 67.63
C SER B 374 -63.86 -0.45 66.99
N THR B 375 -64.60 0.37 67.76
CA THR B 375 -65.13 1.66 67.36
C THR B 375 -64.02 2.70 67.22
N ILE B 376 -62.82 2.35 67.70
CA ILE B 376 -61.68 3.26 67.74
C ILE B 376 -61.26 3.63 66.32
N SER B 377 -61.26 4.93 66.02
CA SER B 377 -61.04 5.50 64.70
C SER B 377 -60.56 6.94 64.81
N VAL B 378 -60.03 7.52 63.71
CA VAL B 378 -59.33 8.81 63.74
C VAL B 378 -59.63 9.62 62.46
N PHE B 379 -60.11 10.87 62.62
CA PHE B 379 -60.38 11.75 61.50
C PHE B 379 -60.16 13.22 61.87
N GLY B 380 -59.32 13.89 61.08
CA GLY B 380 -58.99 15.31 61.21
C GLY B 380 -58.08 15.80 60.08
N ALA B 381 -57.76 17.11 60.11
CA ALA B 381 -56.88 17.77 59.15
C ALA B 381 -55.55 17.04 59.08
N SER B 382 -54.87 16.96 60.23
CA SER B 382 -53.91 15.90 60.48
C SER B 382 -54.67 14.69 61.02
N GLY B 383 -54.57 13.56 60.31
CA GLY B 383 -55.01 12.26 60.80
C GLY B 383 -56.33 11.78 60.19
N ARG B 384 -56.21 11.02 59.09
CA ARG B 384 -57.29 10.26 58.46
C ARG B 384 -56.95 8.78 58.53
N PHE B 385 -57.96 7.92 58.73
CA PHE B 385 -57.76 6.54 59.15
C PHE B 385 -58.65 5.59 58.34
N SER B 386 -58.29 4.30 58.34
CA SER B 386 -58.92 3.30 57.49
C SER B 386 -59.09 1.96 58.21
N GLY B 387 -59.57 2.00 59.46
CA GLY B 387 -60.10 0.82 60.10
C GLY B 387 -59.06 0.02 60.88
N GLN B 388 -59.55 -1.07 61.50
CA GLN B 388 -58.95 -1.67 62.68
C GLN B 388 -58.59 -3.14 62.42
N TRP B 389 -57.52 -3.59 63.09
CA TRP B 389 -57.09 -4.98 63.07
C TRP B 389 -57.55 -5.68 64.35
N GLU B 390 -57.02 -6.88 64.62
CA GLU B 390 -57.59 -7.81 65.60
C GLU B 390 -56.48 -8.45 66.44
N PHE B 391 -56.78 -8.84 67.69
CA PHE B 391 -55.75 -9.34 68.58
C PHE B 391 -55.65 -10.87 68.57
N ARG B 392 -55.24 -11.41 67.41
CA ARG B 392 -54.82 -12.80 67.26
C ARG B 392 -54.32 -13.05 65.83
N SER B 393 -53.48 -14.09 65.72
CA SER B 393 -53.30 -14.84 64.49
C SER B 393 -53.92 -16.22 64.72
N GLN B 394 -53.06 -17.18 65.10
CA GLN B 394 -53.43 -18.38 65.84
C GLN B 394 -53.91 -17.93 67.22
N PRO B 395 -54.86 -18.65 67.88
CA PRO B 395 -55.34 -18.25 69.21
C PRO B 395 -54.32 -17.88 70.29
N ASN B 396 -53.16 -18.57 70.31
CA ASN B 396 -52.09 -18.29 71.26
C ASN B 396 -51.11 -17.28 70.66
N THR B 397 -50.24 -16.74 71.52
CA THR B 397 -49.33 -15.62 71.21
C THR B 397 -48.54 -15.89 69.93
N SER B 398 -48.59 -14.92 69.01
CA SER B 398 -48.03 -15.02 67.67
C SER B 398 -47.68 -13.63 67.14
N THR B 399 -46.84 -13.56 66.10
CA THR B 399 -46.29 -12.32 65.58
C THR B 399 -47.23 -11.63 64.60
N ASN B 400 -48.07 -12.41 63.91
CA ASN B 400 -48.69 -12.00 62.66
C ASN B 400 -50.06 -11.35 62.93
N LEU B 401 -50.05 -10.14 63.50
CA LEU B 401 -51.22 -9.62 64.20
C LEU B 401 -51.91 -8.46 63.48
N ALA B 402 -51.14 -7.52 62.89
CA ALA B 402 -51.63 -6.16 62.73
C ALA B 402 -51.11 -5.45 61.49
N THR B 403 -51.99 -4.68 60.82
CA THR B 403 -51.63 -3.58 59.93
C THR B 403 -52.75 -2.52 59.88
N ALA B 404 -52.35 -1.29 59.55
CA ALA B 404 -53.26 -0.18 59.27
C ALA B 404 -52.58 0.83 58.34
N GLY B 405 -53.39 1.60 57.61
CA GLY B 405 -52.93 2.74 56.82
C GLY B 405 -53.63 4.02 57.23
N PHE B 406 -52.85 5.09 57.48
CA PHE B 406 -53.39 6.38 57.84
C PHE B 406 -52.48 7.50 57.33
N LEU B 407 -53.04 8.70 57.18
CA LEU B 407 -52.36 9.79 56.50
C LEU B 407 -52.63 11.13 57.17
N ALA B 408 -51.79 12.12 56.84
CA ALA B 408 -51.90 13.49 57.32
C ALA B 408 -51.34 14.46 56.29
N VAL B 409 -51.90 15.67 56.26
CA VAL B 409 -51.42 16.79 55.47
C VAL B 409 -50.31 17.47 56.26
N ILE B 410 -49.54 18.34 55.59
CA ILE B 410 -48.78 19.36 56.29
C ILE B 410 -49.78 20.38 56.86
N SER B 411 -49.81 20.47 58.20
CA SER B 411 -50.47 21.56 58.89
C SER B 411 -49.40 22.47 59.47
N SER B 412 -48.48 21.86 60.24
CA SER B 412 -47.10 22.29 60.33
C SER B 412 -46.40 21.79 59.07
N PRO B 413 -45.35 22.48 58.55
CA PRO B 413 -44.58 21.96 57.41
C PRO B 413 -43.96 20.56 57.61
N LEU B 414 -44.02 20.05 58.85
CA LEU B 414 -43.36 18.79 59.22
C LEU B 414 -44.16 18.04 60.28
N GLY B 415 -43.52 17.00 60.83
CA GLY B 415 -44.03 16.21 61.94
C GLY B 415 -43.23 14.94 62.16
N SER B 416 -43.34 14.41 63.40
CA SER B 416 -42.93 13.07 63.77
C SER B 416 -43.92 12.55 64.82
N LEU B 417 -44.26 11.26 64.73
CA LEU B 417 -45.44 10.74 65.41
C LEU B 417 -45.06 9.89 66.62
N GLU B 418 -45.75 10.13 67.74
CA GLU B 418 -45.50 9.54 69.05
C GLU B 418 -46.48 8.39 69.31
N LEU B 419 -46.20 7.60 70.37
CA LEU B 419 -46.95 6.38 70.70
C LEU B 419 -46.57 5.86 72.09
N PHE B 420 -47.52 5.14 72.72
CA PHE B 420 -47.39 4.46 74.01
C PHE B 420 -48.25 3.20 73.99
N ARG B 421 -47.88 2.19 74.81
CA ARG B 421 -48.68 0.99 74.98
C ARG B 421 -48.41 0.36 76.36
N ALA B 422 -49.48 0.28 77.17
CA ALA B 422 -49.40 0.08 78.61
C ALA B 422 -48.82 -1.29 78.99
N ALA B 423 -48.91 -2.26 78.08
CA ALA B 423 -48.44 -3.62 78.31
C ALA B 423 -46.91 -3.68 78.37
N ASN B 424 -46.27 -2.65 77.78
CA ASN B 424 -44.83 -2.58 77.52
C ASN B 424 -44.45 -3.50 76.36
N ASN B 425 -45.01 -4.71 76.33
CA ASN B 425 -44.47 -5.81 75.54
C ASN B 425 -44.91 -5.73 74.08
N PHE B 426 -44.87 -4.49 73.54
CA PHE B 426 -45.26 -4.10 72.20
C PHE B 426 -44.10 -4.35 71.23
N SER B 427 -44.44 -4.50 69.94
CA SER B 427 -43.47 -4.68 68.85
C SER B 427 -44.06 -4.13 67.54
N VAL B 428 -43.18 -3.65 66.63
CA VAL B 428 -43.62 -2.80 65.53
C VAL B 428 -42.56 -2.67 64.42
N THR B 429 -43.07 -2.40 63.21
CA THR B 429 -42.38 -1.72 62.11
C THR B 429 -43.37 -0.82 61.39
N TRP B 430 -42.91 0.36 60.93
CA TRP B 430 -43.70 1.24 60.10
C TRP B 430 -43.09 1.39 58.71
N GLU B 431 -43.92 1.87 57.77
CA GLU B 431 -43.50 2.52 56.54
C GLU B 431 -44.02 3.96 56.56
N VAL B 432 -43.43 4.82 55.71
CA VAL B 432 -43.99 6.13 55.40
C VAL B 432 -43.64 6.48 53.96
N PHE B 433 -44.55 7.21 53.30
CA PHE B 433 -44.32 7.71 51.96
C PHE B 433 -44.94 9.10 51.80
N GLY B 434 -44.32 9.90 50.93
CA GLY B 434 -44.76 11.26 50.68
C GLY B 434 -45.42 11.41 49.32
N ARG B 435 -46.38 12.34 49.25
CA ARG B 435 -47.11 12.72 48.06
C ARG B 435 -47.30 14.23 48.10
N ASP B 436 -47.24 14.89 46.93
CA ASP B 436 -47.14 16.34 46.88
C ASP B 436 -48.29 16.98 46.10
N ILE B 437 -49.15 17.71 46.84
CA ILE B 437 -50.05 18.74 46.33
C ILE B 437 -50.09 19.86 47.37
N GLY B 438 -49.72 21.08 46.94
CA GLY B 438 -49.64 22.25 47.81
C GLY B 438 -50.98 22.62 48.46
N PRO B 439 -50.98 23.36 49.59
CA PRO B 439 -52.21 23.72 50.30
C PRO B 439 -52.95 24.93 49.71
N ALA B 440 -53.01 24.98 48.36
CA ALA B 440 -53.59 26.10 47.63
C ALA B 440 -54.13 25.63 46.29
N GLY B 441 -53.87 26.41 45.23
CA GLY B 441 -54.43 26.21 43.91
C GLY B 441 -53.46 25.52 42.94
N VAL B 442 -52.24 25.22 43.41
CA VAL B 442 -51.19 24.64 42.58
C VAL B 442 -50.53 23.49 43.36
N PRO B 443 -50.27 22.32 42.72
CA PRO B 443 -49.45 21.26 43.32
C PRO B 443 -48.08 21.75 43.81
N ALA C 2 32.49 -17.78 -69.20
CA ALA C 2 32.37 -16.59 -68.30
C ALA C 2 33.70 -15.83 -68.28
N ASP C 3 33.77 -14.80 -69.12
CA ASP C 3 35.00 -14.09 -69.44
C ASP C 3 34.68 -12.66 -69.88
N THR C 4 35.52 -11.73 -69.43
CA THR C 4 35.66 -10.39 -69.96
C THR C 4 37.09 -9.95 -69.67
N THR C 5 38.01 -10.25 -70.59
CA THR C 5 39.42 -9.96 -70.42
C THR C 5 39.61 -8.44 -70.46
N ILE C 6 39.91 -7.85 -69.29
CA ILE C 6 40.01 -6.41 -69.14
C ILE C 6 41.31 -5.94 -69.79
N ILE C 7 41.20 -4.93 -70.66
CA ILE C 7 42.27 -4.51 -71.55
C ILE C 7 43.34 -3.73 -70.80
N ASP C 8 43.02 -3.24 -69.59
CA ASP C 8 43.86 -2.23 -68.96
C ASP C 8 44.07 -2.45 -67.46
N ALA C 9 43.44 -3.48 -66.88
CA ALA C 9 43.65 -3.86 -65.49
C ALA C 9 45.09 -4.33 -65.29
N VAL C 10 45.64 -4.12 -64.09
CA VAL C 10 46.98 -4.59 -63.75
C VAL C 10 46.97 -5.30 -62.40
N VAL C 11 47.91 -6.25 -62.24
CA VAL C 11 48.09 -7.06 -61.04
C VAL C 11 49.55 -7.02 -60.63
N PHE C 12 49.78 -6.95 -59.31
CA PHE C 12 51.12 -6.91 -58.71
C PHE C 12 51.06 -7.60 -57.36
N PRO C 13 52.14 -8.26 -56.84
CA PRO C 13 53.36 -8.55 -57.61
C PRO C 13 53.38 -9.93 -58.27
N GLN C 14 54.22 -10.07 -59.30
CA GLN C 14 54.38 -11.32 -60.03
C GLN C 14 55.84 -11.48 -60.47
N ASP C 15 56.37 -12.70 -60.33
CA ASP C 15 57.73 -13.06 -60.68
C ASP C 15 57.81 -14.55 -61.02
N ASP C 16 59.04 -15.06 -61.21
CA ASP C 16 59.32 -16.45 -61.56
C ASP C 16 58.68 -17.42 -60.57
N GLY C 17 58.41 -16.95 -59.35
CA GLY C 17 57.91 -17.77 -58.26
C GLY C 17 56.40 -17.78 -58.17
N THR C 18 55.78 -16.74 -58.71
CA THR C 18 54.36 -16.77 -59.06
C THR C 18 54.26 -17.50 -60.40
N GLY C 19 53.03 -17.57 -60.94
CA GLY C 19 52.83 -18.12 -62.27
C GLY C 19 53.05 -17.06 -63.34
N VAL C 20 54.32 -16.77 -63.68
CA VAL C 20 54.68 -16.08 -64.90
C VAL C 20 55.99 -16.67 -65.42
N SER C 21 56.19 -16.60 -66.75
CA SER C 21 57.39 -17.11 -67.39
C SER C 21 58.58 -16.26 -66.99
N ASN C 22 59.79 -16.83 -67.17
CA ASN C 22 61.04 -16.36 -66.58
C ASN C 22 61.32 -14.89 -66.91
N GLY C 23 60.89 -14.45 -68.10
CA GLY C 23 61.12 -13.09 -68.55
C GLY C 23 59.97 -12.15 -68.19
N ASP C 24 58.78 -12.72 -67.93
CA ASP C 24 57.54 -11.97 -67.82
C ASP C 24 57.27 -11.56 -66.37
N GLU C 25 58.32 -11.13 -65.66
CA GLU C 25 58.18 -10.63 -64.31
C GLU C 25 57.72 -9.18 -64.37
N ASP C 26 56.85 -8.78 -63.43
CA ASP C 26 56.35 -7.42 -63.32
C ASP C 26 57.53 -6.48 -63.07
N TYR C 27 57.60 -5.40 -63.86
CA TYR C 27 58.55 -4.33 -63.59
C TYR C 27 58.07 -3.53 -62.38
N ASP C 28 59.03 -3.18 -61.52
CA ASP C 28 58.77 -2.54 -60.24
C ASP C 28 58.29 -1.11 -60.45
N SER C 29 57.42 -0.64 -59.56
CA SER C 29 56.93 0.73 -59.57
C SER C 29 56.64 1.19 -58.14
N ALA C 30 56.86 2.49 -57.91
CA ALA C 30 56.60 3.14 -56.63
C ALA C 30 55.13 2.99 -56.27
N GLY C 31 54.26 3.15 -57.26
CA GLY C 31 52.82 3.09 -57.09
C GLY C 31 52.34 1.70 -56.65
N TYR C 32 53.00 0.66 -57.18
CA TYR C 32 52.68 -0.71 -56.83
C TYR C 32 52.98 -0.99 -55.36
N LEU C 33 54.17 -0.55 -54.90
CA LEU C 33 54.59 -0.73 -53.52
C LEU C 33 53.65 0.03 -52.58
N ALA C 34 53.28 1.25 -52.99
CA ALA C 34 52.42 2.12 -52.19
C ALA C 34 51.02 1.51 -52.07
N SER C 35 50.52 0.94 -53.17
CA SER C 35 49.18 0.37 -53.19
C SER C 35 49.14 -0.99 -52.51
N LEU C 36 50.28 -1.71 -52.53
CA LEU C 36 50.37 -3.02 -51.90
C LEU C 36 50.44 -2.86 -50.38
N ALA C 37 51.15 -1.83 -49.93
CA ALA C 37 51.33 -1.56 -48.51
C ALA C 37 49.99 -1.25 -47.84
N ARG C 38 48.98 -0.91 -48.66
CA ARG C 38 47.67 -0.49 -48.20
C ARG C 38 46.87 -1.69 -47.70
N TYR C 39 47.37 -2.92 -47.93
CA TYR C 39 46.72 -4.13 -47.45
C TYR C 39 46.66 -4.12 -45.92
N ALA C 40 45.53 -4.60 -45.37
CA ALA C 40 45.24 -4.43 -43.95
C ALA C 40 44.53 -5.62 -43.33
N GLY C 41 43.64 -6.29 -44.10
CA GLY C 41 42.77 -7.32 -43.59
C GLY C 41 43.49 -8.64 -43.30
N ASP C 42 42.71 -9.73 -43.21
CA ASP C 42 43.28 -11.06 -43.16
C ASP C 42 42.88 -11.86 -44.41
N GLY C 43 41.73 -11.50 -44.99
CA GLY C 43 41.18 -12.22 -46.12
C GLY C 43 41.40 -11.50 -47.45
N SER C 44 40.46 -11.70 -48.38
CA SER C 44 40.39 -11.00 -49.66
C SER C 44 39.20 -10.03 -49.63
N TYR C 45 39.45 -8.78 -50.03
CA TYR C 45 38.47 -7.72 -49.83
C TYR C 45 38.65 -6.60 -50.85
N VAL C 46 37.56 -5.83 -51.04
CA VAL C 46 37.56 -4.64 -51.89
C VAL C 46 38.09 -3.48 -51.07
N GLY C 47 39.07 -2.77 -51.62
CA GLY C 47 39.82 -1.75 -50.90
C GLY C 47 39.08 -0.42 -50.80
N GLY C 48 39.28 0.26 -49.67
CA GLY C 48 38.66 1.55 -49.42
C GLY C 48 39.49 2.69 -49.99
N ASP C 49 38.79 3.75 -50.41
CA ASP C 49 39.42 5.00 -50.79
C ASP C 49 39.91 5.73 -49.54
N SER C 50 40.46 6.93 -49.73
CA SER C 50 41.06 7.72 -48.67
C SER C 50 40.02 8.16 -47.63
N THR C 51 38.74 8.18 -48.04
CA THR C 51 37.65 8.62 -47.18
C THR C 51 37.19 7.49 -46.27
N GLY C 52 37.41 6.24 -46.74
CA GLY C 52 36.89 5.06 -46.09
C GLY C 52 35.61 4.56 -46.75
N SER C 53 35.49 4.84 -48.06
CA SER C 53 34.42 4.32 -48.88
C SER C 53 34.98 3.21 -49.77
N PRO C 54 34.29 2.04 -49.89
CA PRO C 54 34.72 0.97 -50.80
C PRO C 54 34.82 1.43 -52.24
N THR C 55 35.87 0.97 -52.93
CA THR C 55 36.03 1.22 -54.36
C THR C 55 35.34 0.11 -55.14
N LEU C 56 35.58 0.05 -56.45
CA LEU C 56 35.00 -0.92 -57.38
C LEU C 56 33.48 -1.03 -57.19
N GLN C 57 32.78 0.11 -57.28
CA GLN C 57 31.37 0.18 -57.02
C GLN C 57 30.56 -0.10 -58.29
N PHE C 58 29.32 -0.56 -58.10
CA PHE C 58 28.36 -0.76 -59.17
C PHE C 58 27.70 0.57 -59.54
N ALA C 59 27.40 0.71 -60.83
CA ALA C 59 26.65 1.83 -61.36
C ALA C 59 25.92 1.41 -62.64
N ASN C 60 24.86 2.15 -62.97
CA ASN C 60 24.16 2.08 -64.25
C ASN C 60 23.70 0.64 -64.53
N ILE C 61 23.00 0.06 -63.56
CA ILE C 61 22.36 -1.24 -63.69
C ILE C 61 21.20 -1.09 -64.67
N ASP C 62 21.31 -1.75 -65.85
CA ASP C 62 20.36 -1.57 -66.93
C ASP C 62 19.21 -2.58 -66.82
N THR C 63 19.21 -3.35 -65.73
CA THR C 63 18.18 -4.34 -65.40
C THR C 63 18.09 -5.42 -66.49
N ALA C 64 16.87 -5.63 -67.02
CA ALA C 64 16.54 -6.77 -67.85
C ALA C 64 17.36 -6.80 -69.15
N ASN C 65 17.89 -5.63 -69.53
CA ASN C 65 18.75 -5.50 -70.70
C ASN C 65 20.20 -5.80 -70.32
N GLU C 66 20.38 -6.46 -69.17
CA GLU C 66 21.58 -7.17 -68.74
C GLU C 66 22.60 -6.24 -68.06
N GLU C 67 23.06 -5.22 -68.81
CA GLU C 67 24.39 -4.66 -68.66
C GLU C 67 24.54 -3.78 -67.41
N VAL C 68 25.78 -3.67 -66.91
CA VAL C 68 26.12 -3.00 -65.65
C VAL C 68 27.53 -2.40 -65.74
N ASP C 69 27.76 -1.31 -64.98
CA ASP C 69 29.02 -0.58 -64.97
C ASP C 69 29.74 -0.76 -63.64
N ILE C 70 31.05 -1.02 -63.71
CA ILE C 70 31.95 -1.10 -62.57
C ILE C 70 32.87 0.12 -62.62
N GLN C 71 32.96 0.84 -61.50
CA GLN C 71 33.78 2.03 -61.41
C GLN C 71 35.19 1.63 -61.00
N PRO C 72 36.26 2.38 -61.42
CA PRO C 72 37.64 2.00 -61.11
C PRO C 72 37.93 2.04 -59.62
N GLY C 73 38.98 1.30 -59.22
CA GLY C 73 39.34 1.12 -57.82
C GLY C 73 40.35 -0.01 -57.65
N HIS C 74 40.40 -0.58 -56.44
CA HIS C 74 41.37 -1.63 -56.14
C HIS C 74 40.81 -2.63 -55.13
N ALA C 75 41.25 -3.89 -55.28
CA ALA C 75 40.87 -4.98 -54.40
C ALA C 75 42.10 -5.85 -54.13
N PHE C 76 42.05 -6.60 -53.02
CA PHE C 76 43.11 -7.48 -52.61
C PHE C 76 42.63 -8.92 -52.74
N ILE C 77 43.43 -9.74 -53.44
CA ILE C 77 43.09 -11.13 -53.72
C ILE C 77 44.26 -12.01 -53.25
N LEU C 78 43.96 -12.97 -52.37
CA LEU C 78 44.97 -13.84 -51.78
C LEU C 78 45.25 -15.02 -52.72
N GLU C 79 46.51 -15.48 -52.72
CA GLU C 79 46.90 -16.70 -53.40
C GLU C 79 47.97 -17.43 -52.59
N SER C 80 47.84 -18.76 -52.53
CA SER C 80 48.79 -19.66 -51.90
C SER C 80 49.73 -20.25 -52.95
N GLY C 81 50.78 -20.93 -52.48
CA GLY C 81 51.65 -21.74 -53.32
C GLY C 81 52.57 -20.90 -54.21
N HIS C 82 52.93 -19.70 -53.74
CA HIS C 82 54.01 -18.94 -54.32
C HIS C 82 55.34 -19.60 -53.95
N ILE C 83 56.36 -19.37 -54.78
CA ILE C 83 57.72 -19.79 -54.54
C ILE C 83 58.58 -18.53 -54.37
N VAL C 84 59.60 -18.61 -53.50
CA VAL C 84 60.52 -17.50 -53.25
C VAL C 84 61.96 -18.00 -53.32
N GLN C 85 62.91 -17.07 -53.44
CA GLN C 85 64.33 -17.38 -53.34
C GLN C 85 64.75 -17.33 -51.88
N SER C 86 65.28 -18.44 -51.37
CA SER C 86 65.84 -18.48 -50.02
C SER C 86 67.14 -17.69 -49.98
N GLY C 87 67.06 -16.49 -49.39
CA GLY C 87 68.20 -15.63 -49.12
C GLY C 87 68.89 -15.16 -50.40
N SER C 88 70.19 -15.45 -50.50
CA SER C 88 71.04 -14.98 -51.58
C SER C 88 70.91 -15.87 -52.81
N GLN C 89 70.39 -17.09 -52.63
CA GLN C 89 70.34 -18.09 -53.69
C GLN C 89 69.23 -17.76 -54.67
N LYS C 90 69.63 -17.40 -55.89
CA LYS C 90 68.78 -16.80 -56.91
C LYS C 90 67.76 -17.81 -57.45
N THR C 91 67.97 -19.11 -57.16
CA THR C 91 67.04 -20.17 -57.52
C THR C 91 65.78 -20.04 -56.68
N TYR C 92 64.62 -20.04 -57.35
CA TYR C 92 63.32 -20.07 -56.70
C TYR C 92 63.13 -21.46 -56.08
N ASP C 93 63.11 -21.52 -54.74
CA ASP C 93 63.41 -22.77 -54.05
C ASP C 93 62.50 -23.07 -52.86
N THR C 94 61.78 -22.05 -52.36
CA THR C 94 61.07 -22.17 -51.09
C THR C 94 59.59 -21.82 -51.27
N ASN C 95 58.71 -22.62 -50.64
CA ASN C 95 57.27 -22.45 -50.74
C ASN C 95 56.76 -21.69 -49.52
N LEU C 96 55.85 -20.73 -49.76
CA LEU C 96 55.21 -20.00 -48.68
C LEU C 96 54.17 -20.90 -48.01
N PRO C 97 54.06 -20.86 -46.66
CA PRO C 97 53.14 -21.74 -45.92
C PRO C 97 51.70 -21.24 -45.87
N ASP C 98 51.52 -19.93 -46.13
CA ASP C 98 50.24 -19.25 -46.01
C ASP C 98 49.97 -18.45 -47.28
N SER C 99 48.67 -18.22 -47.54
CA SER C 99 48.19 -17.44 -48.67
C SER C 99 48.51 -15.96 -48.46
N VAL C 100 48.86 -15.26 -49.56
CA VAL C 100 49.36 -13.90 -49.49
C VAL C 100 48.76 -13.05 -50.62
N PRO C 101 48.58 -11.72 -50.44
CA PRO C 101 47.78 -10.91 -51.37
C PRO C 101 48.49 -10.41 -52.63
N TYR C 102 47.69 -10.36 -53.71
CA TYR C 102 47.93 -9.50 -54.87
C TYR C 102 47.15 -8.21 -54.66
N VAL C 103 47.56 -7.15 -55.37
CA VAL C 103 46.72 -5.98 -55.58
C VAL C 103 46.15 -6.08 -57.00
N VAL C 104 44.85 -5.80 -57.12
CA VAL C 104 44.23 -5.68 -58.43
C VAL C 104 43.79 -4.23 -58.60
N ILE C 105 44.33 -3.59 -59.64
CA ILE C 105 44.14 -2.17 -59.90
C ILE C 105 43.35 -2.03 -61.20
N LEU C 106 42.17 -1.42 -61.11
CA LEU C 106 41.37 -1.08 -62.27
C LEU C 106 41.49 0.42 -62.51
N PRO C 107 42.18 0.87 -63.59
CA PRO C 107 42.32 2.30 -63.88
C PRO C 107 41.13 2.95 -64.58
N SER C 108 40.28 2.11 -65.20
CA SER C 108 39.12 2.61 -65.94
C SER C 108 37.83 2.01 -65.37
N SER C 109 36.71 2.69 -65.66
CA SER C 109 35.39 2.12 -65.52
C SER C 109 35.23 0.99 -66.54
N VAL C 110 34.71 -0.15 -66.08
CA VAL C 110 34.31 -1.21 -67.01
C VAL C 110 32.83 -0.98 -67.33
N THR C 111 32.53 -0.98 -68.63
CA THR C 111 31.27 -0.45 -69.14
C THR C 111 30.39 -1.56 -69.69
N ASN C 112 29.16 -1.63 -69.18
CA ASN C 112 28.06 -2.44 -69.71
C ASN C 112 28.44 -3.92 -69.72
N VAL C 113 28.93 -4.41 -68.57
CA VAL C 113 29.33 -5.79 -68.33
C VAL C 113 28.09 -6.68 -68.43
N PRO C 114 28.13 -7.82 -69.16
CA PRO C 114 26.96 -8.68 -69.33
C PRO C 114 26.55 -9.49 -68.10
N LEU C 115 25.22 -9.62 -67.93
CA LEU C 115 24.58 -10.50 -66.97
C LEU C 115 23.56 -11.36 -67.72
N ASP C 116 22.97 -12.34 -67.02
CA ASP C 116 21.83 -13.08 -67.54
C ASP C 116 20.57 -12.22 -67.40
N THR C 117 19.57 -12.46 -68.25
CA THR C 117 18.38 -11.64 -68.34
C THR C 117 17.45 -11.89 -67.16
N ASP C 118 17.09 -10.80 -66.46
CA ASP C 118 15.89 -10.70 -65.64
C ASP C 118 15.92 -11.69 -64.47
N VAL C 119 17.12 -11.94 -63.90
CA VAL C 119 17.32 -12.88 -62.79
C VAL C 119 18.51 -12.45 -61.93
N ASP C 120 18.76 -13.22 -60.84
CA ASP C 120 19.88 -13.06 -59.93
C ASP C 120 21.18 -13.49 -60.62
N ASN C 121 22.28 -12.80 -60.33
CA ASN C 121 23.60 -13.10 -60.88
C ASN C 121 24.70 -12.85 -59.85
N ASP C 122 25.75 -13.68 -59.87
CA ASP C 122 26.92 -13.57 -59.02
C ASP C 122 28.10 -13.05 -59.84
N VAL C 123 28.81 -12.05 -59.28
CA VAL C 123 29.89 -11.36 -59.96
C VAL C 123 31.21 -11.66 -59.25
N TRP C 124 32.23 -12.05 -60.04
CA TRP C 124 33.53 -12.45 -59.54
C TRP C 124 34.62 -11.75 -60.35
N LEU C 125 35.63 -11.25 -59.65
CA LEU C 125 36.84 -10.71 -60.28
C LEU C 125 37.97 -11.73 -60.11
N ALA C 126 38.64 -12.05 -61.22
CA ALA C 126 39.59 -13.16 -61.26
C ALA C 126 40.91 -12.73 -61.89
N VAL C 127 42.00 -13.19 -61.28
CA VAL C 127 43.35 -13.03 -61.81
C VAL C 127 43.76 -14.36 -62.43
N ASP C 128 44.31 -14.28 -63.65
CA ASP C 128 44.96 -15.41 -64.29
C ASP C 128 46.46 -15.29 -64.04
N PRO C 129 47.05 -16.09 -63.12
CA PRO C 129 48.50 -16.06 -62.92
C PRO C 129 49.23 -16.81 -64.04
N THR C 130 49.26 -16.19 -65.22
CA THR C 130 50.09 -16.65 -66.34
C THR C 130 50.69 -15.45 -67.07
N SER C 131 50.10 -14.26 -66.89
CA SER C 131 50.61 -13.03 -67.47
C SER C 131 50.63 -11.90 -66.43
N ASN C 132 51.36 -10.83 -66.76
CA ASN C 132 51.67 -9.70 -65.89
C ASN C 132 50.42 -8.95 -65.46
N ASP C 133 49.28 -9.25 -66.11
CA ASP C 133 48.20 -8.30 -66.27
C ASP C 133 46.88 -8.99 -66.54
N SER C 134 46.91 -10.32 -66.72
CA SER C 134 45.75 -11.08 -67.19
C SER C 134 44.66 -11.13 -66.12
N VAL C 135 43.57 -10.41 -66.40
CA VAL C 135 42.44 -10.24 -65.49
C VAL C 135 41.15 -10.43 -66.27
N TYR C 136 40.17 -11.09 -65.65
CA TYR C 136 38.86 -11.32 -66.25
C TYR C 136 37.76 -11.36 -65.17
N ILE C 137 36.50 -11.27 -65.62
CA ILE C 137 35.33 -11.26 -64.76
C ILE C 137 34.41 -12.42 -65.16
N ARG C 138 33.85 -13.10 -64.14
CA ARG C 138 32.78 -14.07 -64.32
C ARG C 138 31.45 -13.48 -63.86
N SER C 139 30.37 -13.86 -64.56
CA SER C 139 29.01 -13.50 -64.22
C SER C 139 28.07 -14.61 -64.70
N GLY C 140 26.85 -14.65 -64.14
CA GLY C 140 25.84 -15.61 -64.56
C GLY C 140 24.87 -15.99 -63.46
N ASN C 141 23.72 -16.56 -63.86
CA ASN C 141 22.68 -17.03 -62.95
C ASN C 141 23.21 -18.22 -62.17
N GLY C 142 23.87 -17.92 -61.04
CA GLY C 142 24.48 -18.89 -60.15
C GLY C 142 25.61 -19.67 -60.83
N LEU C 143 26.15 -19.12 -61.93
CA LEU C 143 27.21 -19.78 -62.68
C LEU C 143 28.47 -19.84 -61.83
N SER C 144 29.23 -20.93 -62.02
CA SER C 144 30.34 -21.32 -61.16
C SER C 144 31.38 -20.21 -61.05
N ALA C 145 31.78 -19.93 -59.81
CA ALA C 145 32.85 -19.03 -59.44
C ALA C 145 34.14 -19.43 -60.16
N PRO C 146 35.09 -18.48 -60.40
CA PRO C 146 36.41 -18.82 -60.94
C PRO C 146 37.17 -19.78 -60.03
N SER C 147 37.91 -20.70 -60.67
CA SER C 147 38.83 -21.59 -59.98
C SER C 147 40.13 -20.85 -59.68
N ASP C 148 40.45 -19.87 -60.52
CA ASP C 148 41.62 -19.01 -60.40
C ASP C 148 41.42 -18.05 -59.22
N PRO C 149 42.51 -17.47 -58.64
CA PRO C 149 42.39 -16.52 -57.53
C PRO C 149 41.38 -15.42 -57.82
N SER C 150 40.39 -15.27 -56.92
CA SER C 150 39.21 -14.47 -57.20
C SER C 150 38.58 -13.92 -55.92
N VAL C 151 37.76 -12.87 -56.09
CA VAL C 151 36.96 -12.29 -55.03
C VAL C 151 35.53 -12.09 -55.54
N LYS C 152 34.56 -12.35 -54.66
CA LYS C 152 33.14 -12.22 -54.96
C LYS C 152 32.76 -10.75 -54.89
N LEU C 153 32.95 -10.05 -56.01
CA LEU C 153 32.84 -8.60 -56.10
C LEU C 153 31.41 -8.14 -55.76
N GLY C 154 30.45 -9.06 -55.85
CA GLY C 154 29.10 -8.83 -55.36
C GLY C 154 28.07 -9.69 -56.08
N THR C 155 26.80 -9.33 -55.89
CA THR C 155 25.68 -9.96 -56.59
C THR C 155 24.70 -8.89 -57.05
N VAL C 156 24.19 -9.10 -58.28
CA VAL C 156 23.28 -8.18 -58.95
C VAL C 156 22.11 -9.00 -59.48
N ASN C 157 20.90 -8.45 -59.35
CA ASN C 157 19.69 -9.05 -59.89
C ASN C 157 19.21 -8.23 -61.07
N SER C 158 19.14 -8.88 -62.24
CA SER C 158 18.85 -8.22 -63.51
C SER C 158 17.35 -8.05 -63.72
N SER C 159 16.54 -8.55 -62.77
CA SER C 159 15.12 -8.25 -62.75
C SER C 159 14.85 -7.05 -61.87
N THR C 160 15.27 -7.16 -60.60
CA THR C 160 14.85 -6.26 -59.54
C THR C 160 15.78 -5.06 -59.43
N GLY C 161 17.01 -5.22 -59.93
CA GLY C 161 18.05 -4.20 -59.78
C GLY C 161 18.66 -4.22 -58.38
N SER C 162 18.30 -5.23 -57.58
CA SER C 162 18.80 -5.41 -56.22
C SER C 162 20.26 -5.85 -56.27
N THR C 163 21.04 -5.32 -55.31
CA THR C 163 22.46 -5.60 -55.21
C THR C 163 22.86 -5.76 -53.74
N THR C 164 23.72 -6.74 -53.47
CA THR C 164 24.50 -6.81 -52.24
C THR C 164 25.93 -7.22 -52.58
N ARG C 165 26.86 -6.97 -51.65
CA ARG C 165 28.26 -7.34 -51.82
C ARG C 165 28.89 -7.59 -50.46
N PRO C 166 29.24 -8.86 -50.11
CA PRO C 166 29.74 -9.18 -48.78
C PRO C 166 31.23 -8.94 -48.55
N ASN C 167 32.00 -8.78 -49.64
CA ASN C 167 33.45 -8.71 -49.54
C ASN C 167 33.96 -7.28 -49.73
N ASP C 168 33.11 -6.28 -49.42
CA ASP C 168 33.35 -4.92 -49.90
C ASP C 168 34.28 -4.11 -49.00
N LEU C 169 34.59 -4.64 -47.80
CA LEU C 169 35.64 -4.09 -46.96
C LEU C 169 36.25 -5.20 -46.09
N ALA C 170 37.39 -4.89 -45.45
CA ALA C 170 38.26 -5.89 -44.84
C ALA C 170 37.63 -6.52 -43.61
N ASP C 171 37.69 -7.85 -43.55
CA ASP C 171 37.65 -8.58 -42.29
C ASP C 171 39.00 -8.38 -41.62
N HIS C 172 38.98 -8.12 -40.31
CA HIS C 172 40.20 -7.86 -39.56
C HIS C 172 40.14 -8.57 -38.22
N SER C 173 41.10 -9.47 -37.99
CA SER C 173 41.21 -10.17 -36.73
C SER C 173 42.45 -9.66 -35.98
N VAL C 174 42.23 -9.23 -34.74
CA VAL C 174 43.25 -8.66 -33.88
C VAL C 174 43.15 -9.30 -32.50
N ASP C 175 44.18 -9.08 -31.67
CA ASP C 175 44.14 -9.50 -30.28
C ASP C 175 43.50 -8.39 -29.45
N ALA C 176 44.25 -7.31 -29.23
CA ALA C 176 43.77 -6.19 -28.45
C ALA C 176 43.66 -4.96 -29.35
N LEU C 177 42.46 -4.38 -29.40
CA LEU C 177 42.24 -3.12 -30.08
C LEU C 177 42.16 -2.01 -29.05
N ASN C 178 43.04 -1.02 -29.21
CA ASN C 178 42.98 0.23 -28.48
C ASN C 178 42.59 1.33 -29.45
N ALA C 179 41.56 2.09 -29.10
CA ALA C 179 41.07 3.15 -29.98
C ALA C 179 40.70 4.39 -29.18
N THR C 180 40.44 5.49 -29.89
CA THR C 180 39.77 6.64 -29.29
C THR C 180 38.26 6.38 -29.34
N THR C 181 37.71 6.24 -30.55
CA THR C 181 36.28 6.03 -30.74
C THR C 181 36.05 4.81 -31.65
N ILE C 182 35.00 4.05 -31.32
CA ILE C 182 34.61 2.85 -32.03
C ILE C 182 33.13 2.99 -32.39
N ASP C 183 32.82 2.88 -33.69
CA ASP C 183 31.48 3.16 -34.19
C ASP C 183 31.10 2.10 -35.22
N ALA C 184 30.18 1.21 -34.82
CA ALA C 184 29.71 0.14 -35.69
C ALA C 184 28.33 0.49 -36.26
N SER C 185 28.15 0.16 -37.54
CA SER C 185 26.91 0.38 -38.26
C SER C 185 25.82 -0.59 -37.79
N ASP C 186 26.25 -1.72 -37.21
CA ASP C 186 25.35 -2.76 -36.72
C ASP C 186 25.75 -3.18 -35.31
N THR C 187 25.98 -4.48 -35.11
CA THR C 187 26.14 -5.06 -33.77
C THR C 187 27.54 -4.80 -33.23
N VAL C 188 27.60 -4.33 -31.98
CA VAL C 188 28.76 -4.46 -31.12
C VAL C 188 28.47 -5.55 -30.11
N THR C 189 29.04 -6.74 -30.35
CA THR C 189 28.86 -7.89 -29.48
C THR C 189 30.14 -8.05 -28.65
N GLY C 190 29.96 -8.36 -27.35
CA GLY C 190 31.06 -8.67 -26.46
C GLY C 190 30.61 -9.57 -25.31
N ASP C 191 31.51 -10.46 -24.87
CA ASP C 191 31.19 -11.39 -23.79
C ASP C 191 31.32 -10.69 -22.43
N THR C 192 31.61 -9.39 -22.47
CA THR C 192 31.45 -8.44 -21.37
C THR C 192 31.48 -7.04 -21.97
N VAL C 193 30.44 -6.25 -21.68
CA VAL C 193 30.44 -4.85 -22.07
C VAL C 193 30.61 -4.01 -20.81
N ASP C 194 31.69 -3.24 -20.76
CA ASP C 194 32.09 -2.49 -19.58
C ASP C 194 32.00 -1.00 -19.89
N ALA C 195 30.88 -0.41 -19.50
CA ALA C 195 30.64 1.03 -19.67
C ALA C 195 31.12 1.78 -18.44
N THR C 196 32.41 2.09 -18.40
CA THR C 196 32.96 3.04 -17.45
C THR C 196 32.42 4.42 -17.79
N THR C 197 32.20 5.26 -16.78
CA THR C 197 31.90 6.68 -16.92
C THR C 197 30.45 6.94 -17.34
N THR C 198 29.95 6.24 -18.37
CA THR C 198 28.61 6.48 -18.92
C THR C 198 28.11 5.27 -19.71
N LEU C 199 26.80 4.98 -19.58
CA LEU C 199 26.07 4.15 -20.53
C LEU C 199 24.85 4.94 -21.03
N THR C 200 24.68 4.95 -22.36
CA THR C 200 23.56 5.60 -23.01
C THR C 200 22.71 4.55 -23.70
N ASP C 201 21.41 4.54 -23.39
CA ASP C 201 20.46 3.64 -24.02
C ASP C 201 19.88 4.27 -25.28
N ALA C 202 18.93 3.56 -25.91
CA ALA C 202 18.40 3.90 -27.22
C ALA C 202 17.48 5.13 -27.16
N ALA C 203 17.02 5.47 -25.95
CA ALA C 203 16.17 6.64 -25.73
C ALA C 203 17.04 7.90 -25.59
N GLY C 204 18.35 7.70 -25.46
CA GLY C 204 19.32 8.78 -25.34
C GLY C 204 19.43 9.30 -23.90
N VAL C 205 19.26 8.38 -22.95
CA VAL C 205 19.37 8.70 -21.52
C VAL C 205 20.71 8.16 -21.02
N SER C 206 21.50 9.06 -20.40
CA SER C 206 22.83 8.73 -19.91
C SER C 206 22.77 8.33 -18.44
N HIS C 207 23.22 7.09 -18.17
CA HIS C 207 23.23 6.52 -16.83
C HIS C 207 24.67 6.44 -16.32
N THR C 208 24.85 6.81 -15.04
CA THR C 208 26.11 6.60 -14.34
C THR C 208 25.91 5.62 -13.19
N GLY C 209 24.88 5.88 -12.36
CA GLY C 209 24.51 4.99 -11.27
C GLY C 209 24.12 3.61 -11.78
N GLU C 210 24.20 2.61 -10.88
CA GLU C 210 23.94 1.22 -11.23
C GLU C 210 22.49 1.05 -11.69
N LEU C 211 22.30 0.12 -12.63
CA LEU C 211 21.00 -0.16 -13.23
C LEU C 211 20.22 -1.14 -12.35
N GLU C 212 18.91 -1.27 -12.61
CA GLU C 212 18.04 -2.13 -11.83
C GLU C 212 17.76 -3.43 -12.58
N ASP C 213 17.85 -4.54 -11.83
CA ASP C 213 17.49 -5.86 -12.30
C ASP C 213 16.00 -6.08 -12.13
N ILE C 214 15.47 -7.08 -12.83
CA ILE C 214 14.15 -7.64 -12.54
C ILE C 214 14.21 -8.28 -11.16
N ASN C 215 13.04 -8.38 -10.51
CA ASN C 215 12.89 -8.92 -9.17
C ASN C 215 13.60 -8.02 -8.16
N HIS C 216 13.45 -6.70 -8.34
CA HIS C 216 13.99 -5.72 -7.41
C HIS C 216 12.92 -5.35 -6.38
N GLY C 217 11.68 -5.81 -6.59
CA GLY C 217 10.53 -5.51 -5.75
C GLY C 217 10.78 -5.80 -4.27
N SER C 218 11.73 -6.71 -4.00
CA SER C 218 12.19 -7.07 -2.67
C SER C 218 12.66 -5.84 -1.89
N LYS C 219 13.01 -4.76 -2.61
CA LYS C 219 13.67 -3.60 -2.01
C LYS C 219 12.65 -2.54 -1.59
N HIS C 220 11.48 -2.50 -2.26
CA HIS C 220 10.53 -1.41 -2.11
C HIS C 220 9.80 -1.44 -0.75
N GLU C 221 9.95 -2.54 -0.01
CA GLU C 221 9.26 -2.75 1.27
C GLU C 221 9.93 -1.92 2.36
N ASP C 222 9.27 -1.80 3.52
CA ASP C 222 9.77 -1.02 4.66
C ASP C 222 11.09 -1.61 5.14
N GLY C 223 12.08 -0.72 5.34
CA GLY C 223 13.38 -1.10 5.87
C GLY C 223 14.30 -1.69 4.80
N GLY C 224 13.75 -1.92 3.60
CA GLY C 224 14.57 -2.10 2.42
C GLY C 224 15.17 -0.76 2.00
N SER C 225 16.16 -0.81 1.11
CA SER C 225 16.65 0.38 0.43
C SER C 225 15.67 0.71 -0.70
N ASP C 226 15.32 2.00 -0.81
CA ASP C 226 14.36 2.50 -1.79
C ASP C 226 12.95 2.01 -1.45
N GLU C 227 12.51 2.41 -0.26
CA GLU C 227 11.17 2.17 0.29
C GLU C 227 10.24 3.26 -0.25
N ILE C 228 8.97 2.91 -0.48
CA ILE C 228 8.02 3.84 -1.08
C ILE C 228 6.98 4.29 -0.05
N SER C 229 6.58 5.56 -0.16
CA SER C 229 5.48 6.13 0.62
C SER C 229 4.16 5.79 -0.07
N VAL C 230 3.19 5.33 0.74
CA VAL C 230 1.95 4.76 0.23
C VAL C 230 0.84 5.81 0.20
N GLY C 231 1.09 6.96 0.84
CA GLY C 231 0.15 8.06 0.89
C GLY C 231 -0.39 8.45 -0.48
N GLY C 232 -1.70 8.23 -0.68
CA GLY C 232 -2.41 8.70 -1.85
C GLY C 232 -2.66 7.62 -2.90
N LEU C 233 -2.18 6.40 -2.65
CA LEU C 233 -2.35 5.30 -3.59
C LEU C 233 -3.78 4.75 -3.49
N SER C 234 -4.24 4.12 -4.58
CA SER C 234 -5.62 3.66 -4.70
C SER C 234 -5.70 2.15 -4.48
N GLY C 235 -6.91 1.68 -4.12
CA GLY C 235 -7.21 0.26 -4.00
C GLY C 235 -7.47 -0.19 -2.57
N ASP C 236 -7.83 -1.47 -2.42
CA ASP C 236 -8.06 -2.10 -1.13
C ASP C 236 -7.04 -3.22 -0.92
N LEU C 237 -6.38 -3.19 0.25
CA LEU C 237 -5.46 -4.24 0.65
C LEU C 237 -6.24 -5.50 0.95
N ALA C 238 -5.70 -6.64 0.52
CA ALA C 238 -6.35 -7.94 0.61
C ALA C 238 -6.50 -8.37 2.07
N ASP C 239 -5.58 -7.89 2.91
CA ASP C 239 -5.72 -7.96 4.36
C ASP C 239 -6.47 -6.72 4.85
N PRO C 240 -7.42 -6.85 5.81
CA PRO C 240 -8.04 -5.68 6.42
C PRO C 240 -7.06 -4.94 7.33
N GLN C 241 -7.27 -3.62 7.46
CA GLN C 241 -6.28 -2.71 8.01
C GLN C 241 -6.73 -2.16 9.35
N ASP C 242 -5.75 -1.82 10.20
CA ASP C 242 -5.96 -1.14 11.47
C ASP C 242 -6.81 0.10 11.24
N PRO C 243 -8.02 0.20 11.84
CA PRO C 243 -8.89 1.35 11.63
C PRO C 243 -8.51 2.56 12.49
N LYS C 244 -8.48 3.72 11.82
CA LYS C 244 -8.22 5.04 12.38
C LYS C 244 -9.39 5.43 13.27
N ALA C 245 -9.21 6.48 14.10
CA ALA C 245 -10.24 6.96 15.02
C ALA C 245 -11.50 7.38 14.26
N HIS C 246 -12.64 6.79 14.64
CA HIS C 246 -13.86 6.92 13.84
C HIS C 246 -15.14 6.75 14.67
N ALA C 247 -15.06 6.87 16.00
CA ALA C 247 -16.20 6.69 16.88
C ALA C 247 -17.39 7.54 16.40
N ALA C 248 -17.11 8.80 16.06
CA ALA C 248 -18.11 9.82 15.77
C ALA C 248 -18.87 9.53 14.48
N SER C 249 -18.33 8.64 13.64
CA SER C 249 -18.89 8.35 12.33
C SER C 249 -20.17 7.52 12.43
N HIS C 250 -20.36 6.83 13.57
CA HIS C 250 -21.44 5.87 13.76
C HIS C 250 -22.74 6.53 14.23
N SER C 251 -22.76 7.87 14.32
CA SER C 251 -23.81 8.62 14.98
C SER C 251 -25.16 8.52 14.27
N ALA C 252 -26.19 9.12 14.89
CA ALA C 252 -27.61 8.89 14.63
C ALA C 252 -27.97 8.93 13.14
N ASP C 253 -27.46 9.94 12.42
CA ASP C 253 -27.84 10.13 11.02
C ASP C 253 -26.60 10.42 10.15
N SER C 254 -25.41 10.09 10.66
CA SER C 254 -24.19 10.17 9.87
C SER C 254 -24.03 8.90 9.03
N ALA C 255 -22.88 8.80 8.32
CA ALA C 255 -22.66 7.81 7.27
C ALA C 255 -22.81 6.38 7.82
N ASP C 256 -22.09 6.09 8.91
CA ASP C 256 -22.27 4.86 9.66
C ASP C 256 -23.38 5.08 10.68
N GLU C 257 -24.13 4.01 10.97
CA GLU C 257 -25.30 4.08 11.84
C GLU C 257 -25.51 2.70 12.47
N ILE C 258 -25.04 2.57 13.72
CA ILE C 258 -25.34 1.38 14.51
C ILE C 258 -26.46 1.71 15.49
N SER C 259 -27.63 1.09 15.26
CA SER C 259 -28.79 1.29 16.12
C SER C 259 -28.66 0.44 17.38
N VAL C 260 -29.17 0.97 18.50
CA VAL C 260 -28.92 0.39 19.81
C VAL C 260 -29.58 -0.98 19.94
N GLU C 261 -30.68 -1.19 19.21
CA GLU C 261 -31.42 -2.45 19.22
C GLU C 261 -30.62 -3.56 18.54
N ASN C 262 -29.57 -3.19 17.78
CA ASN C 262 -28.71 -4.14 17.10
C ASN C 262 -27.60 -4.64 18.04
N LEU C 263 -27.33 -3.86 19.09
CA LEU C 263 -26.15 -4.08 19.92
C LEU C 263 -26.35 -5.24 20.87
N SER C 264 -25.23 -5.79 21.33
CA SER C 264 -25.22 -6.87 22.31
C SER C 264 -25.37 -6.29 23.71
N THR C 265 -25.93 -7.12 24.60
CA THR C 265 -25.77 -6.98 26.05
C THR C 265 -25.66 -8.38 26.65
N THR C 266 -24.93 -8.47 27.78
CA THR C 266 -24.83 -9.72 28.52
C THR C 266 -25.98 -9.79 29.53
N GLY C 267 -26.59 -8.64 29.82
CA GLY C 267 -27.56 -8.46 30.90
C GLY C 267 -28.71 -9.46 30.85
N SER C 268 -29.22 -9.80 32.03
CA SER C 268 -30.36 -10.69 32.22
C SER C 268 -31.61 -10.04 31.60
N ALA C 269 -32.69 -10.83 31.50
CA ALA C 269 -33.95 -10.33 30.96
C ALA C 269 -34.45 -9.14 31.78
N ASP C 270 -35.02 -8.16 31.07
CA ASP C 270 -35.67 -6.98 31.62
C ASP C 270 -34.66 -5.93 32.12
N THR C 271 -33.36 -6.22 32.00
CA THR C 271 -32.33 -5.25 32.37
C THR C 271 -32.29 -4.10 31.37
N VAL C 272 -31.86 -2.95 31.87
CA VAL C 272 -31.83 -1.69 31.15
C VAL C 272 -30.49 -1.02 31.44
N PRO C 273 -29.80 -0.41 30.44
CA PRO C 273 -28.59 0.36 30.70
C PRO C 273 -28.90 1.64 31.48
N ILE C 274 -28.42 1.66 32.74
CA ILE C 274 -28.52 2.83 33.59
C ILE C 274 -27.13 3.44 33.75
N SER C 275 -27.06 4.76 33.60
CA SER C 275 -25.85 5.52 33.88
C SER C 275 -25.56 5.45 35.38
N GLN C 276 -24.30 5.17 35.72
CA GLN C 276 -23.88 5.12 37.11
C GLN C 276 -23.39 6.49 37.55
N GLY C 277 -23.67 7.52 36.73
CA GLY C 277 -22.79 8.65 36.61
C GLY C 277 -21.47 8.17 36.01
N ASP C 278 -20.36 8.82 36.38
CA ASP C 278 -19.02 8.28 36.17
C ASP C 278 -18.82 7.78 34.74
N GLY C 279 -19.53 8.40 33.79
CA GLY C 279 -19.36 8.18 32.37
C GLY C 279 -19.85 6.83 31.84
N THR C 280 -20.26 5.94 32.76
CA THR C 280 -20.36 4.52 32.47
C THR C 280 -21.80 4.02 32.64
N LEU C 281 -22.17 3.04 31.81
CA LEU C 281 -23.45 2.36 31.88
C LEU C 281 -23.31 1.06 32.69
N SER C 282 -24.46 0.52 33.12
CA SER C 282 -24.55 -0.75 33.82
C SER C 282 -25.94 -1.34 33.62
N MET C 283 -26.03 -2.69 33.61
CA MET C 283 -27.27 -3.36 33.28
C MET C 283 -28.04 -3.70 34.56
N GLY C 284 -28.67 -2.66 35.13
CA GLY C 284 -29.62 -2.80 36.22
C GLY C 284 -31.04 -2.98 35.68
N SER C 285 -32.02 -2.96 36.60
CA SER C 285 -33.42 -3.15 36.24
C SER C 285 -34.28 -2.05 36.89
N ILE C 286 -35.22 -1.52 36.11
CA ILE C 286 -36.21 -0.57 36.60
C ILE C 286 -37.57 -1.27 36.62
N VAL C 287 -38.17 -1.34 37.81
CA VAL C 287 -39.37 -2.12 38.04
C VAL C 287 -40.52 -1.18 38.39
N PRO C 288 -41.49 -0.94 37.46
CA PRO C 288 -42.72 -0.21 37.79
C PRO C 288 -43.66 -1.12 38.59
N THR C 289 -44.58 -0.50 39.34
CA THR C 289 -45.52 -1.24 40.15
C THR C 289 -46.64 -1.77 39.27
N ASP C 290 -47.36 -2.78 39.78
CA ASP C 290 -48.71 -3.05 39.34
C ASP C 290 -49.63 -2.02 40.02
N LEU C 291 -50.94 -2.26 40.01
CA LEU C 291 -51.93 -1.35 40.57
C LEU C 291 -51.71 0.05 40.01
N GLN C 292 -51.62 0.14 38.67
CA GLN C 292 -51.28 1.36 37.98
C GLN C 292 -52.48 2.31 37.98
N TRP C 293 -52.19 3.60 38.23
CA TRP C 293 -53.14 4.69 38.16
C TRP C 293 -52.53 5.79 37.28
N ARG C 294 -53.35 6.45 36.44
CA ARG C 294 -52.86 7.45 35.50
C ARG C 294 -53.82 8.64 35.43
N GLU C 295 -53.25 9.85 35.28
CA GLU C 295 -53.95 11.12 35.31
C GLU C 295 -54.73 11.35 34.01
N ASP C 296 -55.68 12.29 34.04
CA ASP C 296 -56.30 12.84 32.84
C ASP C 296 -56.02 14.34 32.77
N SER C 297 -56.72 15.10 33.62
CA SER C 297 -56.60 16.55 33.68
C SER C 297 -56.33 16.97 35.12
N ASN C 298 -55.07 17.36 35.38
CA ASN C 298 -54.63 17.91 36.65
C ASN C 298 -55.52 19.11 36.99
N SER C 299 -56.28 18.96 38.06
CA SER C 299 -57.53 19.69 38.26
C SER C 299 -57.29 21.18 38.52
N PRO C 300 -58.21 22.06 38.07
CA PRO C 300 -58.07 23.50 38.22
C PRO C 300 -58.07 24.00 39.66
N GLN C 301 -57.36 25.12 39.84
CA GLN C 301 -57.42 26.00 40.99
C GLN C 301 -58.83 26.57 41.11
N THR C 302 -59.24 26.85 42.35
CA THR C 302 -60.24 27.86 42.66
C THR C 302 -59.86 28.52 43.99
N ASP C 303 -60.18 29.81 44.11
CA ASP C 303 -59.95 30.58 45.32
C ASP C 303 -60.90 31.78 45.34
N THR C 304 -61.13 32.31 46.56
CA THR C 304 -61.92 33.49 46.85
C THR C 304 -63.32 33.39 46.22
N ASN C 305 -63.75 32.15 45.92
CA ASN C 305 -64.93 31.90 45.11
C ASN C 305 -65.42 30.46 45.32
N VAL C 306 -66.70 30.26 45.01
CA VAL C 306 -67.33 28.95 44.86
C VAL C 306 -66.52 28.16 43.84
N GLY C 307 -66.30 26.88 44.17
CA GLY C 307 -65.46 25.98 43.38
C GLY C 307 -65.92 25.86 41.93
N THR C 308 -64.97 25.98 41.00
CA THR C 308 -65.19 25.76 39.57
C THR C 308 -65.32 24.27 39.32
N SER C 309 -66.45 23.71 39.74
CA SER C 309 -66.56 22.28 39.96
C SER C 309 -66.95 21.52 38.69
N THR C 310 -65.97 21.45 37.79
CA THR C 310 -65.84 20.38 36.79
C THR C 310 -64.39 19.92 36.82
N TYR C 311 -63.93 19.57 38.03
CA TYR C 311 -62.51 19.40 38.35
C TYR C 311 -61.86 18.34 37.47
N THR C 312 -62.69 17.46 36.89
CA THR C 312 -62.30 16.72 35.71
C THR C 312 -63.49 16.57 34.77
N ILE C 313 -63.17 16.46 33.47
CA ILE C 313 -64.05 15.90 32.46
C ILE C 313 -63.23 14.87 31.68
N ALA C 314 -62.85 13.80 32.39
CA ALA C 314 -61.81 12.87 32.01
C ALA C 314 -62.27 11.93 30.90
N ASP C 315 -61.30 11.28 30.23
CA ASP C 315 -61.53 10.17 29.32
C ASP C 315 -61.97 8.95 30.12
N THR C 316 -62.68 8.01 29.47
CA THR C 316 -63.25 6.84 30.10
C THR C 316 -62.14 5.98 30.73
N PHE C 317 -62.23 5.85 32.05
CA PHE C 317 -61.54 4.82 32.82
C PHE C 317 -62.57 4.15 33.72
N ASP C 318 -62.47 2.82 33.85
CA ASP C 318 -63.51 2.03 34.48
C ASP C 318 -63.58 2.29 35.99
N GLU C 319 -62.57 3.01 36.52
CA GLU C 319 -62.54 3.46 37.90
C GLU C 319 -61.69 4.74 37.98
N TYR C 320 -62.16 5.72 38.77
CA TYR C 320 -61.44 6.97 38.98
C TYR C 320 -61.17 7.16 40.47
N LEU C 321 -60.02 7.77 40.78
CA LEU C 321 -59.61 8.09 42.14
C LEU C 321 -59.44 9.60 42.27
N ILE C 322 -60.44 10.25 42.88
CA ILE C 322 -60.41 11.67 43.19
C ILE C 322 -59.60 11.87 44.46
N ARG C 323 -58.76 12.92 44.46
CA ARG C 323 -58.06 13.40 45.64
C ARG C 323 -58.16 14.91 45.68
N VAL C 324 -58.35 15.48 46.88
CA VAL C 324 -58.60 16.91 47.01
C VAL C 324 -57.58 17.55 47.94
N GLN C 325 -57.33 18.85 47.70
CA GLN C 325 -56.63 19.76 48.60
C GLN C 325 -57.46 21.03 48.75
N VAL C 326 -57.74 21.45 50.00
CA VAL C 326 -58.71 22.49 50.25
C VAL C 326 -58.19 23.49 51.31
N PHE C 327 -58.44 24.78 51.03
CA PHE C 327 -58.27 25.91 51.93
C PHE C 327 -59.65 26.54 52.19
N GLU C 328 -59.96 26.78 53.46
CA GLU C 328 -61.34 26.81 53.94
C GLU C 328 -61.69 28.14 54.62
N GLU C 329 -62.96 28.53 54.48
CA GLU C 329 -63.54 29.70 55.13
C GLU C 329 -63.90 29.35 56.57
N SER C 330 -62.97 29.64 57.48
CA SER C 330 -63.07 29.35 58.91
C SER C 330 -64.20 30.17 59.56
N SER C 331 -64.56 31.30 58.94
CA SER C 331 -65.63 32.16 59.41
C SER C 331 -66.99 31.51 59.15
N ALA C 332 -67.10 30.79 58.02
CA ALA C 332 -68.31 30.04 57.69
C ALA C 332 -67.95 28.72 57.00
N PRO C 333 -67.35 27.74 57.70
CA PRO C 333 -67.01 26.45 57.10
C PRO C 333 -68.20 25.49 57.13
N GLY C 334 -67.99 24.27 56.62
CA GLY C 334 -68.91 23.18 56.88
C GLY C 334 -69.18 22.31 55.66
N THR C 335 -70.32 22.60 55.00
CA THR C 335 -70.80 21.85 53.84
C THR C 335 -69.76 21.90 52.72
N VAL C 336 -69.50 20.72 52.15
CA VAL C 336 -68.79 20.59 50.89
C VAL C 336 -69.72 19.80 49.95
N GLU C 337 -70.79 20.49 49.53
CA GLU C 337 -71.96 19.90 48.90
C GLU C 337 -71.59 19.31 47.55
N LEU C 338 -71.33 17.99 47.53
CA LEU C 338 -71.13 17.25 46.30
C LEU C 338 -72.48 17.10 45.60
N ARG C 339 -72.89 18.21 44.98
CA ARG C 339 -74.23 18.41 44.43
C ARG C 339 -74.43 17.51 43.23
N ALA C 340 -73.37 17.37 42.42
CA ALA C 340 -73.19 16.38 41.35
C ALA C 340 -74.51 16.10 40.63
N GLU C 341 -75.17 17.17 40.17
CA GLU C 341 -76.57 17.15 39.80
C GLU C 341 -76.77 16.42 38.47
N GLY C 342 -77.55 15.33 38.53
CA GLY C 342 -78.13 14.65 37.37
C GLY C 342 -77.12 14.27 36.31
N ASN C 343 -76.05 13.58 36.73
CA ASN C 343 -75.04 13.01 35.85
C ASN C 343 -75.70 11.96 34.95
N SER C 344 -75.03 11.66 33.82
CA SER C 344 -75.64 11.07 32.63
C SER C 344 -76.41 9.77 32.88
N GLN C 345 -76.04 9.03 33.94
CA GLN C 345 -76.80 7.88 34.41
C GLN C 345 -77.04 8.03 35.91
N SER C 346 -78.18 7.52 36.39
CA SER C 346 -78.75 7.94 37.66
C SER C 346 -78.29 7.09 38.85
N SER C 347 -77.12 6.46 38.75
CA SER C 347 -76.56 5.70 39.86
C SER C 347 -76.11 6.66 40.96
N TYR C 348 -76.60 6.42 42.18
CA TYR C 348 -76.16 7.10 43.38
C TYR C 348 -76.40 6.20 44.58
N ASP C 349 -75.67 6.45 45.68
CA ASP C 349 -76.12 6.10 47.02
C ASP C 349 -75.50 7.04 48.06
N TYR C 350 -76.11 7.08 49.25
CA TYR C 350 -76.21 8.31 50.01
C TYR C 350 -75.59 8.25 51.42
N ILE C 351 -75.19 7.06 51.85
CA ILE C 351 -75.02 6.71 53.26
C ILE C 351 -73.89 7.51 53.92
N SER C 352 -74.13 7.93 55.18
CA SER C 352 -73.21 8.71 56.00
C SER C 352 -72.25 7.79 56.76
N GLU C 353 -71.46 8.35 57.68
CA GLU C 353 -70.36 7.64 58.31
C GLU C 353 -70.87 6.67 59.39
N ASP C 354 -72.07 6.92 59.93
CA ASP C 354 -72.70 6.01 60.88
C ASP C 354 -74.20 5.94 60.62
N GLY C 355 -74.73 7.02 60.00
CA GLY C 355 -76.13 7.34 59.92
C GLY C 355 -77.00 6.34 59.14
N THR C 356 -76.35 5.31 58.56
CA THR C 356 -77.00 4.05 58.18
C THR C 356 -77.81 4.21 56.89
N THR C 357 -78.45 5.38 56.74
CA THR C 357 -79.37 5.73 55.68
C THR C 357 -79.36 7.26 55.54
N THR C 358 -79.66 7.77 54.34
CA THR C 358 -79.64 9.20 54.05
C THR C 358 -80.69 9.51 52.97
N SER C 359 -81.25 10.73 53.05
CA SER C 359 -82.30 11.21 52.14
C SER C 359 -81.72 11.52 50.76
N ALA C 360 -82.59 11.45 49.74
CA ALA C 360 -82.24 11.61 48.33
C ALA C 360 -83.32 12.42 47.61
N ALA C 361 -82.93 13.11 46.52
CA ALA C 361 -83.83 13.92 45.71
C ALA C 361 -83.34 14.02 44.27
N THR C 362 -84.12 14.73 43.44
CA THR C 362 -83.87 14.92 42.01
C THR C 362 -82.48 15.52 41.80
N SER C 363 -81.99 16.21 42.83
CA SER C 363 -80.58 16.50 43.01
C SER C 363 -80.22 16.29 44.49
N ILE C 364 -78.93 16.07 44.76
CA ILE C 364 -78.40 15.68 46.06
C ILE C 364 -78.91 16.63 47.15
N PRO C 365 -79.69 16.13 48.15
CA PRO C 365 -79.97 16.91 49.35
C PRO C 365 -78.98 16.78 50.52
N CYS C 366 -78.27 15.63 50.61
CA CYS C 366 -77.56 15.30 51.85
C CYS C 366 -76.27 14.50 51.62
N ILE C 367 -75.56 14.75 50.52
CA ILE C 367 -74.21 14.22 50.33
C ILE C 367 -73.22 15.37 50.40
N GLU C 368 -72.16 15.19 51.23
CA GLU C 368 -71.12 16.18 51.39
C GLU C 368 -69.77 15.50 51.59
N LEU C 369 -68.71 16.12 51.06
CA LEU C 369 -67.38 16.04 51.62
C LEU C 369 -67.36 16.96 52.85
N GLN C 370 -66.22 17.12 53.54
CA GLN C 370 -66.35 17.56 54.92
C GLN C 370 -65.29 18.56 55.38
N ALA C 371 -65.72 19.81 55.61
CA ALA C 371 -64.85 20.87 56.10
C ALA C 371 -64.55 20.75 57.60
N ASP C 372 -65.47 20.15 58.37
CA ASP C 372 -65.39 20.00 59.82
C ASP C 372 -65.50 18.51 60.14
N SER C 373 -64.44 17.92 60.71
CA SER C 373 -64.19 16.48 60.65
C SER C 373 -65.25 15.63 61.36
N SER C 374 -66.37 16.26 61.75
CA SER C 374 -67.58 15.59 62.20
C SER C 374 -68.15 14.68 61.09
N THR C 375 -69.13 13.87 61.49
CA THR C 375 -69.74 12.79 60.71
C THR C 375 -70.35 13.31 59.40
N ILE C 376 -69.86 12.73 58.28
CA ILE C 376 -70.53 12.67 56.98
C ILE C 376 -69.77 11.69 56.09
N SER C 377 -70.43 11.18 55.04
CA SER C 377 -69.78 10.31 54.07
C SER C 377 -70.48 10.29 52.71
N VAL C 378 -69.79 9.73 51.71
CA VAL C 378 -70.32 9.38 50.41
C VAL C 378 -70.12 7.87 50.22
N PHE C 379 -71.22 7.13 50.04
CA PHE C 379 -71.14 5.68 49.82
C PHE C 379 -72.17 5.25 48.78
N GLY C 380 -71.68 4.87 47.59
CA GLY C 380 -72.46 4.38 46.47
C GLY C 380 -71.57 3.89 45.32
N ALA C 381 -72.20 3.33 44.27
CA ALA C 381 -71.52 2.83 43.08
C ALA C 381 -70.70 3.94 42.43
N SER C 382 -71.31 5.13 42.36
CA SER C 382 -70.56 6.37 42.25
C SER C 382 -70.41 6.97 43.65
N GLY C 383 -69.16 6.98 44.14
CA GLY C 383 -68.80 7.69 45.37
C GLY C 383 -68.59 6.75 46.56
N ARG C 384 -67.34 6.31 46.75
CA ARG C 384 -66.86 5.65 47.96
C ARG C 384 -65.89 6.59 48.67
N PHE C 385 -66.11 6.83 49.97
CA PHE C 385 -65.41 7.83 50.74
C PHE C 385 -64.41 7.16 51.69
N SER C 386 -63.53 7.99 52.29
CA SER C 386 -62.50 7.53 53.20
C SER C 386 -62.18 8.56 54.28
N GLY C 387 -63.22 9.16 54.87
CA GLY C 387 -63.08 9.95 56.08
C GLY C 387 -62.86 11.45 55.82
N GLN C 388 -62.83 12.21 56.93
CA GLN C 388 -63.19 13.63 56.96
C GLN C 388 -61.98 14.51 57.22
N TRP C 389 -62.20 15.84 57.28
CA TRP C 389 -61.15 16.83 57.45
C TRP C 389 -61.62 18.05 58.24
N GLU C 390 -60.66 18.90 58.69
CA GLU C 390 -60.88 20.02 59.59
C GLU C 390 -60.38 21.33 58.95
N PHE C 391 -60.98 22.47 59.34
CA PHE C 391 -60.84 23.74 58.64
C PHE C 391 -59.77 24.65 59.27
N ARG C 392 -58.81 24.08 60.02
CA ARG C 392 -57.82 24.87 60.72
C ARG C 392 -56.48 24.14 60.83
N SER C 393 -55.39 24.93 60.89
CA SER C 393 -54.09 24.50 61.35
C SER C 393 -53.75 25.22 62.65
N GLN C 394 -53.44 26.53 62.53
CA GLN C 394 -53.50 27.48 63.63
C GLN C 394 -54.98 27.71 63.95
N PRO C 395 -55.39 27.76 65.26
CA PRO C 395 -56.80 27.79 65.64
C PRO C 395 -57.77 28.72 64.91
N ASN C 396 -57.29 29.88 64.44
CA ASN C 396 -58.13 30.82 63.73
C ASN C 396 -58.17 30.49 62.24
N THR C 397 -57.07 30.74 61.52
CA THR C 397 -57.01 30.62 60.07
C THR C 397 -55.63 30.13 59.61
N SER C 398 -55.62 29.37 58.51
CA SER C 398 -54.42 28.90 57.82
C SER C 398 -54.78 28.35 56.43
N THR C 399 -53.75 28.11 55.60
CA THR C 399 -53.90 27.53 54.27
C THR C 399 -53.79 26.00 54.35
N ASN C 400 -53.10 25.51 55.39
CA ASN C 400 -52.56 24.17 55.46
C ASN C 400 -53.58 23.22 56.08
N LEU C 401 -54.71 23.02 55.39
CA LEU C 401 -55.91 22.47 56.02
C LEU C 401 -56.18 21.02 55.61
N ALA C 402 -56.71 20.82 54.40
CA ALA C 402 -57.66 19.75 54.15
C ALA C 402 -57.27 18.87 52.97
N THR C 403 -57.44 17.55 53.12
CA THR C 403 -57.40 16.59 52.02
C THR C 403 -58.40 15.44 52.25
N ALA C 404 -58.78 14.78 51.16
CA ALA C 404 -59.52 13.52 51.16
C ALA C 404 -59.20 12.73 49.89
N GLY C 405 -59.51 11.42 49.93
CA GLY C 405 -59.42 10.55 48.78
C GLY C 405 -60.69 9.69 48.64
N PHE C 406 -61.39 9.85 47.51
CA PHE C 406 -62.63 9.14 47.25
C PHE C 406 -62.70 8.73 45.78
N LEU C 407 -63.55 7.75 45.46
CA LEU C 407 -63.53 7.14 44.13
C LEU C 407 -64.93 6.80 43.62
N ALA C 408 -65.01 6.60 42.30
CA ALA C 408 -66.23 6.20 41.60
C ALA C 408 -65.89 5.25 40.45
N VAL C 409 -66.80 4.32 40.19
CA VAL C 409 -66.77 3.43 39.04
C VAL C 409 -67.40 4.17 37.87
N ILE C 410 -67.25 3.63 36.65
CA ILE C 410 -68.18 3.95 35.59
C ILE C 410 -69.51 3.27 35.90
N SER C 411 -70.55 4.09 36.08
CA SER C 411 -71.93 3.65 36.03
C SER C 411 -72.59 4.27 34.80
N SER C 412 -72.45 5.60 34.70
CA SER C 412 -72.36 6.30 33.42
C SER C 412 -70.97 6.05 32.87
N PRO C 413 -70.79 5.88 31.53
CA PRO C 413 -69.46 5.67 30.95
C PRO C 413 -68.47 6.80 31.24
N LEU C 414 -68.99 7.94 31.71
CA LEU C 414 -68.24 9.16 31.96
C LEU C 414 -68.77 9.86 33.21
N GLY C 415 -68.09 10.96 33.58
CA GLY C 415 -68.56 11.86 34.63
C GLY C 415 -67.80 13.18 34.65
N SER C 416 -68.47 14.20 35.20
CA SER C 416 -67.90 15.45 35.67
C SER C 416 -68.60 15.82 36.97
N LEU C 417 -67.82 16.26 37.97
CA LEU C 417 -68.31 16.31 39.35
C LEU C 417 -68.52 17.74 39.83
N GLU C 418 -69.73 18.01 40.34
CA GLU C 418 -70.23 19.34 40.68
C GLU C 418 -70.27 19.52 42.20
N LEU C 419 -69.94 20.75 42.65
CA LEU C 419 -69.77 21.09 44.07
C LEU C 419 -70.03 22.59 44.30
N PHE C 420 -70.55 22.91 45.49
CA PHE C 420 -70.97 24.26 45.88
C PHE C 420 -70.58 24.54 47.34
N ARG C 421 -70.54 25.83 47.72
CA ARG C 421 -70.36 26.28 49.09
C ARG C 421 -70.86 27.71 49.24
N ALA C 422 -71.75 27.93 50.22
CA ALA C 422 -72.49 29.17 50.39
C ALA C 422 -71.62 30.30 50.95
N ALA C 423 -70.49 29.91 51.57
CA ALA C 423 -69.62 30.83 52.30
C ALA C 423 -68.76 31.66 51.34
N ASN C 424 -68.61 31.15 50.10
CA ASN C 424 -67.84 31.75 49.02
C ASN C 424 -66.34 31.47 49.19
N ASN C 425 -65.80 31.69 50.39
CA ASN C 425 -64.36 31.83 50.60
C ASN C 425 -63.68 30.46 50.70
N PHE C 426 -63.93 29.64 49.67
CA PHE C 426 -63.42 28.32 49.40
C PHE C 426 -62.21 28.43 48.48
N SER C 427 -61.20 27.56 48.69
CA SER C 427 -60.04 27.44 47.81
C SER C 427 -59.62 25.97 47.72
N VAL C 428 -59.13 25.56 46.53
CA VAL C 428 -59.11 24.13 46.20
C VAL C 428 -58.19 23.81 45.01
N THR C 429 -57.58 22.61 45.09
CA THR C 429 -57.00 21.84 44.00
C THR C 429 -57.49 20.40 44.12
N TRP C 430 -57.80 19.76 42.98
CA TRP C 430 -58.04 18.32 42.94
C TRP C 430 -56.90 17.62 42.20
N GLU C 431 -56.82 16.30 42.39
CA GLU C 431 -56.17 15.37 41.48
C GLU C 431 -57.19 14.30 41.09
N VAL C 432 -57.00 13.67 39.92
CA VAL C 432 -57.83 12.56 39.49
C VAL C 432 -56.96 11.57 38.69
N PHE C 433 -57.16 10.28 38.95
CA PHE C 433 -56.43 9.21 38.28
C PHE C 433 -57.37 8.06 37.93
N GLY C 434 -57.16 7.49 36.74
CA GLY C 434 -57.98 6.41 36.22
C GLY C 434 -57.33 5.04 36.40
N ARG C 435 -58.19 4.02 36.50
CA ARG C 435 -57.83 2.61 36.56
C ARG C 435 -58.87 1.83 35.75
N ASP C 436 -58.57 0.55 35.47
CA ASP C 436 -59.15 -0.11 34.32
C ASP C 436 -59.45 -1.60 34.58
N ILE C 437 -60.55 -1.87 35.29
CA ILE C 437 -61.20 -3.17 35.29
C ILE C 437 -62.64 -3.00 34.79
N GLY C 438 -62.95 -3.65 33.67
CA GLY C 438 -64.22 -3.53 32.99
C GLY C 438 -65.42 -3.92 33.86
N PRO C 439 -66.65 -3.48 33.51
CA PRO C 439 -67.83 -3.70 34.35
C PRO C 439 -68.45 -5.10 34.21
N ALA C 440 -67.61 -6.10 33.91
CA ALA C 440 -68.05 -7.45 33.59
C ALA C 440 -66.96 -8.46 33.97
N GLY C 441 -66.83 -9.51 33.14
CA GLY C 441 -65.99 -10.66 33.43
C GLY C 441 -64.53 -10.49 33.00
N VAL C 442 -64.24 -9.41 32.25
CA VAL C 442 -62.92 -9.16 31.71
C VAL C 442 -62.53 -7.71 32.00
N PRO C 443 -61.29 -7.42 32.47
CA PRO C 443 -60.79 -6.05 32.59
C PRO C 443 -60.83 -5.28 31.26
N PRO D 2 67.06 -8.88 -58.82
CA PRO D 2 68.22 -8.28 -58.16
C PRO D 2 68.14 -8.34 -56.62
N GLN D 3 69.24 -7.96 -55.98
CA GLN D 3 69.30 -7.74 -54.54
C GLN D 3 68.69 -6.36 -54.23
N LEU D 4 68.32 -6.17 -52.96
CA LEU D 4 68.02 -4.84 -52.43
C LEU D 4 69.28 -3.98 -52.52
N GLY D 5 69.09 -2.67 -52.67
CA GLY D 5 70.18 -1.72 -52.55
C GLY D 5 71.01 -1.56 -53.83
N ASP D 6 71.03 -2.60 -54.66
CA ASP D 6 71.84 -2.60 -55.88
C ASP D 6 70.99 -2.35 -57.11
N SER D 7 69.89 -1.60 -56.91
CA SER D 7 69.13 -0.99 -57.99
C SER D 7 68.41 0.24 -57.45
N LYS D 8 68.37 1.31 -58.26
CA LYS D 8 67.41 2.37 -58.03
C LYS D 8 66.03 1.85 -58.42
N LEU D 9 65.03 2.21 -57.62
CA LEU D 9 63.68 1.68 -57.70
C LEU D 9 63.08 1.92 -59.09
N GLY D 10 62.28 0.96 -59.55
CA GLY D 10 61.43 1.14 -60.72
C GLY D 10 62.16 0.91 -62.04
N GLU D 11 63.47 0.62 -61.98
CA GLU D 11 64.27 0.48 -63.18
C GLU D 11 64.79 -0.95 -63.35
N SER D 12 64.13 -1.90 -62.66
CA SER D 12 64.40 -3.32 -62.83
C SER D 12 63.15 -4.13 -62.52
N GLN D 13 63.02 -5.29 -63.18
CA GLN D 13 62.04 -6.30 -62.80
C GLN D 13 62.60 -7.10 -61.62
N LEU D 14 61.71 -7.77 -60.89
CA LEU D 14 61.91 -8.20 -59.51
C LEU D 14 63.08 -9.17 -59.38
N GLY D 15 62.98 -10.34 -60.02
CA GLY D 15 63.71 -11.53 -59.61
C GLY D 15 64.98 -11.81 -60.42
N SER D 16 64.88 -12.74 -61.38
CA SER D 16 66.03 -13.50 -61.84
C SER D 16 65.95 -13.87 -63.32
N PRO D 17 67.11 -14.09 -63.99
CA PRO D 17 67.14 -14.85 -65.24
C PRO D 17 67.20 -16.37 -65.03
MG MG E . 75.37 -4.40 -50.36
MG MG F . 66.68 -12.59 -45.61
MG MG G . 56.44 -34.32 -33.35
ZN ZN H . 10.07 -0.71 -8.91
ZN ZN I . -16.41 1.12 14.43
MG MG J . 63.26 6.22 -64.11
MG MG K . 62.46 9.39 -51.86
MG MG L . 63.86 23.49 -28.75
MG MG M . 51.04 -6.46 -63.50
MG MG N . 25.52 3.28 -69.02
MG MG O . 63.64 -12.69 -65.63
#